data_1W92
# 
_entry.id   1W92 
# 
_audit_conform.dict_name       mmcif_pdbx.dic 
_audit_conform.dict_version    5.382 
_audit_conform.dict_location   http://mmcif.pdb.org/dictionaries/ascii/mmcif_pdbx.dic 
# 
loop_
_database_2.database_id 
_database_2.database_code 
_database_2.pdbx_database_accession 
_database_2.pdbx_DOI 
PDB   1W92         pdb_00001w92 10.2210/pdb1w92/pdb 
PDBE  EBI-21181    ?            ?                   
WWPDB D_1290021181 ?            ?                   
# 
_pdbx_database_related.db_name        PDB 
_pdbx_database_related.db_id          1Q1F 
_pdbx_database_related.content_type   unspecified 
_pdbx_database_related.details        'CRYSTAL STRUCTURE OF MURINE NEUROGLOBIN' 
# 
_pdbx_database_status.status_code                     REL 
_pdbx_database_status.entry_id                        1W92 
_pdbx_database_status.deposit_site                    PDBE 
_pdbx_database_status.process_site                    PDBE 
_pdbx_database_status.SG_entry                        . 
_pdbx_database_status.recvd_initial_deposition_date   2004-10-05 
_pdbx_database_status.pdb_format_compatible           Y 
_pdbx_database_status.status_code_sf                  REL 
_pdbx_database_status.status_code_mr                  ? 
_pdbx_database_status.status_code_cs                  ? 
_pdbx_database_status.methods_development_category    ? 
_pdbx_database_status.status_code_nmr_data            ? 
# 
loop_
_audit_author.name 
_audit_author.pdbx_ordinal 
'Vallone, B.'    1 
'Nienhaus, K.'   2 
'Matthes, A.'    3 
'Brunori, M.'    4 
'Nienhaus, G.U.' 5 
# 
loop_
_citation.id 
_citation.title 
_citation.journal_abbrev 
_citation.journal_volume 
_citation.page_first 
_citation.page_last 
_citation.year 
_citation.journal_id_ASTM 
_citation.country 
_citation.journal_id_ISSN 
_citation.journal_id_CSD 
_citation.book_publisher 
_citation.pdbx_database_id_PubMed 
_citation.pdbx_database_id_DOI 
primary 'The Structure of Carbonmonoxy Neuroglobin Reveals a Heme-Sliding Mechanism for Control of Ligand Affinity' 
Proc.Natl.Acad.Sci.USA 101 17351 ? 2004 PNASA6 US 0027-8424 0040 ? 15548613 10.1073/PNAS.0407633101 
1       'The Structure of Murine Neuroglobin: Novel Pathways for Ligand Migration and Binding'                      Proteins 56  
85    ? 2004 PSFGEY US 0887-3585 0867 ? 15162488 10.1002/PROT.20113      
# 
loop_
_citation_author.citation_id 
_citation_author.name 
_citation_author.ordinal 
_citation_author.identifier_ORCID 
primary 'Vallone, B.'    1 ? 
primary 'Nienhaus, K.'   2 ? 
primary 'Matthes, A.'    3 ? 
primary 'Brunori, M.'    4 ? 
primary 'Nienhaus, G.U.' 5 ? 
1       'Vallone, B.'    6 ? 
1       'Nienhaus, K.'   7 ? 
1       'Brunori, M.'    8 ? 
1       'Nienhaus, G.U.' 9 ? 
# 
_cell.entry_id           1W92 
_cell.length_a           88.373 
_cell.length_b           88.373 
_cell.length_c           110.983 
_cell.angle_alpha        90.00 
_cell.angle_beta         90.00 
_cell.angle_gamma        120.00 
_cell.Z_PDB              18 
_cell.pdbx_unique_axis   ? 
# 
_symmetry.entry_id                         1W92 
_symmetry.space_group_name_H-M             'H 3 2' 
_symmetry.pdbx_full_space_group_name_H-M   ? 
_symmetry.cell_setting                     ? 
_symmetry.Int_Tables_number                155 
# 
loop_
_entity.id 
_entity.type 
_entity.src_method 
_entity.pdbx_description 
_entity.formula_weight 
_entity.pdbx_number_of_molecules 
_entity.pdbx_ec 
_entity.pdbx_mutation 
_entity.pdbx_fragment 
_entity.details 
1 polymer     man NEUROGLOBIN                       17024.295 1   ? YES ? 
'CARBOMONOXY (CO) DERIVATIVE OF HEME FERROUS (FE2) NEUROGLOBIN' 
2 non-polymer syn 'PROTOPORPHYRIN IX CONTAINING FE' 616.487   1   ? ?   ? ? 
3 non-polymer syn 'CARBON MONOXIDE'                 28.010    1   ? ?   ? ? 
4 water       nat water                             18.015    107 ? ?   ? ? 
# 
_entity_poly.entity_id                      1 
_entity_poly.type                           'polypeptide(L)' 
_entity_poly.nstd_linkage                   no 
_entity_poly.nstd_monomer                   no 
_entity_poly.pdbx_seq_one_letter_code       
;MERPESELIRQSWRVVSRSPLEHGTVLFARLFALEPSLLPLFQYNGRQFSSPEDSLSSPEFLDHIRKVMLVIDAAVTNVE
DLSSLEEYLTSLGRKHRAVGVRLSSFSTVGESLLYMLEKSLGPDFTPATRTAWSRLYGAVVQAMSRGWDGE
;
_entity_poly.pdbx_seq_one_letter_code_can   
;MERPESELIRQSWRVVSRSPLEHGTVLFARLFALEPSLLPLFQYNGRQFSSPEDSLSSPEFLDHIRKVMLVIDAAVTNVE
DLSSLEEYLTSLGRKHRAVGVRLSSFSTVGESLLYMLEKSLGPDFTPATRTAWSRLYGAVVQAMSRGWDGE
;
_entity_poly.pdbx_strand_id                 A 
_entity_poly.pdbx_target_identifier         ? 
# 
loop_
_entity_poly_seq.entity_id 
_entity_poly_seq.num 
_entity_poly_seq.mon_id 
_entity_poly_seq.hetero 
1 1   MET n 
1 2   GLU n 
1 3   ARG n 
1 4   PRO n 
1 5   GLU n 
1 6   SER n 
1 7   GLU n 
1 8   LEU n 
1 9   ILE n 
1 10  ARG n 
1 11  GLN n 
1 12  SER n 
1 13  TRP n 
1 14  ARG n 
1 15  VAL n 
1 16  VAL n 
1 17  SER n 
1 18  ARG n 
1 19  SER n 
1 20  PRO n 
1 21  LEU n 
1 22  GLU n 
1 23  HIS n 
1 24  GLY n 
1 25  THR n 
1 26  VAL n 
1 27  LEU n 
1 28  PHE n 
1 29  ALA n 
1 30  ARG n 
1 31  LEU n 
1 32  PHE n 
1 33  ALA n 
1 34  LEU n 
1 35  GLU n 
1 36  PRO n 
1 37  SER n 
1 38  LEU n 
1 39  LEU n 
1 40  PRO n 
1 41  LEU n 
1 42  PHE n 
1 43  GLN n 
1 44  TYR n 
1 45  ASN n 
1 46  GLY n 
1 47  ARG n 
1 48  GLN n 
1 49  PHE n 
1 50  SER n 
1 51  SER n 
1 52  PRO n 
1 53  GLU n 
1 54  ASP n 
1 55  SER n 
1 56  LEU n 
1 57  SER n 
1 58  SER n 
1 59  PRO n 
1 60  GLU n 
1 61  PHE n 
1 62  LEU n 
1 63  ASP n 
1 64  HIS n 
1 65  ILE n 
1 66  ARG n 
1 67  LYS n 
1 68  VAL n 
1 69  MET n 
1 70  LEU n 
1 71  VAL n 
1 72  ILE n 
1 73  ASP n 
1 74  ALA n 
1 75  ALA n 
1 76  VAL n 
1 77  THR n 
1 78  ASN n 
1 79  VAL n 
1 80  GLU n 
1 81  ASP n 
1 82  LEU n 
1 83  SER n 
1 84  SER n 
1 85  LEU n 
1 86  GLU n 
1 87  GLU n 
1 88  TYR n 
1 89  LEU n 
1 90  THR n 
1 91  SER n 
1 92  LEU n 
1 93  GLY n 
1 94  ARG n 
1 95  LYS n 
1 96  HIS n 
1 97  ARG n 
1 98  ALA n 
1 99  VAL n 
1 100 GLY n 
1 101 VAL n 
1 102 ARG n 
1 103 LEU n 
1 104 SER n 
1 105 SER n 
1 106 PHE n 
1 107 SER n 
1 108 THR n 
1 109 VAL n 
1 110 GLY n 
1 111 GLU n 
1 112 SER n 
1 113 LEU n 
1 114 LEU n 
1 115 TYR n 
1 116 MET n 
1 117 LEU n 
1 118 GLU n 
1 119 LYS n 
1 120 SER n 
1 121 LEU n 
1 122 GLY n 
1 123 PRO n 
1 124 ASP n 
1 125 PHE n 
1 126 THR n 
1 127 PRO n 
1 128 ALA n 
1 129 THR n 
1 130 ARG n 
1 131 THR n 
1 132 ALA n 
1 133 TRP n 
1 134 SER n 
1 135 ARG n 
1 136 LEU n 
1 137 TYR n 
1 138 GLY n 
1 139 ALA n 
1 140 VAL n 
1 141 VAL n 
1 142 GLN n 
1 143 ALA n 
1 144 MET n 
1 145 SER n 
1 146 ARG n 
1 147 GLY n 
1 148 TRP n 
1 149 ASP n 
1 150 GLY n 
1 151 GLU n 
# 
_entity_src_gen.entity_id                          1 
_entity_src_gen.pdbx_src_id                        1 
_entity_src_gen.pdbx_alt_source_flag               sample 
_entity_src_gen.pdbx_seq_type                      ? 
_entity_src_gen.pdbx_beg_seq_num                   ? 
_entity_src_gen.pdbx_end_seq_num                   ? 
_entity_src_gen.gene_src_common_name               MOUSE 
_entity_src_gen.gene_src_genus                     ? 
_entity_src_gen.pdbx_gene_src_gene                 ? 
_entity_src_gen.gene_src_species                   ? 
_entity_src_gen.gene_src_strain                    ? 
_entity_src_gen.gene_src_tissue                    NERVE 
_entity_src_gen.gene_src_tissue_fraction           ? 
_entity_src_gen.gene_src_details                   ? 
_entity_src_gen.pdbx_gene_src_fragment             ? 
_entity_src_gen.pdbx_gene_src_scientific_name      'MUS MUSCULUS' 
_entity_src_gen.pdbx_gene_src_ncbi_taxonomy_id     10090 
_entity_src_gen.pdbx_gene_src_variant              ? 
_entity_src_gen.pdbx_gene_src_cell_line            ? 
_entity_src_gen.pdbx_gene_src_atcc                 ? 
_entity_src_gen.pdbx_gene_src_organ                BRAIN 
_entity_src_gen.pdbx_gene_src_organelle            ? 
_entity_src_gen.pdbx_gene_src_cell                 ? 
_entity_src_gen.pdbx_gene_src_cellular_location    ? 
_entity_src_gen.host_org_common_name               ? 
_entity_src_gen.pdbx_host_org_scientific_name      'ESCHERICHIA COLI' 
_entity_src_gen.pdbx_host_org_ncbi_taxonomy_id     469008 
_entity_src_gen.host_org_genus                     ? 
_entity_src_gen.pdbx_host_org_gene                 ? 
_entity_src_gen.pdbx_host_org_organ                ? 
_entity_src_gen.host_org_species                   ? 
_entity_src_gen.pdbx_host_org_tissue               ? 
_entity_src_gen.pdbx_host_org_tissue_fraction      ? 
_entity_src_gen.pdbx_host_org_strain               'BL21(DE3)' 
_entity_src_gen.pdbx_host_org_variant              ? 
_entity_src_gen.pdbx_host_org_cell_line            ? 
_entity_src_gen.pdbx_host_org_atcc                 ? 
_entity_src_gen.pdbx_host_org_culture_collection   ? 
_entity_src_gen.pdbx_host_org_cell                 ? 
_entity_src_gen.pdbx_host_org_organelle            ? 
_entity_src_gen.pdbx_host_org_cellular_location    ? 
_entity_src_gen.pdbx_host_org_vector_type          PLASMID 
_entity_src_gen.pdbx_host_org_vector               ? 
_entity_src_gen.host_org_details                   ? 
_entity_src_gen.expression_system_id               ? 
_entity_src_gen.plasmid_name                       PET3A 
_entity_src_gen.plasmid_details                    ? 
_entity_src_gen.pdbx_description                   ? 
# 
_struct_ref.id                         1 
_struct_ref.db_name                    UNP 
_struct_ref.db_code                    NGB_MOUSE 
_struct_ref.entity_id                  1 
_struct_ref.pdbx_seq_one_letter_code   ? 
_struct_ref.pdbx_align_begin           ? 
_struct_ref.pdbx_db_accession          Q9ER97 
_struct_ref.pdbx_db_isoform            ? 
# 
_struct_ref_seq.align_id                      1 
_struct_ref_seq.ref_id                        1 
_struct_ref_seq.pdbx_PDB_id_code              1W92 
_struct_ref_seq.pdbx_strand_id                A 
_struct_ref_seq.seq_align_beg                 1 
_struct_ref_seq.pdbx_seq_align_beg_ins_code   ? 
_struct_ref_seq.seq_align_end                 151 
_struct_ref_seq.pdbx_seq_align_end_ins_code   ? 
_struct_ref_seq.pdbx_db_accession             Q9ER97 
_struct_ref_seq.db_align_beg                  1 
_struct_ref_seq.pdbx_db_align_beg_ins_code    ? 
_struct_ref_seq.db_align_end                  151 
_struct_ref_seq.pdbx_db_align_end_ins_code    ? 
_struct_ref_seq.pdbx_auth_seq_align_beg       1 
_struct_ref_seq.pdbx_auth_seq_align_end       151 
# 
loop_
_struct_ref_seq_dif.align_id 
_struct_ref_seq_dif.pdbx_pdb_id_code 
_struct_ref_seq_dif.mon_id 
_struct_ref_seq_dif.pdbx_pdb_strand_id 
_struct_ref_seq_dif.seq_num 
_struct_ref_seq_dif.pdbx_pdb_ins_code 
_struct_ref_seq_dif.pdbx_seq_db_name 
_struct_ref_seq_dif.pdbx_seq_db_accession_code 
_struct_ref_seq_dif.db_mon_id 
_struct_ref_seq_dif.pdbx_seq_db_seq_num 
_struct_ref_seq_dif.details 
_struct_ref_seq_dif.pdbx_auth_seq_num 
_struct_ref_seq_dif.pdbx_ordinal 
1 1W92 SER A 55  ? UNP Q9ER97 CYS 55  'engineered mutation' 55  1 
1 1W92 SER A 120 ? UNP Q9ER97 CYS 120 'engineered mutation' 120 2 
# 
loop_
_chem_comp.id 
_chem_comp.type 
_chem_comp.mon_nstd_flag 
_chem_comp.name 
_chem_comp.pdbx_synonyms 
_chem_comp.formula 
_chem_comp.formula_weight 
ALA 'L-peptide linking' y ALANINE                           ?    'C3 H7 N O2'       89.093  
ARG 'L-peptide linking' y ARGININE                          ?    'C6 H15 N4 O2 1'   175.209 
ASN 'L-peptide linking' y ASPARAGINE                        ?    'C4 H8 N2 O3'      132.118 
ASP 'L-peptide linking' y 'ASPARTIC ACID'                   ?    'C4 H7 N O4'       133.103 
CMO non-polymer         . 'CARBON MONOXIDE'                 ?    'C O'              28.010  
CYS 'L-peptide linking' y CYSTEINE                          ?    'C3 H7 N O2 S'     121.158 
GLN 'L-peptide linking' y GLUTAMINE                         ?    'C5 H10 N2 O3'     146.144 
GLU 'L-peptide linking' y 'GLUTAMIC ACID'                   ?    'C5 H9 N O4'       147.129 
GLY 'peptide linking'   y GLYCINE                           ?    'C2 H5 N O2'       75.067  
HEM non-polymer         . 'PROTOPORPHYRIN IX CONTAINING FE' HEME 'C34 H32 Fe N4 O4' 616.487 
HIS 'L-peptide linking' y HISTIDINE                         ?    'C6 H10 N3 O2 1'   156.162 
HOH non-polymer         . WATER                             ?    'H2 O'             18.015  
ILE 'L-peptide linking' y ISOLEUCINE                        ?    'C6 H13 N O2'      131.173 
LEU 'L-peptide linking' y LEUCINE                           ?    'C6 H13 N O2'      131.173 
LYS 'L-peptide linking' y LYSINE                            ?    'C6 H15 N2 O2 1'   147.195 
MET 'L-peptide linking' y METHIONINE                        ?    'C5 H11 N O2 S'    149.211 
PHE 'L-peptide linking' y PHENYLALANINE                     ?    'C9 H11 N O2'      165.189 
PRO 'L-peptide linking' y PROLINE                           ?    'C5 H9 N O2'       115.130 
SER 'L-peptide linking' y SERINE                            ?    'C3 H7 N O3'       105.093 
THR 'L-peptide linking' y THREONINE                         ?    'C4 H9 N O3'       119.119 
TRP 'L-peptide linking' y TRYPTOPHAN                        ?    'C11 H12 N2 O2'    204.225 
TYR 'L-peptide linking' y TYROSINE                          ?    'C9 H11 N O3'      181.189 
VAL 'L-peptide linking' y VALINE                            ?    'C5 H11 N O2'      117.146 
# 
_exptl.entry_id          1W92 
_exptl.method            'X-RAY DIFFRACTION' 
_exptl.crystals_number   1 
# 
_exptl_crystal.id                    1 
_exptl_crystal.density_meas          ? 
_exptl_crystal.density_Matthews      2.35 
_exptl_crystal.density_percent_sol   47.16 
_exptl_crystal.description           ? 
# 
_exptl_crystal_grow.crystal_id      1 
_exptl_crystal_grow.method          ? 
_exptl_crystal_grow.temp            ? 
_exptl_crystal_grow.temp_details    ? 
_exptl_crystal_grow.pH              7.50 
_exptl_crystal_grow.pdbx_pH_range   ? 
_exptl_crystal_grow.pdbx_details    '0.1 M HEPES/NA PH 7.5 1.5 M LI SULPHATE' 
# 
_diffrn.id                     1 
_diffrn.ambient_temp           100.0 
_diffrn.ambient_temp_details   ? 
_diffrn.crystal_id             1 
# 
_diffrn_detector.diffrn_id              1 
_diffrn_detector.detector               CCD 
_diffrn_detector.type                   MARRESEARCH 
_diffrn_detector.pdbx_collection_date   2003-10-20 
_diffrn_detector.details                'TOROIDAL FOCUSSING MIRROR WITH A HORIZONTAL ACCEPTANCE OF 2.8 MRAD' 
# 
_diffrn_radiation.diffrn_id                        1 
_diffrn_radiation.wavelength_id                    1 
_diffrn_radiation.pdbx_monochromatic_or_laue_m_l   M 
_diffrn_radiation.monochromator                    'DOUBLE-CRYSTAL MONOCHROMATOR (SI(111) AND SI(220) )' 
_diffrn_radiation.pdbx_diffrn_protocol             'SINGLE WAVELENGTH' 
_diffrn_radiation.pdbx_scattering_type             x-ray 
# 
_diffrn_radiation_wavelength.id           1 
_diffrn_radiation_wavelength.wavelength   1 
_diffrn_radiation_wavelength.wt           1.0 
# 
_diffrn_source.diffrn_id                   1 
_diffrn_source.source                      SYNCHROTRON 
_diffrn_source.type                        'ELETTRA BEAMLINE 5.2R' 
_diffrn_source.pdbx_synchrotron_site       ELETTRA 
_diffrn_source.pdbx_synchrotron_beamline   5.2R 
_diffrn_source.pdbx_wavelength             1 
_diffrn_source.pdbx_wavelength_list        ? 
# 
_reflns.pdbx_diffrn_id               1 
_reflns.pdbx_ordinal                 1 
_reflns.entry_id                     1W92 
_reflns.observed_criterion_sigma_I   2.000 
_reflns.observed_criterion_sigma_F   ? 
_reflns.d_resolution_low             15.000 
_reflns.d_resolution_high            1.700 
_reflns.number_obs                   92704 
_reflns.number_all                   ? 
_reflns.percent_possible_obs         94.8 
_reflns.pdbx_Rmerge_I_obs            0.07000 
_reflns.pdbx_Rsym_value              ? 
_reflns.pdbx_netI_over_sigmaI        20.8000 
_reflns.B_iso_Wilson_estimate        22.80 
_reflns.pdbx_redundancy              2.500 
# 
_reflns_shell.pdbx_diffrn_id         1 
_reflns_shell.pdbx_ordinal           1 
_reflns_shell.d_res_high             1.70 
_reflns_shell.d_res_low              1.73 
_reflns_shell.percent_possible_all   97.5 
_reflns_shell.Rmerge_I_obs           0.23000 
_reflns_shell.pdbx_Rsym_value        ? 
_reflns_shell.meanI_over_sigI_obs    2.940 
_reflns_shell.pdbx_redundancy        2.39 
# 
_refine.pdbx_refine_id                           'X-RAY DIFFRACTION' 
_refine.entry_id                                 1W92 
_refine.pdbx_diffrn_id                           1 
_refine.pdbx_TLS_residual_ADP_flag               ? 
_refine.ls_number_reflns_obs                     882 
_refine.ls_number_reflns_all                     ? 
_refine.pdbx_ls_sigma_I                          ? 
_refine.pdbx_ls_sigma_F                          2.000 
_refine.pdbx_data_cutoff_high_absF               ? 
_refine.pdbx_data_cutoff_low_absF                ? 
_refine.pdbx_data_cutoff_high_rms_absF           ? 
_refine.ls_d_res_low                             15.00 
_refine.ls_d_res_high                            1.70 
_refine.ls_percent_reflns_obs                    97.5 
_refine.ls_R_factor_obs                          0.260 
_refine.ls_R_factor_all                          ? 
_refine.ls_R_factor_R_work                       0.260 
_refine.ls_R_factor_R_free                       0.220 
_refine.ls_R_factor_R_free_error                 ? 
_refine.ls_R_factor_R_free_error_details         ? 
_refine.ls_percent_reflns_R_free                 0.100 
_refine.ls_number_reflns_R_free                  903 
_refine.ls_number_parameters                     ? 
_refine.ls_number_restraints                     ? 
_refine.occupancy_min                            ? 
_refine.occupancy_max                            ? 
_refine.correlation_coeff_Fo_to_Fc               ? 
_refine.correlation_coeff_Fo_to_Fc_free          ? 
_refine.B_iso_mean                               27.30 
_refine.aniso_B[1][1]                            ? 
_refine.aniso_B[2][2]                            ? 
_refine.aniso_B[3][3]                            ? 
_refine.aniso_B[1][2]                            ? 
_refine.aniso_B[1][3]                            ? 
_refine.aniso_B[2][3]                            ? 
_refine.solvent_model_details                    ? 
_refine.solvent_model_param_ksol                 ? 
_refine.solvent_model_param_bsol                 ? 
_refine.pdbx_solvent_vdw_probe_radii             ? 
_refine.pdbx_solvent_ion_probe_radii             ? 
_refine.pdbx_solvent_shrinkage_radii             ? 
_refine.pdbx_ls_cross_valid_method               THROUGHOUT 
_refine.details                                  'HYDROGENS HAVE BEEN ADDED IN THE RIDING POSITIONS.' 
_refine.pdbx_starting_model                      'PDB ENTRY 1Q1F' 
_refine.pdbx_method_to_determine_struct          'MOLECULAR REPLACEMENT' 
_refine.pdbx_isotropic_thermal_model             ? 
_refine.pdbx_stereochemistry_target_values       'MAXIMUM LIKELIHOOD' 
_refine.pdbx_stereochem_target_val_spec_case     ? 
_refine.pdbx_R_Free_selection_details            RANDOM 
_refine.pdbx_overall_ESU_R                       ? 
_refine.pdbx_overall_ESU_R_Free                  ? 
_refine.overall_SU_ML                            ? 
_refine.pdbx_overall_phase_error                 ? 
_refine.overall_SU_B                             ? 
_refine.overall_SU_R_Cruickshank_DPI             ? 
_refine.pdbx_overall_SU_R_free_Cruickshank_DPI   ? 
_refine.pdbx_overall_SU_R_Blow_DPI               ? 
_refine.pdbx_overall_SU_R_free_Blow_DPI          ? 
# 
_refine_hist.pdbx_refine_id                   'X-RAY DIFFRACTION' 
_refine_hist.cycle_id                         LAST 
_refine_hist.pdbx_number_atoms_protein        1160 
_refine_hist.pdbx_number_atoms_nucleic_acid   0 
_refine_hist.pdbx_number_atoms_ligand         45 
_refine_hist.number_atoms_solvent             107 
_refine_hist.number_atoms_total               1312 
_refine_hist.d_res_high                       1.70 
_refine_hist.d_res_low                        15.00 
# 
_struct.entry_id                  1W92 
_struct.title                     
'The structure of carbomonoxy murine neuroglobin reveals a heme- sliding mechanism for affinity regulation' 
_struct.pdbx_model_details        ? 
_struct.pdbx_CASP_flag            ? 
_struct.pdbx_model_type_details   ? 
# 
_struct_keywords.entry_id        1W92 
_struct_keywords.pdbx_keywords   'OXYGEN STORAGE/TRANSPORT' 
_struct_keywords.text            
'CARBOMONOXY NEUROGLOBIN, GLOBIN, HEME-SLIDING, OXYGEN STORAGE/TRANSPORT, OXYGEN STORAGE-TRANSPORT complex' 
# 
loop_
_struct_asym.id 
_struct_asym.pdbx_blank_PDB_chainid_flag 
_struct_asym.pdbx_modified 
_struct_asym.entity_id 
_struct_asym.details 
A N N 1 ? 
B N N 2 ? 
C N N 3 ? 
D N N 4 ? 
# 
_struct_biol.id   1 
# 
loop_
_struct_conf.conf_type_id 
_struct_conf.id 
_struct_conf.pdbx_PDB_helix_id 
_struct_conf.beg_label_comp_id 
_struct_conf.beg_label_asym_id 
_struct_conf.beg_label_seq_id 
_struct_conf.pdbx_beg_PDB_ins_code 
_struct_conf.end_label_comp_id 
_struct_conf.end_label_asym_id 
_struct_conf.end_label_seq_id 
_struct_conf.pdbx_end_PDB_ins_code 
_struct_conf.beg_auth_comp_id 
_struct_conf.beg_auth_asym_id 
_struct_conf.beg_auth_seq_id 
_struct_conf.end_auth_comp_id 
_struct_conf.end_auth_asym_id 
_struct_conf.end_auth_seq_id 
_struct_conf.pdbx_PDB_helix_class 
_struct_conf.details 
_struct_conf.pdbx_PDB_helix_length 
HELX_P HELX_P1  1  PRO A 4   ? ARG A 18  ? PRO A 4   ARG A 18  1 ? 15 
HELX_P HELX_P2  2  SER A 19  ? GLU A 35  ? SER A 19  GLU A 35  1 ? 17 
HELX_P HELX_P3  3  PRO A 36  ? PHE A 42  ? PRO A 36  PHE A 42  5 ? 7  
HELX_P HELX_P4  4  SER A 51  ? SER A 57  ? SER A 51  SER A 57  1 ? 7  
HELX_P HELX_P5  5  SER A 58  ? ASN A 78  ? SER A 58  ASN A 78  1 ? 21 
HELX_P HELX_P6  6  LEU A 82  ? SER A 84  ? LEU A 82  SER A 84  5 ? 3  
HELX_P HELX_P7  7  LEU A 85  ? VAL A 99  ? LEU A 85  VAL A 99  1 ? 15 
HELX_P HELX_P8  8  ARG A 102 ? SER A 104 ? ARG A 102 SER A 104 5 ? 3  
HELX_P HELX_P9  9  SER A 105 ? GLY A 122 ? SER A 105 GLY A 122 1 ? 18 
HELX_P HELX_P10 10 PRO A 123 ? PHE A 125 ? PRO A 123 PHE A 125 5 ? 3  
HELX_P HELX_P11 11 THR A 126 ? ARG A 146 ? THR A 126 ARG A 146 1 ? 21 
# 
_struct_conf_type.id          HELX_P 
_struct_conf_type.criteria    ? 
_struct_conf_type.reference   ? 
# 
loop_
_struct_conn.id 
_struct_conn.conn_type_id 
_struct_conn.pdbx_leaving_atom_flag 
_struct_conn.pdbx_PDB_id 
_struct_conn.ptnr1_label_asym_id 
_struct_conn.ptnr1_label_comp_id 
_struct_conn.ptnr1_label_seq_id 
_struct_conn.ptnr1_label_atom_id 
_struct_conn.pdbx_ptnr1_label_alt_id 
_struct_conn.pdbx_ptnr1_PDB_ins_code 
_struct_conn.pdbx_ptnr1_standard_comp_id 
_struct_conn.ptnr1_symmetry 
_struct_conn.ptnr2_label_asym_id 
_struct_conn.ptnr2_label_comp_id 
_struct_conn.ptnr2_label_seq_id 
_struct_conn.ptnr2_label_atom_id 
_struct_conn.pdbx_ptnr2_label_alt_id 
_struct_conn.pdbx_ptnr2_PDB_ins_code 
_struct_conn.ptnr1_auth_asym_id 
_struct_conn.ptnr1_auth_comp_id 
_struct_conn.ptnr1_auth_seq_id 
_struct_conn.ptnr2_auth_asym_id 
_struct_conn.ptnr2_auth_comp_id 
_struct_conn.ptnr2_auth_seq_id 
_struct_conn.ptnr2_symmetry 
_struct_conn.pdbx_ptnr3_label_atom_id 
_struct_conn.pdbx_ptnr3_label_seq_id 
_struct_conn.pdbx_ptnr3_label_comp_id 
_struct_conn.pdbx_ptnr3_label_asym_id 
_struct_conn.pdbx_ptnr3_label_alt_id 
_struct_conn.pdbx_ptnr3_PDB_ins_code 
_struct_conn.details 
_struct_conn.pdbx_dist_value 
_struct_conn.pdbx_value_order 
_struct_conn.pdbx_role 
metalc1 metalc ? ? A HIS 96 NE2 ? ? ? 1_555 B HEM . FE ? ? A HIS 96   A HEM 1149 1_555 ? ? ? ? ? ? ? 2.108 ? ? 
metalc2 metalc ? ? B HEM .  FE  ? ? ? 1_555 C CMO . O  ? ? A HEM 1149 A CMO 1150 1_555 ? ? ? ? ? ? ? 2.791 ? ? 
# 
_struct_conn_type.id          metalc 
_struct_conn_type.criteria    ? 
_struct_conn_type.reference   ? 
# 
loop_
_struct_site.id 
_struct_site.pdbx_evidence_code 
_struct_site.pdbx_auth_asym_id 
_struct_site.pdbx_auth_comp_id 
_struct_site.pdbx_auth_seq_id 
_struct_site.pdbx_auth_ins_code 
_struct_site.pdbx_num_residues 
_struct_site.details 
AC1 Software A HEM 1149 ? 18 'BINDING SITE FOR RESIDUE HEM A 1149' 
AC2 Software A CMO 1150 ? 4  'BINDING SITE FOR RESIDUE CMO A 1150' 
# 
loop_
_struct_site_gen.id 
_struct_site_gen.site_id 
_struct_site_gen.pdbx_num_res 
_struct_site_gen.label_comp_id 
_struct_site_gen.label_asym_id 
_struct_site_gen.label_seq_id 
_struct_site_gen.pdbx_auth_ins_code 
_struct_site_gen.auth_comp_id 
_struct_site_gen.auth_asym_id 
_struct_site_gen.auth_seq_id 
_struct_site_gen.label_atom_id 
_struct_site_gen.label_alt_id 
_struct_site_gen.symmetry 
_struct_site_gen.details 
1  AC1 18 PHE A 42  ? PHE A 42   . ? 1_555  ? 
2  AC1 18 TYR A 44  ? TYR A 44   . ? 1_555  ? 
3  AC1 18 HIS A 64  ? HIS A 64   . ? 1_555  ? 
4  AC1 18 LYS A 67  ? LYS A 67   . ? 18_655 ? 
5  AC1 18 VAL A 71  ? VAL A 71   . ? 1_555  ? 
6  AC1 18 LEU A 92  ? LEU A 92   . ? 1_555  ? 
7  AC1 18 LYS A 95  ? LYS A 95   . ? 1_555  ? 
8  AC1 18 HIS A 96  ? HIS A 96   . ? 1_555  ? 
9  AC1 18 VAL A 101 ? VAL A 101  . ? 1_555  ? 
10 AC1 18 SER A 105 ? SER A 105  . ? 1_555  ? 
11 AC1 18 PHE A 106 ? PHE A 106  . ? 1_555  ? 
12 AC1 18 VAL A 109 ? VAL A 109  . ? 1_555  ? 
13 AC1 18 TYR A 137 ? TYR A 137  . ? 1_555  ? 
14 AC1 18 VAL A 140 ? VAL A 140  . ? 1_555  ? 
15 AC1 18 MET A 144 ? MET A 144  . ? 1_555  ? 
16 AC1 18 CMO C .   ? CMO A 1150 . ? 1_555  ? 
17 AC1 18 HOH D .   ? HOH A 2075 . ? 1_555  ? 
18 AC1 18 HOH D .   ? HOH A 2107 . ? 1_555  ? 
19 AC2 4  PHE A 28  ? PHE A 28   . ? 1_555  ? 
20 AC2 4  HIS A 64  ? HIS A 64   . ? 1_555  ? 
21 AC2 4  VAL A 68  ? VAL A 68   . ? 1_555  ? 
22 AC2 4  HEM B .   ? HEM A 1149 . ? 1_555  ? 
# 
_atom_sites.entry_id                    1W92 
_atom_sites.fract_transf_matrix[1][1]   0.00483375 
_atom_sites.fract_transf_matrix[1][2]   -0.01156611 
_atom_sites.fract_transf_matrix[1][3]   -0.00369367 
_atom_sites.fract_transf_matrix[2][1]   0.00019184 
_atom_sites.fract_transf_matrix[2][2]   -0.00998969 
_atom_sites.fract_transf_matrix[2][3]   0.00842580 
_atom_sites.fract_transf_matrix[3][1]   -0.00818179 
_atom_sites.fract_transf_matrix[3][2]   -0.00252342 
_atom_sites.fract_transf_matrix[3][3]   -0.00280550 
_atom_sites.fract_transf_vector[1]      0.512126 
_atom_sites.fract_transf_vector[2]      0.615358 
_atom_sites.fract_transf_vector[3]      0.298962 
# 
loop_
_atom_type.symbol 
C  
FE 
N  
O  
S  
# 
loop_
_atom_site.group_PDB 
_atom_site.id 
_atom_site.type_symbol 
_atom_site.label_atom_id 
_atom_site.label_alt_id 
_atom_site.label_comp_id 
_atom_site.label_asym_id 
_atom_site.label_entity_id 
_atom_site.label_seq_id 
_atom_site.pdbx_PDB_ins_code 
_atom_site.Cartn_x 
_atom_site.Cartn_y 
_atom_site.Cartn_z 
_atom_site.occupancy 
_atom_site.B_iso_or_equiv 
_atom_site.pdbx_formal_charge 
_atom_site.auth_seq_id 
_atom_site.auth_comp_id 
_atom_site.auth_asym_id 
_atom_site.auth_atom_id 
_atom_site.pdbx_PDB_model_num 
ATOM   1    N  N   . ARG A 1 3   ? -6.270  4.553   -20.763 1.00 63.65 ? 3    ARG A N   1 
ATOM   2    C  CA  . ARG A 1 3   ? -5.858  5.639   -19.823 1.00 63.34 ? 3    ARG A CA  1 
ATOM   3    C  C   . ARG A 1 3   ? -4.469  6.135   -20.195 1.00 61.92 ? 3    ARG A C   1 
ATOM   4    O  O   . ARG A 1 3   ? -3.576  5.355   -20.514 1.00 62.56 ? 3    ARG A O   1 
ATOM   5    C  CB  . ARG A 1 3   ? -5.952  5.168   -18.374 1.00 64.49 ? 3    ARG A CB  1 
ATOM   6    C  CG  . ARG A 1 3   ? -6.551  3.796   -18.135 1.00 65.35 ? 3    ARG A CG  1 
ATOM   7    C  CD  . ARG A 1 3   ? -7.248  3.644   -16.799 1.00 66.39 ? 3    ARG A CD  1 
ATOM   8    N  NE  . ARG A 1 3   ? -6.471  4.045   -15.636 1.00 66.87 ? 3    ARG A NE  1 
ATOM   9    C  CZ  . ARG A 1 3   ? -6.845  3.883   -14.371 1.00 67.41 ? 3    ARG A CZ  1 
ATOM   10   N  NH1 . ARG A 1 3   ? -8.011  3.313   -14.093 1.00 67.58 ? 3    ARG A NH1 1 
ATOM   11   N  NH2 . ARG A 1 3   ? -6.071  4.282   -13.366 1.00 67.68 ? 3    ARG A NH2 1 
ATOM   12   N  N   . PRO A 1 4   ? -4.287  7.450   -20.243 1.00 60.19 ? 4    PRO A N   1 
ATOM   13   C  CA  . PRO A 1 4   ? -3.031  8.104   -20.588 1.00 57.86 ? 4    PRO A CA  1 
ATOM   14   C  C   . PRO A 1 4   ? -2.136  8.272   -19.369 1.00 55.03 ? 4    PRO A C   1 
ATOM   15   O  O   . PRO A 1 4   ? -0.922  8.433   -19.366 1.00 54.61 ? 4    PRO A O   1 
ATOM   16   C  CB  . PRO A 1 4   ? -3.478  9.428   -21.178 1.00 58.78 ? 4    PRO A CB  1 
ATOM   17   C  CG  . PRO A 1 4   ? -4.873  9.656   -20.736 1.00 59.36 ? 4    PRO A CG  1 
ATOM   18   C  CD  . PRO A 1 4   ? -5.336  8.463   -19.954 1.00 59.85 ? 4    PRO A CD  1 
ATOM   19   N  N   . GLU A 1 5   ? -2.792  8.181   -18.218 1.00 51.67 ? 5    GLU A N   1 
ATOM   20   C  CA  . GLU A 1 5   ? -2.239  8.249   -16.886 1.00 48.50 ? 5    GLU A CA  1 
ATOM   21   C  C   . GLU A 1 5   ? -1.719  6.866   -16.486 1.00 45.58 ? 5    GLU A C   1 
ATOM   22   O  O   . GLU A 1 5   ? -1.033  6.675   -15.492 1.00 43.10 ? 5    GLU A O   1 
ATOM   23   C  CB  . GLU A 1 5   ? -3.305  8.714   -15.893 1.00 49.17 ? 5    GLU A CB  1 
ATOM   24   C  CG  . GLU A 1 5   ? -4.408  7.700   -15.635 1.00 49.72 ? 5    GLU A CG  1 
ATOM   25   C  CD  . GLU A 1 5   ? -5.724  8.363   -15.269 1.00 49.70 ? 5    GLU A CD  1 
ATOM   26   O  OE1 . GLU A 1 5   ? -6.766  7.983   -15.845 1.00 50.55 ? 5    GLU A OE1 1 
ATOM   27   O  OE2 . GLU A 1 5   ? -5.728  9.263   -14.407 1.00 49.54 ? 5    GLU A OE2 1 
ATOM   28   N  N   . SER A 1 6   ? -2.056  5.873   -17.312 1.00 42.17 ? 6    SER A N   1 
ATOM   29   C  CA  . SER A 1 6   ? -1.513  4.533   -17.191 1.00 39.11 ? 6    SER A CA  1 
ATOM   30   C  C   . SER A 1 6   ? -0.001  4.627   -17.358 1.00 37.73 ? 6    SER A C   1 
ATOM   31   O  O   . SER A 1 6   ? 0.722   4.024   -16.558 1.00 35.31 ? 6    SER A O   1 
ATOM   32   C  CB  . SER A 1 6   ? -2.102  3.580   -18.228 1.00 39.98 ? 6    SER A CB  1 
ATOM   33   O  OG  . SER A 1 6   ? -3.438  3.255   -17.901 1.00 41.11 ? 6    SER A OG  1 
ATOM   34   N  N   . GLU A 1 7   ? 0.478   5.420   -18.338 1.00 35.81 ? 7    GLU A N   1 
ATOM   35   C  CA  . GLU A 1 7   ? 1.926   5.552   -18.444 1.00 35.39 ? 7    GLU A CA  1 
ATOM   36   C  C   . GLU A 1 7   ? 2.484   6.389   -17.299 1.00 32.33 ? 7    GLU A C   1 
ATOM   37   O  O   . GLU A 1 7   ? 3.628   6.090   -16.932 1.00 31.55 ? 7    GLU A O   1 
ATOM   38   C  CB  . GLU A 1 7   ? 2.455   6.086   -19.776 1.00 38.78 ? 7    GLU A CB  1 
ATOM   39   C  CG  . GLU A 1 7   ? 3.804   5.467   -20.156 1.00 42.28 ? 7    GLU A CG  1 
ATOM   40   C  CD  . GLU A 1 7   ? 3.766   3.956   -20.258 1.00 43.69 ? 7    GLU A CD  1 
ATOM   41   O  OE1 . GLU A 1 7   ? 2.720   3.416   -20.667 1.00 45.16 ? 7    GLU A OE1 1 
ATOM   42   O  OE2 . GLU A 1 7   ? 4.731   3.239   -19.932 1.00 45.43 ? 7    GLU A OE2 1 
ATOM   43   N  N   . LEU A 1 8   ? 1.763   7.346   -16.724 1.00 30.14 ? 8    LEU A N   1 
ATOM   44   C  CA  . LEU A 1 8   ? 2.304   8.077   -15.582 1.00 29.05 ? 8    LEU A CA  1 
ATOM   45   C  C   . LEU A 1 8   ? 2.496   7.115   -14.400 1.00 27.27 ? 8    LEU A C   1 
ATOM   46   O  O   . LEU A 1 8   ? 3.472   7.219   -13.661 1.00 28.35 ? 8    LEU A O   1 
ATOM   47   C  CB  . LEU A 1 8   ? 1.433   9.239   -15.128 1.00 30.07 ? 8    LEU A CB  1 
ATOM   48   C  CG  . LEU A 1 8   ? 1.188   10.374  -16.118 1.00 30.73 ? 8    LEU A CG  1 
ATOM   49   C  CD1 . LEU A 1 8   ? 0.107   11.304  -15.598 1.00 31.32 ? 8    LEU A CD1 1 
ATOM   50   C  CD2 . LEU A 1 8   ? 2.465   11.148  -16.420 1.00 31.23 ? 8    LEU A CD2 1 
ATOM   51   N  N   . ILE A 1 9   ? 1.550   6.199   -14.238 1.00 25.26 ? 9    ILE A N   1 
ATOM   52   C  CA  . ILE A 1 9   ? 1.667   5.241   -13.127 1.00 23.73 ? 9    ILE A CA  1 
ATOM   53   C  C   . ILE A 1 9   ? 2.826   4.293   -13.408 1.00 23.75 ? 9    ILE A C   1 
ATOM   54   O  O   . ILE A 1 9   ? 3.699   4.111   -12.554 1.00 22.92 ? 9    ILE A O   1 
ATOM   55   C  CB  . ILE A 1 9   ? 0.332   4.537   -12.885 1.00 24.88 ? 9    ILE A CB  1 
ATOM   56   C  CG1 . ILE A 1 9   ? -0.624  5.461   -12.098 1.00 24.69 ? 9    ILE A CG1 1 
ATOM   57   C  CG2 . ILE A 1 9   ? 0.517   3.232   -12.124 1.00 24.52 ? 9    ILE A CG2 1 
ATOM   58   C  CD1 . ILE A 1 9   ? -2.015  4.878   -11.971 1.00 27.76 ? 9    ILE A CD1 1 
ATOM   59   N  N   . ARG A 1 10  ? 2.903   3.742   -14.629 1.00 23.46 ? 10   ARG A N   1 
ATOM   60   C  CA  . ARG A 1 10  ? 3.989   2.813   -14.928 1.00 25.69 ? 10   ARG A CA  1 
ATOM   61   C  C   . ARG A 1 10  ? 5.363   3.443   -14.794 1.00 25.36 ? 10   ARG A C   1 
ATOM   62   O  O   . ARG A 1 10  ? 6.288   2.829   -14.252 1.00 24.09 ? 10   ARG A O   1 
ATOM   63   C  CB  . ARG A 1 10  ? 3.845   2.207   -16.333 1.00 27.08 ? 10   ARG A CB  1 
ATOM   64   C  CG  . ARG A 1 10  ? 2.680   1.246   -16.473 1.00 30.61 ? 10   ARG A CG  1 
ATOM   65   C  CD  . ARG A 1 10  ? 2.675   0.684   -17.894 1.00 34.17 ? 10   ARG A CD  1 
ATOM   66   N  NE  . ARG A 1 10  ? 1.333   0.269   -18.267 1.00 37.26 ? 10   ARG A NE  1 
ATOM   67   C  CZ  . ARG A 1 10  ? 0.571   0.920   -19.131 1.00 38.56 ? 10   ARG A CZ  1 
ATOM   68   N  NH1 . ARG A 1 10  ? 0.951   2.023   -19.752 1.00 39.53 ? 10   ARG A NH1 1 
ATOM   69   N  NH2 . ARG A 1 10  ? -0.635  0.427   -19.336 1.00 39.86 ? 10   ARG A NH2 1 
ATOM   70   N  N   . GLN A 1 11  ? 5.524   4.654   -15.334 1.00 26.17 ? 11   GLN A N   1 
ATOM   71   C  CA  . GLN A 1 11  ? 6.822   5.318   -15.298 1.00 27.85 ? 11   GLN A CA  1 
ATOM   72   C  C   . GLN A 1 11  ? 7.230   5.651   -13.864 1.00 26.35 ? 11   GLN A C   1 
ATOM   73   O  O   . GLN A 1 11  ? 8.387   5.473   -13.488 1.00 25.83 ? 11   GLN A O   1 
ATOM   74   C  CB  . GLN A 1 11  ? 6.751   6.613   -16.112 1.00 31.48 ? 11   GLN A CB  1 
ATOM   75   C  CG  . GLN A 1 11  ? 7.367   6.535   -17.501 1.00 36.33 ? 11   GLN A CG  1 
ATOM   76   C  CD  . GLN A 1 11  ? 7.764   7.931   -17.964 1.00 38.56 ? 11   GLN A CD  1 
ATOM   77   O  OE1 . GLN A 1 11  ? 6.901   8.699   -18.396 1.00 40.48 ? 11   GLN A OE1 1 
ATOM   78   N  NE2 . GLN A 1 11  ? 9.036   8.278   -17.833 1.00 39.63 ? 11   GLN A NE2 1 
ATOM   79   N  N   . SER A 1 12  ? 6.285   6.128   -13.070 1.00 24.62 ? 12   SER A N   1 
ATOM   80   C  CA  . SER A 1 12  ? 6.589   6.488   -11.682 1.00 25.89 ? 12   SER A CA  1 
ATOM   81   C  C   . SER A 1 12  ? 6.815   5.282   -10.783 1.00 25.60 ? 12   SER A C   1 
ATOM   82   O  O   . SER A 1 12  ? 7.593   5.374   -9.815  1.00 26.95 ? 12   SER A O   1 
ATOM   83   C  CB  . SER A 1 12  ? 5.465   7.385   -11.162 1.00 26.94 ? 12   SER A CB  1 
ATOM   84   O  OG  . SER A 1 12  ? 4.266   6.635   -11.097 1.00 24.93 ? 12   SER A OG  1 
ATOM   85   N  N   . TRP A 1 13  ? 6.259   4.127   -11.126 1.00 22.09 ? 13   TRP A N   1 
ATOM   86   C  CA  . TRP A 1 13  ? 6.435   2.916   -10.321 1.00 22.24 ? 13   TRP A CA  1 
ATOM   87   C  C   . TRP A 1 13  ? 7.777   2.260   -10.594 1.00 24.17 ? 13   TRP A C   1 
ATOM   88   O  O   . TRP A 1 13  ? 8.306   1.561   -9.713  1.00 23.73 ? 13   TRP A O   1 
ATOM   89   C  CB  . TRP A 1 13  ? 5.293   1.931   -10.574 1.00 21.05 ? 13   TRP A CB  1 
ATOM   90   C  CG  . TRP A 1 13  ? 5.276   0.725   -9.680  1.00 20.36 ? 13   TRP A CG  1 
ATOM   91   C  CD1 . TRP A 1 13  ? 5.522   -0.562  -10.055 1.00 19.20 ? 13   TRP A CD1 1 
ATOM   92   C  CD2 . TRP A 1 13  ? 5.017   0.678   -8.274  1.00 19.80 ? 13   TRP A CD2 1 
ATOM   93   N  NE1 . TRP A 1 13  ? 5.410   -1.403  -8.982  1.00 20.32 ? 13   TRP A NE1 1 
ATOM   94   C  CE2 . TRP A 1 13  ? 5.113   -0.666  -7.864  1.00 19.63 ? 13   TRP A CE2 1 
ATOM   95   C  CE3 . TRP A 1 13  ? 4.706   1.666   -7.333  1.00 19.91 ? 13   TRP A CE3 1 
ATOM   96   C  CZ2 . TRP A 1 13  ? 4.908   -1.053  -6.536  1.00 19.90 ? 13   TRP A CZ2 1 
ATOM   97   C  CZ3 . TRP A 1 13  ? 4.501   1.278   -6.028  1.00 19.53 ? 13   TRP A CZ3 1 
ATOM   98   C  CH2 . TRP A 1 13  ? 4.610   -0.062  -5.646  1.00 18.38 ? 13   TRP A CH2 1 
ATOM   99   N  N   . ARG A 1 14  ? 8.400   2.505   -11.750 1.00 26.31 ? 14   ARG A N   1 
ATOM   100  C  CA  . ARG A 1 14  ? 9.677   1.838   -12.020 1.00 29.79 ? 14   ARG A CA  1 
ATOM   101  C  C   . ARG A 1 14  ? 10.754  2.133   -10.985 1.00 30.61 ? 14   ARG A C   1 
ATOM   102  O  O   . ARG A 1 14  ? 11.462  1.223   -10.553 1.00 29.44 ? 14   ARG A O   1 
ATOM   103  C  CB  . ARG A 1 14  ? 10.165  2.138   -13.427 1.00 34.04 ? 14   ARG A CB  1 
ATOM   104  C  CG  . ARG A 1 14  ? 10.784  3.491   -13.688 1.00 38.72 ? 14   ARG A CG  1 
ATOM   105  C  CD  . ARG A 1 14  ? 11.926  3.343   -14.701 1.00 42.09 ? 14   ARG A CD  1 
ATOM   106  N  NE  . ARG A 1 14  ? 11.940  4.431   -15.670 1.00 45.13 ? 14   ARG A NE  1 
ATOM   107  C  CZ  . ARG A 1 14  ? 12.770  4.519   -16.708 1.00 46.38 ? 14   ARG A CZ  1 
ATOM   108  N  NH1 . ARG A 1 14  ? 13.670  3.573   -16.932 1.00 47.07 ? 14   ARG A NH1 1 
ATOM   109  N  NH2 . ARG A 1 14  ? 12.689  5.564   -17.529 1.00 47.13 ? 14   ARG A NH2 1 
ATOM   110  N  N   . VAL A 1 15  ? 10.860  3.381   -10.581 1.00 31.58 ? 15   VAL A N   1 
ATOM   111  C  CA  . VAL A 1 15  ? 11.747  3.834   -9.521  1.00 34.02 ? 15   VAL A CA  1 
ATOM   112  C  C   . VAL A 1 15  ? 11.590  2.982   -8.267  1.00 33.40 ? 15   VAL A C   1 
ATOM   113  O  O   . VAL A 1 15  ? 12.511  2.297   -7.811  1.00 34.97 ? 15   VAL A O   1 
ATOM   114  C  CB  . VAL A 1 15  ? 11.397  5.310   -9.225  1.00 36.30 ? 15   VAL A CB  1 
ATOM   115  C  CG1 . VAL A 1 15  ? 12.535  6.001   -8.488  1.00 37.44 ? 15   VAL A CG1 1 
ATOM   116  C  CG2 . VAL A 1 15  ? 11.081  6.066   -10.512 1.00 36.90 ? 15   VAL A CG2 1 
ATOM   117  N  N   . VAL A 1 16  ? 10.372  2.916   -7.734  1.00 31.06 ? 16   VAL A N   1 
ATOM   118  C  CA  . VAL A 1 16  ? 10.076  2.193   -6.511  1.00 28.90 ? 16   VAL A CA  1 
ATOM   119  C  C   . VAL A 1 16  ? 10.163  0.693   -6.649  1.00 26.81 ? 16   VAL A C   1 
ATOM   120  O  O   . VAL A 1 16  ? 10.599  -0.021  -5.745  1.00 25.12 ? 16   VAL A O   1 
ATOM   121  C  CB  . VAL A 1 16  ? 8.750   2.669   -5.868  1.00 30.13 ? 16   VAL A CB  1 
ATOM   122  C  CG1 . VAL A 1 16  ? 7.919   3.569   -6.750  1.00 32.53 ? 16   VAL A CG1 1 
ATOM   123  C  CG2 . VAL A 1 16  ? 7.914   1.542   -5.290  1.00 30.50 ? 16   VAL A CG2 1 
ATOM   124  N  N   . SER A 1 17  ? 9.765   0.136   -7.792  1.00 24.09 ? 17   SER A N   1 
ATOM   125  C  CA  . SER A 1 17  ? 9.692   -1.299  -7.978  1.00 24.12 ? 17   SER A CA  1 
ATOM   126  C  C   . SER A 1 17  ? 11.054  -1.979  -7.963  1.00 23.14 ? 17   SER A C   1 
ATOM   127  O  O   . SER A 1 17  ? 11.157  -3.164  -7.684  1.00 23.69 ? 17   SER A O   1 
ATOM   128  C  CB  . SER A 1 17  ? 8.989   -1.626  -9.311  1.00 24.89 ? 17   SER A CB  1 
ATOM   129  O  OG  . SER A 1 17  ? 9.862   -1.320  -10.392 1.00 24.36 ? 17   SER A OG  1 
ATOM   130  N  N   . ARG A 1 18  ? 12.134  -1.247  -8.215  1.00 23.72 ? 18   ARG A N   1 
ATOM   131  C  CA  . ARG A 1 18  ? 13.481  -1.808  -8.200  1.00 25.25 ? 18   ARG A CA  1 
ATOM   132  C  C   . ARG A 1 18  ? 13.999  -2.094  -6.795  1.00 24.34 ? 18   ARG A C   1 
ATOM   133  O  O   . ARG A 1 18  ? 14.966  -2.833  -6.600  1.00 25.06 ? 18   ARG A O   1 
ATOM   134  C  CB  . ARG A 1 18  ? 14.432  -0.801  -8.832  1.00 28.17 ? 18   ARG A CB  1 
ATOM   135  C  CG  . ARG A 1 18  ? 14.317  -0.509  -10.317 1.00 33.28 ? 18   ARG A CG  1 
ATOM   136  C  CD  . ARG A 1 18  ? 15.445  0.470   -10.713 1.00 35.58 ? 18   ARG A CD  1 
ATOM   137  N  NE  . ARG A 1 18  ? 16.211  0.856   -9.555  1.00 39.98 ? 18   ARG A NE  1 
ATOM   138  C  CZ  . ARG A 1 18  ? 17.141  1.603   -9.047  1.00 41.20 ? 18   ARG A CZ  1 
ATOM   139  N  NH1 . ARG A 1 18  ? 17.450  1.493   -7.746  1.00 42.57 ? 18   ARG A NH1 1 
ATOM   140  N  NH2 . ARG A 1 18  ? 17.827  2.491   -9.756  1.00 42.44 ? 18   ARG A NH2 1 
ATOM   141  N  N   . SER A 1 19  ? 13.396  -1.470  -5.785  1.00 22.53 ? 19   SER A N   1 
ATOM   142  C  CA  . SER A 1 19  ? 13.790  -1.658  -4.388  1.00 21.39 ? 19   SER A CA  1 
ATOM   143  C  C   . SER A 1 19  ? 12.540  -1.591  -3.521  1.00 19.17 ? 19   SER A C   1 
ATOM   144  O  O   . SER A 1 19  ? 12.323  -0.629  -2.787  1.00 17.78 ? 19   SER A O   1 
ATOM   145  C  CB  . SER A 1 19  ? 14.813  -0.618  -3.958  1.00 23.47 ? 19   SER A CB  1 
ATOM   146  O  OG  . SER A 1 19  ? 14.478  0.711   -4.272  1.00 26.21 ? 19   SER A OG  1 
ATOM   147  N  N   . PRO A 1 20  ? 11.715  -2.630  -3.609  1.00 19.22 ? 20   PRO A N   1 
ATOM   148  C  CA  . PRO A 1 20  ? 10.407  -2.643  -2.991  1.00 17.04 ? 20   PRO A CA  1 
ATOM   149  C  C   . PRO A 1 20  ? 10.481  -2.627  -1.475  1.00 16.74 ? 20   PRO A C   1 
ATOM   150  O  O   . PRO A 1 20  ? 9.604   -1.964  -0.904  1.00 16.86 ? 20   PRO A O   1 
ATOM   151  C  CB  . PRO A 1 20  ? 9.708   -3.887  -3.553  1.00 18.99 ? 20   PRO A CB  1 
ATOM   152  C  CG  . PRO A 1 20  ? 10.835  -4.765  -4.009  1.00 19.47 ? 20   PRO A CG  1 
ATOM   153  C  CD  . PRO A 1 20  ? 11.909  -3.815  -4.489  1.00 19.59 ? 20   PRO A CD  1 
ATOM   154  N  N   . LEU A 1 21  ? 11.502  -3.251  -0.875  1.00 14.71 ? 21   LEU A N   1 
ATOM   155  C  CA  . LEU A 1 21  ? 11.462  -3.223  0.612   1.00 13.41 ? 21   LEU A CA  1 
ATOM   156  C  C   . LEU A 1 21  ? 11.832  -1.842  1.129   1.00 13.65 ? 21   LEU A C   1 
ATOM   157  O  O   . LEU A 1 21  ? 11.184  -1.385  2.091   1.00 14.17 ? 21   LEU A O   1 
ATOM   158  C  CB  . LEU A 1 21  ? 12.295  -4.342  1.218   1.00 15.07 ? 21   LEU A CB  1 
ATOM   159  C  CG  . LEU A 1 21  ? 12.358  -4.351  2.757   1.00 15.94 ? 21   LEU A CG  1 
ATOM   160  C  CD1 . LEU A 1 21  ? 11.008  -4.702  3.360   1.00 17.01 ? 21   LEU A CD1 1 
ATOM   161  C  CD2 . LEU A 1 21  ? 13.429  -5.291  3.270   1.00 18.25 ? 21   LEU A CD2 1 
ATOM   162  N  N   . GLU A 1 22  ? 12.834  -1.198  0.533   1.00 15.24 ? 22   GLU A N   1 
ATOM   163  C  CA  . GLU A 1 22  ? 13.204  0.138   1.034   1.00 16.00 ? 22   GLU A CA  1 
ATOM   164  C  C   . GLU A 1 22  ? 12.026  1.092   0.916   1.00 16.36 ? 22   GLU A C   1 
ATOM   165  O  O   . GLU A 1 22  ? 11.777  1.913   1.800   1.00 15.35 ? 22   GLU A O   1 
ATOM   166  C  CB  . GLU A 1 22  ? 14.333  0.748   0.207   1.00 19.77 ? 22   GLU A CB  1 
ATOM   167  C  CG  . GLU A 1 22  ? 15.662  0.045   0.284   1.00 25.30 ? 22   GLU A CG  1 
ATOM   168  C  CD  . GLU A 1 22  ? 16.599  0.379   -0.867  1.00 27.57 ? 22   GLU A CD  1 
ATOM   169  O  OE1 . GLU A 1 22  ? 16.612  1.530   -1.342  1.00 28.38 ? 22   GLU A OE1 1 
ATOM   170  O  OE2 . GLU A 1 22  ? 17.333  -0.573  -1.249  1.00 30.92 ? 22   GLU A OE2 1 
ATOM   171  N  N   . HIS A 1 23  ? 11.382  1.054   -0.266  1.00 15.72 ? 23   HIS A N   1 
ATOM   172  C  CA  . HIS A 1 23  ? 10.229  1.951   -0.436  1.00 13.05 ? 23   HIS A CA  1 
ATOM   173  C  C   . HIS A 1 23  ? 9.052   1.571   0.453   1.00 13.46 ? 23   HIS A C   1 
ATOM   174  O  O   . HIS A 1 23  ? 8.376   2.468   0.985   1.00 13.61 ? 23   HIS A O   1 
ATOM   175  C  CB  . HIS A 1 23  ? 9.848   1.932   -1.930  1.00 13.89 ? 23   HIS A CB  1 
ATOM   176  C  CG  . HIS A 1 23  ? 10.890  2.691   -2.701  1.00 15.77 ? 23   HIS A CG  1 
ATOM   177  N  ND1 . HIS A 1 23  ? 11.984  2.101   -3.283  1.00 17.06 ? 23   HIS A ND1 1 
ATOM   178  C  CD2 . HIS A 1 23  ? 10.992  4.031   -2.908  1.00 17.93 ? 23   HIS A CD2 1 
ATOM   179  C  CE1 . HIS A 1 23  ? 12.698  3.046   -3.881  1.00 18.61 ? 23   HIS A CE1 1 
ATOM   180  N  NE2 . HIS A 1 23  ? 12.129  4.212   -3.654  1.00 19.10 ? 23   HIS A NE2 1 
ATOM   181  N  N   . GLY A 1 24  ? 8.738   0.284   0.599   1.00 13.35 ? 24   GLY A N   1 
ATOM   182  C  CA  . GLY A 1 24  ? 7.629   -0.158  1.446   1.00 13.30 ? 24   GLY A CA  1 
ATOM   183  C  C   . GLY A 1 24  ? 7.887   0.248   2.915   1.00 14.07 ? 24   GLY A C   1 
ATOM   184  O  O   . GLY A 1 24  ? 6.991   0.550   3.695   1.00 13.92 ? 24   GLY A O   1 
ATOM   185  N  N   . THR A 1 25  ? 9.168   0.243   3.279   1.00 12.81 ? 25   THR A N   1 
ATOM   186  C  CA  . THR A 1 25  ? 9.611   0.647   4.622   1.00 13.30 ? 25   THR A CA  1 
ATOM   187  C  C   . THR A 1 25  ? 9.214   2.105   4.846   1.00 14.86 ? 25   THR A C   1 
ATOM   188  O  O   . THR A 1 25  ? 8.711   2.455   5.926   1.00 14.24 ? 25   THR A O   1 
ATOM   189  C  CB  . THR A 1 25  ? 11.106  0.359   4.805   1.00 14.90 ? 25   THR A CB  1 
ATOM   190  O  OG1 . THR A 1 25  ? 11.301  -1.074  4.859   1.00 15.28 ? 25   THR A OG1 1 
ATOM   191  C  CG2 . THR A 1 25  ? 11.639  0.962   6.094   1.00 16.84 ? 25   THR A CG2 1 
ATOM   192  N  N   . VAL A 1 26  ? 9.420   2.967   3.853   1.00 13.39 ? 26   VAL A N   1 
ATOM   193  C  CA  . VAL A 1 26  ? 8.952   4.363   4.028   1.00 13.09 ? 26   VAL A CA  1 
ATOM   194  C  C   . VAL A 1 26  ? 7.450   4.393   4.235   1.00 13.26 ? 26   VAL A C   1 
ATOM   195  O  O   . VAL A 1 26  ? 6.931   5.140   5.079   1.00 14.42 ? 26   VAL A O   1 
ATOM   196  C  CB  . VAL A 1 26  ? 9.325   5.194   2.796   1.00 13.41 ? 26   VAL A CB  1 
ATOM   197  C  CG1 . VAL A 1 26  ? 8.697   6.591   2.875   1.00 14.20 ? 26   VAL A CG1 1 
ATOM   198  C  CG2 . VAL A 1 26  ? 10.839  5.277   2.634   1.00 15.68 ? 26   VAL A CG2 1 
ATOM   199  N  N   . LEU A 1 27  ? 6.691   3.667   3.401   1.00 13.80 ? 27   LEU A N   1 
ATOM   200  C  CA  . LEU A 1 27  ? 5.235   3.664   3.518   1.00 14.20 ? 27   LEU A CA  1 
ATOM   201  C  C   . LEU A 1 27  ? 4.791   3.231   4.915   1.00 13.70 ? 27   LEU A C   1 
ATOM   202  O  O   . LEU A 1 27  ? 4.015   3.993   5.528   1.00 14.25 ? 27   LEU A O   1 
ATOM   203  C  CB  . LEU A 1 27  ? 4.647   2.703   2.471   1.00 14.63 ? 27   LEU A CB  1 
ATOM   204  C  CG  . LEU A 1 27  ? 3.170   2.738   2.164   1.00 13.60 ? 27   LEU A CG  1 
ATOM   205  C  CD1 . LEU A 1 27  ? 2.893   1.896   0.886   1.00 14.68 ? 27   LEU A CD1 1 
ATOM   206  C  CD2 . LEU A 1 27  ? 2.327   2.087   3.275   1.00 15.41 ? 27   LEU A CD2 1 
ATOM   207  N  N   . PHE A 1 28  ? 5.320   2.131   5.458   1.00 13.28 ? 28   PHE A N   1 
ATOM   208  C  CA  . PHE A 1 28  ? 4.886   1.689   6.775   1.00 12.75 ? 28   PHE A CA  1 
ATOM   209  C  C   . PHE A 1 28  ? 5.408   2.586   7.882   1.00 12.38 ? 28   PHE A C   1 
ATOM   210  O  O   . PHE A 1 28  ? 4.681   2.774   8.863   1.00 13.16 ? 28   PHE A O   1 
ATOM   211  C  CB  . PHE A 1 28  ? 5.167   0.174   6.947   1.00 13.04 ? 28   PHE A CB  1 
ATOM   212  C  CG  . PHE A 1 28  ? 4.110   -0.586  6.194   1.00 14.80 ? 28   PHE A CG  1 
ATOM   213  C  CD1 . PHE A 1 28  ? 2.886   -0.837  6.793   1.00 15.21 ? 28   PHE A CD1 1 
ATOM   214  C  CD2 . PHE A 1 28  ? 4.335   -1.018  4.902   1.00 14.72 ? 28   PHE A CD2 1 
ATOM   215  C  CE1 . PHE A 1 28  ? 1.901   -1.525  6.096   1.00 18.15 ? 28   PHE A CE1 1 
ATOM   216  C  CE2 . PHE A 1 28  ? 3.339   -1.704  4.215   1.00 15.19 ? 28   PHE A CE2 1 
ATOM   217  C  CZ  . PHE A 1 28  ? 2.125   -1.962  4.798   1.00 17.38 ? 28   PHE A CZ  1 
ATOM   218  N  N   . ALA A 1 29  ? 6.607   3.160   7.747   1.00 11.85 ? 29   ALA A N   1 
ATOM   219  C  CA  . ALA A 1 29  ? 7.106   4.116   8.734   1.00 12.76 ? 29   ALA A CA  1 
ATOM   220  C  C   . ALA A 1 29  ? 6.168   5.317   8.807   1.00 13.76 ? 29   ALA A C   1 
ATOM   221  O  O   . ALA A 1 29  ? 5.788   5.788   9.888   1.00 15.03 ? 29   ALA A O   1 
ATOM   222  C  CB  . ALA A 1 29  ? 8.535   4.547   8.391   1.00 14.51 ? 29   ALA A CB  1 
ATOM   223  N  N   . ARG A 1 30  ? 5.759   5.781   7.610   1.00 13.56 ? 30   ARG A N   1 
ATOM   224  C  CA  . ARG A 1 30  ? 4.803   6.896   7.606   1.00 14.31 ? 30   ARG A CA  1 
ATOM   225  C  C   . ARG A 1 30  ? 3.475   6.497   8.220   1.00 14.79 ? 30   ARG A C   1 
ATOM   226  O  O   . ARG A 1 30  ? 2.887   7.270   8.969   1.00 14.42 ? 30   ARG A O   1 
ATOM   227  C  CB  . ARG A 1 30  ? 4.619   7.379   6.165   1.00 13.34 ? 30   ARG A CB  1 
ATOM   228  C  CG  . ARG A 1 30  ? 3.636   8.535   6.072   1.00 12.83 ? 30   ARG A CG  1 
ATOM   229  C  CD  . ARG A 1 30  ? 4.169   9.792   6.769   1.00 12.87 ? 30   ARG A CD  1 
ATOM   230  N  NE  . ARG A 1 30  ? 3.300   10.936  6.405   1.00 12.64 ? 30   ARG A NE  1 
ATOM   231  C  CZ  . ARG A 1 30  ? 3.535   12.126  6.985   1.00 14.92 ? 30   ARG A CZ  1 
ATOM   232  N  NH1 . ARG A 1 30  ? 4.526   12.273  7.851   1.00 15.01 ? 30   ARG A NH1 1 
ATOM   233  N  NH2 . ARG A 1 30  ? 2.733   13.142  6.682   1.00 15.24 ? 30   ARG A NH2 1 
ATOM   234  N  N   . LEU A 1 31  ? 2.981   5.306   7.876   1.00 13.52 ? 31   LEU A N   1 
ATOM   235  C  CA  . LEU A 1 31  ? 1.696   4.868   8.399   1.00 14.04 ? 31   LEU A CA  1 
ATOM   236  C  C   . LEU A 1 31  ? 1.676   4.840   9.926   1.00 13.72 ? 31   LEU A C   1 
ATOM   237  O  O   . LEU A 1 31  ? 0.755   5.343   10.525  1.00 14.63 ? 31   LEU A O   1 
ATOM   238  C  CB  . LEU A 1 31  ? 1.385   3.462   7.845   1.00 13.66 ? 31   LEU A CB  1 
ATOM   239  C  CG  . LEU A 1 31  ? 0.052   2.896   8.275   1.00 15.33 ? 31   LEU A CG  1 
ATOM   240  C  CD1 . LEU A 1 31  ? -1.135  3.732   7.796   1.00 16.38 ? 31   LEU A CD1 1 
ATOM   241  C  CD2 . LEU A 1 31  ? -0.084  1.449   7.744   1.00 16.79 ? 31   LEU A CD2 1 
ATOM   242  N  N   . PHE A 1 32  ? 2.742   4.311   10.552  1.00 13.68 ? 32   PHE A N   1 
ATOM   243  C  CA  . PHE A 1 32  ? 2.777   4.240   12.008  1.00 14.02 ? 32   PHE A CA  1 
ATOM   244  C  C   . PHE A 1 32  ? 3.022   5.592   12.655  1.00 14.75 ? 32   PHE A C   1 
ATOM   245  O  O   . PHE A 1 32  ? 2.630   5.770   13.815  1.00 14.95 ? 32   PHE A O   1 
ATOM   246  C  CB  . PHE A 1 32  ? 3.784   3.197   12.470  1.00 14.79 ? 32   PHE A CB  1 
ATOM   247  C  CG  . PHE A 1 32  ? 3.411   1.773   12.109  1.00 16.01 ? 32   PHE A CG  1 
ATOM   248  C  CD1 . PHE A 1 32  ? 2.119   1.301   12.153  1.00 15.21 ? 32   PHE A CD1 1 
ATOM   249  C  CD2 . PHE A 1 32  ? 4.443   0.916   11.736  1.00 14.90 ? 32   PHE A CD2 1 
ATOM   250  C  CE1 . PHE A 1 32  ? 1.852   -0.020  11.786  1.00 15.16 ? 32   PHE A CE1 1 
ATOM   251  C  CE2 . PHE A 1 32  ? 4.178   -0.397  11.393  1.00 15.54 ? 32   PHE A CE2 1 
ATOM   252  C  CZ  . PHE A 1 32  ? 2.872   -0.869  11.420  1.00 15.27 ? 32   PHE A CZ  1 
ATOM   253  N  N   . ALA A 1 33  ? 3.651   6.510   11.950  1.00 15.17 ? 33   ALA A N   1 
ATOM   254  C  CA  . ALA A 1 33  ? 3.830   7.876   12.470  1.00 15.58 ? 33   ALA A CA  1 
ATOM   255  C  C   . ALA A 1 33  ? 2.478   8.570   12.451  1.00 17.38 ? 33   ALA A C   1 
ATOM   256  O  O   . ALA A 1 33  ? 2.175   9.389   13.344  1.00 19.19 ? 33   ALA A O   1 
ATOM   257  C  CB  . ALA A 1 33  ? 4.896   8.552   11.603  1.00 15.65 ? 33   ALA A CB  1 
ATOM   258  N  N   . LEU A 1 34  ? 1.639   8.333   11.445  1.00 16.48 ? 34   LEU A N   1 
ATOM   259  C  CA  . LEU A 1 34  ? 0.323   8.973   11.364  1.00 17.83 ? 34   LEU A CA  1 
ATOM   260  C  C   . LEU A 1 34  ? -0.716  8.294   12.251  1.00 18.14 ? 34   LEU A C   1 
ATOM   261  O  O   . LEU A 1 34  ? -1.623  8.922   12.785  1.00 17.93 ? 34   LEU A O   1 
ATOM   262  C  CB  . LEU A 1 34  ? -0.190  8.913   9.920   1.00 18.53 ? 34   LEU A CB  1 
ATOM   263  C  CG  . LEU A 1 34  ? 0.626   9.680   8.867   1.00 19.78 ? 34   LEU A CG  1 
ATOM   264  C  CD1 . LEU A 1 34  ? 0.092   9.332   7.476   1.00 20.58 ? 34   LEU A CD1 1 
ATOM   265  C  CD2 . LEU A 1 34  ? 0.552   11.178  9.097   1.00 21.23 ? 34   LEU A CD2 1 
ATOM   266  N  N   . GLU A 1 35  ? -0.598  6.970   12.387  1.00 18.23 ? 35   GLU A N   1 
ATOM   267  C  CA  . GLU A 1 35  ? -1.619  6.194   13.111  1.00 18.15 ? 35   GLU A CA  1 
ATOM   268  C  C   . GLU A 1 35  ? -0.954  5.067   13.871  1.00 16.04 ? 35   GLU A C   1 
ATOM   269  O  O   . GLU A 1 35  ? -1.010  3.891   13.523  1.00 14.99 ? 35   GLU A O   1 
ATOM   270  C  CB  . GLU A 1 35  ? -2.660  5.678   12.092  1.00 20.05 ? 35   GLU A CB  1 
ATOM   271  C  CG  A GLU A 1 35  ? -4.028  5.383   12.670  0.50 23.55 ? 35   GLU A CG  1 
ATOM   272  C  CG  B GLU A 1 35  ? -3.872  5.061   12.789  0.50 22.01 ? 35   GLU A CG  1 
ATOM   273  C  CD  A GLU A 1 35  ? -5.051  4.865   11.680  0.50 24.95 ? 35   GLU A CD  1 
ATOM   274  C  CD  B GLU A 1 35  ? -4.945  6.064   13.163  0.50 22.61 ? 35   GLU A CD  1 
ATOM   275  O  OE1 A GLU A 1 35  ? -5.084  5.298   10.506  0.50 26.47 ? 35   GLU A OE1 1 
ATOM   276  O  OE1 B GLU A 1 35  ? -4.630  7.208   13.505  0.50 23.71 ? 35   GLU A OE1 1 
ATOM   277  O  OE2 A GLU A 1 35  ? -5.853  4.001   12.106  0.50 26.11 ? 35   GLU A OE2 1 
ATOM   278  O  OE2 B GLU A 1 35  ? -6.139  5.697   13.160  0.50 25.33 ? 35   GLU A OE2 1 
ATOM   279  N  N   . PRO A 1 36  ? -0.366  5.355   15.032  1.00 15.70 ? 36   PRO A N   1 
ATOM   280  C  CA  . PRO A 1 36  ? 0.319   4.332   15.810  1.00 16.29 ? 36   PRO A CA  1 
ATOM   281  C  C   . PRO A 1 36  ? -0.633  3.281   16.358  1.00 15.11 ? 36   PRO A C   1 
ATOM   282  O  O   . PRO A 1 36  ? -0.199  2.160   16.630  1.00 15.74 ? 36   PRO A O   1 
ATOM   283  C  CB  . PRO A 1 36  ? 1.014   5.088   16.939  1.00 17.86 ? 36   PRO A CB  1 
ATOM   284  C  CG  . PRO A 1 36  ? 0.257   6.349   17.020  1.00 18.84 ? 36   PRO A CG  1 
ATOM   285  C  CD  . PRO A 1 36  ? -0.123  6.712   15.584  1.00 17.58 ? 36   PRO A CD  1 
ATOM   286  N  N   . SER A 1 37  ? -1.932  3.523   16.360  1.00 15.11 ? 37   SER A N   1 
ATOM   287  C  CA  . SER A 1 37  ? -2.905  2.524   16.826  1.00 16.17 ? 37   SER A CA  1 
ATOM   288  C  C   . SER A 1 37  ? -3.027  1.329   15.888  1.00 17.41 ? 37   SER A C   1 
ATOM   289  O  O   . SER A 1 37  ? -3.667  0.309   16.235  1.00 16.75 ? 37   SER A O   1 
ATOM   290  C  CB  . SER A 1 37  ? -4.263  3.173   17.110  1.00 19.01 ? 37   SER A CB  1 
ATOM   291  O  OG  . SER A 1 37  ? -4.889  3.567   15.905  1.00 20.98 ? 37   SER A OG  1 
ATOM   292  N  N   . LEU A 1 38  ? -2.399  1.417   14.715  1.00 16.88 ? 38   LEU A N   1 
ATOM   293  C  CA  . LEU A 1 38  ? -2.406  0.253   13.794  1.00 16.62 ? 38   LEU A CA  1 
ATOM   294  C  C   . LEU A 1 38  ? -1.278  -0.701  14.140  1.00 16.82 ? 38   LEU A C   1 
ATOM   295  O  O   . LEU A 1 38  ? -1.288  -1.863  13.702  1.00 17.17 ? 38   LEU A O   1 
ATOM   296  C  CB  . LEU A 1 38  ? -2.201  0.750   12.356  1.00 17.32 ? 38   LEU A CB  1 
ATOM   297  C  CG  . LEU A 1 38  ? -3.314  1.609   11.762  1.00 19.16 ? 38   LEU A CG  1 
ATOM   298  C  CD1 . LEU A 1 38  ? -2.936  2.031   10.340  1.00 18.37 ? 38   LEU A CD1 1 
ATOM   299  C  CD2 . LEU A 1 38  ? -4.646  0.877   11.778  1.00 21.28 ? 38   LEU A CD2 1 
ATOM   300  N  N   . LEU A 1 39  ? -0.312  -0.305  14.969  1.00 15.99 ? 39   LEU A N   1 
ATOM   301  C  CA  . LEU A 1 39  ? 0.829   -1.159  15.294  1.00 16.87 ? 39   LEU A CA  1 
ATOM   302  C  C   . LEU A 1 39  ? 0.450   -2.493  15.884  1.00 17.41 ? 39   LEU A C   1 
ATOM   303  O  O   . LEU A 1 39  ? 0.958   -3.547  15.464  1.00 15.42 ? 39   LEU A O   1 
ATOM   304  C  CB  . LEU A 1 39  ? 1.874   -0.403  16.122  1.00 18.84 ? 39   LEU A CB  1 
ATOM   305  C  CG  . LEU A 1 39  ? 3.216   -1.109  16.327  1.00 20.92 ? 39   LEU A CG  1 
ATOM   306  C  CD1 . LEU A 1 39  ? 4.027   -1.075  15.028  1.00 20.66 ? 39   LEU A CD1 1 
ATOM   307  C  CD2 . LEU A 1 39  ? 3.997   -0.422  17.437  1.00 22.20 ? 39   LEU A CD2 1 
ATOM   308  N  N   . PRO A 1 40  ? -0.493  -2.584  16.811  1.00 17.66 ? 40   PRO A N   1 
ATOM   309  C  CA  . PRO A 1 40  ? -0.890  -3.866  17.376  1.00 18.67 ? 40   PRO A CA  1 
ATOM   310  C  C   . PRO A 1 40  ? -1.547  -4.815  16.390  1.00 18.78 ? 40   PRO A C   1 
ATOM   311  O  O   . PRO A 1 40  ? -1.671  -5.984  16.767  1.00 20.51 ? 40   PRO A O   1 
ATOM   312  C  CB  . PRO A 1 40  ? -1.905  -3.528  18.469  1.00 18.68 ? 40   PRO A CB  1 
ATOM   313  C  CG  . PRO A 1 40  ? -1.706  -2.087  18.763  1.00 19.30 ? 40   PRO A CG  1 
ATOM   314  C  CD  . PRO A 1 40  ? -1.140  -1.445  17.526  1.00 18.02 ? 40   PRO A CD  1 
ATOM   315  N  N   . LEU A 1 41  ? -1.947  -4.404  15.190  1.00 18.15 ? 41   LEU A N   1 
ATOM   316  C  CA  . LEU A 1 41  ? -2.596  -5.357  14.276  1.00 19.16 ? 41   LEU A CA  1 
ATOM   317  C  C   . LEU A 1 41  ? -1.598  -6.342  13.706  1.00 20.58 ? 41   LEU A C   1 
ATOM   318  O  O   . LEU A 1 41  ? -1.967  -7.405  13.169  1.00 22.09 ? 41   LEU A O   1 
ATOM   319  C  CB  . LEU A 1 41  ? -3.351  -4.590  13.209  1.00 22.19 ? 41   LEU A CB  1 
ATOM   320  C  CG  . LEU A 1 41  ? -4.482  -3.651  13.609  1.00 24.85 ? 41   LEU A CG  1 
ATOM   321  C  CD1 . LEU A 1 41  ? -5.004  -2.930  12.375  1.00 25.16 ? 41   LEU A CD1 1 
ATOM   322  C  CD2 . LEU A 1 41  ? -5.618  -4.409  14.292  1.00 26.10 ? 41   LEU A CD2 1 
ATOM   323  N  N   . PHE A 1 42  ? -0.312  -6.007  13.754  1.00 19.33 ? 42   PHE A N   1 
ATOM   324  C  CA  . PHE A 1 42  ? 0.739   -6.849  13.193  1.00 20.28 ? 42   PHE A CA  1 
ATOM   325  C  C   . PHE A 1 42  ? 1.380   -7.645  14.315  1.00 23.04 ? 42   PHE A C   1 
ATOM   326  O  O   . PHE A 1 42  ? 2.351   -7.204  14.930  1.00 22.32 ? 42   PHE A O   1 
ATOM   327  C  CB  . PHE A 1 42  ? 1.786   -5.963  12.485  1.00 20.94 ? 42   PHE A CB  1 
ATOM   328  C  CG  . PHE A 1 42  ? 1.145   -5.249  11.330  1.00 21.44 ? 42   PHE A CG  1 
ATOM   329  C  CD1 . PHE A 1 42  ? 1.013   -5.920  10.112  1.00 21.56 ? 42   PHE A CD1 1 
ATOM   330  C  CD2 . PHE A 1 42  ? 0.652   -3.972  11.442  1.00 20.68 ? 42   PHE A CD2 1 
ATOM   331  C  CE1 . PHE A 1 42  ? 0.368   -5.285  9.061   1.00 21.96 ? 42   PHE A CE1 1 
ATOM   332  C  CE2 . PHE A 1 42  ? 0.014   -3.339  10.391  1.00 22.64 ? 42   PHE A CE2 1 
ATOM   333  C  CZ  . PHE A 1 42  ? -0.119  -3.997  9.176   1.00 22.42 ? 42   PHE A CZ  1 
ATOM   334  N  N   . GLN A 1 43  ? 0.794   -8.799  14.650  1.00 24.28 ? 43   GLN A N   1 
ATOM   335  C  CA  . GLN A 1 43  ? 1.287   -9.567  15.796  1.00 27.73 ? 43   GLN A CA  1 
ATOM   336  C  C   . GLN A 1 43  ? 1.896   -10.895 15.352  1.00 29.51 ? 43   GLN A C   1 
ATOM   337  O  O   . GLN A 1 43  ? 1.198   -11.622 14.639  1.00 28.66 ? 43   GLN A O   1 
ATOM   338  C  CB  . GLN A 1 43  ? 0.182   -9.903  16.791  1.00 30.01 ? 43   GLN A CB  1 
ATOM   339  C  CG  . GLN A 1 43  ? -0.872  -8.857  17.055  1.00 32.68 ? 43   GLN A CG  1 
ATOM   340  C  CD  . GLN A 1 43  ? -1.343  -8.774  18.490  1.00 33.75 ? 43   GLN A CD  1 
ATOM   341  O  OE1 . GLN A 1 43  ? -1.213  -9.727  19.273  1.00 34.32 ? 43   GLN A OE1 1 
ATOM   342  N  NE2 . GLN A 1 43  ? -1.897  -7.623  18.863  1.00 32.16 ? 43   GLN A NE2 1 
ATOM   343  N  N   . TYR A 1 44  ? 3.171   -11.119 15.608  1.00 29.66 ? 44   TYR A N   1 
ATOM   344  C  CA  . TYR A 1 44  ? 3.812   -12.358 15.160  1.00 32.35 ? 44   TYR A CA  1 
ATOM   345  C  C   . TYR A 1 44  ? 4.448   -13.061 16.355  1.00 35.03 ? 44   TYR A C   1 
ATOM   346  O  O   . TYR A 1 44  ? 4.969   -12.394 17.239  1.00 34.65 ? 44   TYR A O   1 
ATOM   347  C  CB  . TYR A 1 44  ? 4.935   -12.096 14.151  1.00 32.25 ? 44   TYR A CB  1 
ATOM   348  C  CG  . TYR A 1 44  ? 4.449   -11.274 12.974  1.00 30.46 ? 44   TYR A CG  1 
ATOM   349  C  CD1 . TYR A 1 44  ? 3.585   -11.839 12.045  1.00 30.10 ? 44   TYR A CD1 1 
ATOM   350  C  CD2 . TYR A 1 44  ? 4.778   -9.933  12.862  1.00 30.40 ? 44   TYR A CD2 1 
ATOM   351  C  CE1 . TYR A 1 44  ? 3.102   -11.089 10.994  1.00 30.10 ? 44   TYR A CE1 1 
ATOM   352  C  CE2 . TYR A 1 44  ? 4.310   -9.178  11.802  1.00 29.52 ? 44   TYR A CE2 1 
ATOM   353  C  CZ  . TYR A 1 44  ? 3.481   -9.761  10.868  1.00 29.41 ? 44   TYR A CZ  1 
ATOM   354  O  OH  . TYR A 1 44  ? 2.978   -9.017  9.837   1.00 28.55 ? 44   TYR A OH  1 
ATOM   355  N  N   . ASN A 1 45  ? 4.317   -14.382 16.407  1.00 38.38 ? 45   ASN A N   1 
ATOM   356  C  CA  . ASN A 1 45  ? 4.917   -15.138 17.512  1.00 40.73 ? 45   ASN A CA  1 
ATOM   357  C  C   . ASN A 1 45  ? 4.329   -14.686 18.841  1.00 41.26 ? 45   ASN A C   1 
ATOM   358  O  O   . ASN A 1 45  ? 5.022   -14.572 19.849  1.00 42.27 ? 45   ASN A O   1 
ATOM   359  C  CB  . ASN A 1 45  ? 6.432   -14.935 17.469  1.00 42.95 ? 45   ASN A CB  1 
ATOM   360  C  CG  . ASN A 1 45  ? 7.073   -15.514 16.219  1.00 44.28 ? 45   ASN A CG  1 
ATOM   361  O  OD1 . ASN A 1 45  ? 7.829   -14.813 15.544  1.00 45.54 ? 45   ASN A OD1 1 
ATOM   362  N  ND2 . ASN A 1 45  ? 6.750   -16.768 15.920  1.00 44.89 ? 45   ASN A ND2 1 
ATOM   363  N  N   . GLY A 1 46  ? 3.038   -14.398 18.849  1.00 40.89 ? 46   GLY A N   1 
ATOM   364  C  CA  . GLY A 1 46  ? 2.275   -13.941 19.981  1.00 41.03 ? 46   GLY A CA  1 
ATOM   365  C  C   . GLY A 1 46  ? 2.824   -12.734 20.713  1.00 40.27 ? 46   GLY A C   1 
ATOM   366  O  O   . GLY A 1 46  ? 2.728   -12.689 21.946  1.00 41.86 ? 46   GLY A O   1 
ATOM   367  N  N   . ARG A 1 47  ? 3.376   -11.738 20.037  1.00 37.77 ? 47   ARG A N   1 
ATOM   368  C  CA  . ARG A 1 47  ? 3.935   -10.569 20.689  1.00 35.21 ? 47   ARG A CA  1 
ATOM   369  C  C   . ARG A 1 47  ? 3.488   -9.295  19.959  1.00 31.80 ? 47   ARG A C   1 
ATOM   370  O  O   . ARG A 1 47  ? 3.268   -9.329  18.749  1.00 29.76 ? 47   ARG A O   1 
ATOM   371  C  CB  . ARG A 1 47  ? 5.459   -10.584 20.691  1.00 38.48 ? 47   ARG A CB  1 
ATOM   372  C  CG  . ARG A 1 47  ? 6.130   -11.545 21.647  1.00 42.00 ? 47   ARG A CG  1 
ATOM   373  C  CD  . ARG A 1 47  ? 7.063   -12.479 20.889  1.00 45.03 ? 47   ARG A CD  1 
ATOM   374  N  NE  . ARG A 1 47  ? 7.816   -13.336 21.800  1.00 47.73 ? 47   ARG A NE  1 
ATOM   375  C  CZ  . ARG A 1 47  ? 8.787   -14.167 21.441  1.00 49.06 ? 47   ARG A CZ  1 
ATOM   376  N  NH1 . ARG A 1 47  ? 9.174   -14.305 20.180  1.00 49.61 ? 47   ARG A NH1 1 
ATOM   377  N  NH2 . ARG A 1 47  ? 9.379   -14.876 22.397  1.00 49.89 ? 47   ARG A NH2 1 
ATOM   378  N  N   . GLN A 1 48  ? 3.357   -8.220  20.723  1.00 26.27 ? 48   GLN A N   1 
ATOM   379  C  CA  . GLN A 1 48  ? 3.007   -6.932  20.136  1.00 23.69 ? 48   GLN A CA  1 
ATOM   380  C  C   . GLN A 1 48  ? 4.246   -6.052  20.002  1.00 21.58 ? 48   GLN A C   1 
ATOM   381  O  O   . GLN A 1 48  ? 5.068   -5.929  20.931  1.00 23.48 ? 48   GLN A O   1 
ATOM   382  C  CB  . GLN A 1 48  ? 1.964   -6.255  21.013  1.00 25.87 ? 48   GLN A CB  1 
ATOM   383  C  CG  . GLN A 1 48  ? 1.138   -5.143  20.420  1.00 28.95 ? 48   GLN A CG  1 
ATOM   384  C  CD  . GLN A 1 48  ? 0.095   -4.632  21.406  1.00 27.27 ? 48   GLN A CD  1 
ATOM   385  O  OE1 . GLN A 1 48  ? 0.086   -3.445  21.755  1.00 29.93 ? 48   GLN A OE1 1 
ATOM   386  N  NE2 . GLN A 1 48  ? -0.762  -5.526  21.901  1.00 29.24 ? 48   GLN A NE2 1 
ATOM   387  N  N   . PHE A 1 49  ? 4.349   -5.365  18.867  1.00 16.91 ? 49   PHE A N   1 
ATOM   388  C  CA  . PHE A 1 49  ? 5.418   -4.382  18.708  1.00 16.77 ? 49   PHE A CA  1 
ATOM   389  C  C   . PHE A 1 49  ? 5.166   -3.219  19.665  1.00 17.35 ? 49   PHE A C   1 
ATOM   390  O  O   . PHE A 1 49  ? 4.095   -2.616  19.624  1.00 19.54 ? 49   PHE A O   1 
ATOM   391  C  CB  . PHE A 1 49  ? 5.490   -3.837  17.277  1.00 17.07 ? 49   PHE A CB  1 
ATOM   392  C  CG  . PHE A 1 49  ? 5.861   -4.894  16.259  1.00 16.76 ? 49   PHE A CG  1 
ATOM   393  C  CD1 . PHE A 1 49  ? 6.982   -5.671  16.411  1.00 17.00 ? 49   PHE A CD1 1 
ATOM   394  C  CD2 . PHE A 1 49  ? 5.056   -5.094  15.143  1.00 17.78 ? 49   PHE A CD2 1 
ATOM   395  C  CE1 . PHE A 1 49  ? 7.311   -6.651  15.492  1.00 18.00 ? 49   PHE A CE1 1 
ATOM   396  C  CE2 . PHE A 1 49  ? 5.373   -6.061  14.210  1.00 17.44 ? 49   PHE A CE2 1 
ATOM   397  C  CZ  . PHE A 1 49  ? 6.502   -6.841  14.382  1.00 16.54 ? 49   PHE A CZ  1 
ATOM   398  N  N   . SER A 1 50  ? 6.201   -2.889  20.439  1.00 16.33 ? 50   SER A N   1 
ATOM   399  C  CA  . SER A 1 50  ? 6.041   -1.738  21.339  1.00 16.45 ? 50   SER A CA  1 
ATOM   400  C  C   . SER A 1 50  ? 6.136   -0.416  20.622  1.00 17.70 ? 50   SER A C   1 
ATOM   401  O  O   . SER A 1 50  ? 5.350   0.498   20.821  1.00 16.37 ? 50   SER A O   1 
ATOM   402  C  CB  . SER A 1 50  ? 7.111   -1.829  22.421  1.00 16.96 ? 50   SER A CB  1 
ATOM   403  O  OG  A SER A 1 50  ? 6.598   -2.488  23.562  0.50 20.25 ? 50   SER A OG  1 
ATOM   404  O  OG  B SER A 1 50  ? 7.081   -0.684  23.237  0.50 13.44 ? 50   SER A OG  1 
ATOM   405  N  N   . SER A 1 51  ? 7.115   -0.320  19.706  1.00 17.66 ? 51   SER A N   1 
ATOM   406  C  CA  . SER A 1 51  ? 7.342   0.892   18.922  1.00 15.56 ? 51   SER A CA  1 
ATOM   407  C  C   . SER A 1 51  ? 7.428   0.582   17.438  1.00 15.57 ? 51   SER A C   1 
ATOM   408  O  O   . SER A 1 51  ? 7.768   -0.533  17.024  1.00 16.33 ? 51   SER A O   1 
ATOM   409  C  CB  . SER A 1 51  ? 8.735   1.413   19.337  1.00 18.72 ? 51   SER A CB  1 
ATOM   410  O  OG  . SER A 1 51  ? 8.694   1.824   20.688  1.00 21.06 ? 51   SER A OG  1 
ATOM   411  N  N   . PRO A 1 52  ? 7.170   1.559   16.583  1.00 17.91 ? 52   PRO A N   1 
ATOM   412  C  CA  . PRO A 1 52  ? 7.256   1.356   15.143  1.00 18.64 ? 52   PRO A CA  1 
ATOM   413  C  C   . PRO A 1 52  ? 8.580   0.791   14.706  1.00 18.34 ? 52   PRO A C   1 
ATOM   414  O  O   . PRO A 1 52  ? 8.675   -0.135  13.884  1.00 19.86 ? 52   PRO A O   1 
ATOM   415  C  CB  . PRO A 1 52  ? 7.037   2.764   14.574  1.00 19.41 ? 52   PRO A CB  1 
ATOM   416  C  CG  . PRO A 1 52  ? 6.251   3.471   15.618  1.00 20.03 ? 52   PRO A CG  1 
ATOM   417  C  CD  . PRO A 1 52  ? 6.730   2.936   16.941  1.00 18.38 ? 52   PRO A CD  1 
ATOM   418  N  N   . GLU A 1 53  ? 9.711   1.264   15.262  1.00 17.60 ? 53   GLU A N   1 
ATOM   419  C  CA  . GLU A 1 53  ? 11.018  0.708   14.956  1.00 17.30 ? 53   GLU A CA  1 
ATOM   420  C  C   . GLU A 1 53  ? 11.156  -0.781  15.268  1.00 17.69 ? 53   GLU A C   1 
ATOM   421  O  O   . GLU A 1 53  ? 11.939  -1.502  14.618  1.00 18.40 ? 53   GLU A O   1 
ATOM   422  C  CB  . GLU A 1 53  ? 12.204  1.480   15.566  1.00 16.80 ? 53   GLU A CB  1 
ATOM   423  C  CG  . GLU A 1 53  ? 12.270  1.503   17.087  1.00 17.68 ? 53   GLU A CG  1 
ATOM   424  C  CD  . GLU A 1 53  ? 11.525  2.670   17.697  1.00 17.76 ? 53   GLU A CD  1 
ATOM   425  O  OE1 . GLU A 1 53  ? 10.589  3.263   17.095  1.00 17.10 ? 53   GLU A OE1 1 
ATOM   426  O  OE2 . GLU A 1 53  ? 11.866  3.002   18.854  1.00 16.69 ? 53   GLU A OE2 1 
ATOM   427  N  N   . ASP A 1 54  ? 10.405  -1.361  16.195  1.00 16.13 ? 54   ASP A N   1 
ATOM   428  C  CA  . ASP A 1 54  ? 10.370  -2.768  16.477  1.00 15.66 ? 54   ASP A CA  1 
ATOM   429  C  C   . ASP A 1 54  ? 9.840   -3.535  15.264  1.00 15.30 ? 54   ASP A C   1 
ATOM   430  O  O   . ASP A 1 54  ? 10.326  -4.636  14.990  1.00 16.84 ? 54   ASP A O   1 
ATOM   431  C  CB  . ASP A 1 54  ? 9.504   -3.071  17.697  1.00 16.36 ? 54   ASP A CB  1 
ATOM   432  C  CG  . ASP A 1 54  ? 10.068  -2.473  18.966  1.00 18.58 ? 54   ASP A CG  1 
ATOM   433  O  OD1 . ASP A 1 54  ? 11.301  -2.421  19.145  1.00 22.08 ? 54   ASP A OD1 1 
ATOM   434  O  OD2 . ASP A 1 54  ? 9.265   -2.051  19.801  1.00 20.43 ? 54   ASP A OD2 1 
ATOM   435  N  N   . SER A 1 55  ? 8.860   -2.964  14.564  1.00 14.98 ? 55   SER A N   1 
ATOM   436  C  CA  . SER A 1 55  ? 8.324   -3.671  13.397  1.00 14.90 ? 55   SER A CA  1 
ATOM   437  C  C   . SER A 1 55  ? 9.364   -3.870  12.304  1.00 15.49 ? 55   SER A C   1 
ATOM   438  O  O   . SER A 1 55  ? 9.378   -4.893  11.637  1.00 16.55 ? 55   SER A O   1 
ATOM   439  C  CB  . SER A 1 55  ? 7.124   -2.906  12.835  1.00 16.42 ? 55   SER A CB  1 
ATOM   440  O  OG  . SER A 1 55  ? 7.446   -1.696  12.200  1.00 15.45 ? 55   SER A OG  1 
ATOM   441  N  N   . LEU A 1 56  ? 10.265  -2.886  12.176  1.00 16.61 ? 56   LEU A N   1 
ATOM   442  C  CA  . LEU A 1 56  ? 11.300  -2.924  11.140  1.00 16.58 ? 56   LEU A CA  1 
ATOM   443  C  C   . LEU A 1 56  ? 12.356  -3.960  11.426  1.00 16.67 ? 56   LEU A C   1 
ATOM   444  O  O   . LEU A 1 56  ? 13.134  -4.300  10.523  1.00 15.01 ? 56   LEU A O   1 
ATOM   445  C  CB  . LEU A 1 56  ? 11.858  -1.499  10.973  1.00 17.00 ? 56   LEU A CB  1 
ATOM   446  C  CG  . LEU A 1 56  ? 10.850  -0.419  10.518  1.00 19.28 ? 56   LEU A CG  1 
ATOM   447  C  CD1 . LEU A 1 56  ? 11.530  0.904   10.193  1.00 21.38 ? 56   LEU A CD1 1 
ATOM   448  C  CD2 . LEU A 1 56  ? 10.013  -0.866  9.334   1.00 20.72 ? 56   LEU A CD2 1 
ATOM   449  N  N   . SER A 1 57  ? 12.450  -4.511  12.641  1.00 17.59 ? 57   SER A N   1 
ATOM   450  C  CA  . SER A 1 57  ? 13.362  -5.579  12.980  1.00 19.20 ? 57   SER A CA  1 
ATOM   451  C  C   . SER A 1 57  ? 12.759  -6.969  12.778  1.00 19.55 ? 57   SER A C   1 
ATOM   452  O  O   . SER A 1 57  ? 13.435  -7.963  13.008  1.00 20.65 ? 57   SER A O   1 
ATOM   453  C  CB  . SER A 1 57  ? 13.825  -5.448  14.453  1.00 21.60 ? 57   SER A CB  1 
ATOM   454  O  OG  . SER A 1 57  ? 12.729  -5.728  15.345  1.00 20.93 ? 57   SER A OG  1 
ATOM   455  N  N   . SER A 1 58  ? 11.467  -7.076  12.473  1.00 17.36 ? 58   SER A N   1 
ATOM   456  C  CA  . SER A 1 58  ? 10.776  -8.358  12.351  1.00 17.42 ? 58   SER A CA  1 
ATOM   457  C  C   . SER A 1 58  ? 10.798  -8.883  10.925  1.00 17.91 ? 58   SER A C   1 
ATOM   458  O  O   . SER A 1 58  ? 10.210  -8.291  10.028  1.00 15.33 ? 58   SER A O   1 
ATOM   459  C  CB  . SER A 1 58  ? 9.312   -8.170  12.773  1.00 17.90 ? 58   SER A CB  1 
ATOM   460  O  OG  . SER A 1 58  ? 8.475   -9.255  12.394  1.00 17.29 ? 58   SER A OG  1 
ATOM   461  N  N   . PRO A 1 59  ? 11.360  -10.060 10.701  1.00 20.81 ? 59   PRO A N   1 
ATOM   462  C  CA  . PRO A 1 59  ? 11.351  -10.676 9.377   1.00 21.38 ? 59   PRO A CA  1 
ATOM   463  C  C   . PRO A 1 59  ? 9.949   -10.895 8.868   1.00 20.89 ? 59   PRO A C   1 
ATOM   464  O  O   . PRO A 1 59  ? 9.676   -10.687 7.675   1.00 19.28 ? 59   PRO A O   1 
ATOM   465  C  CB  . PRO A 1 59  ? 12.080  -12.002 9.530   1.00 24.03 ? 59   PRO A CB  1 
ATOM   466  C  CG  . PRO A 1 59  ? 12.342  -12.180 10.973  1.00 24.50 ? 59   PRO A CG  1 
ATOM   467  C  CD  . PRO A 1 59  ? 12.023  -10.917 11.713  1.00 22.62 ? 59   PRO A CD  1 
ATOM   468  N  N   . GLU A 1 60  ? 9.027   -11.317 9.730   1.00 21.02 ? 60   GLU A N   1 
ATOM   469  C  CA  . GLU A 1 60  ? 7.641   -11.484 9.308   1.00 21.61 ? 60   GLU A CA  1 
ATOM   470  C  C   . GLU A 1 60  ? 7.070   -10.150 8.815   1.00 19.79 ? 60   GLU A C   1 
ATOM   471  O  O   . GLU A 1 60  ? 6.340   -10.137 7.826   1.00 17.62 ? 60   GLU A O   1 
ATOM   472  C  CB  . GLU A 1 60  ? 6.721   -11.950 10.424  1.00 24.71 ? 60   GLU A CB  1 
ATOM   473  C  CG  . GLU A 1 60  ? 6.943   -13.383 10.853  1.00 29.09 ? 60   GLU A CG  1 
ATOM   474  C  CD  . GLU A 1 60  ? 7.964   -13.538 11.952  1.00 32.57 ? 60   GLU A CD  1 
ATOM   475  O  OE1 . GLU A 1 60  ? 8.820   -12.659 12.183  1.00 32.06 ? 60   GLU A OE1 1 
ATOM   476  O  OE2 . GLU A 1 60  ? 7.896   -14.642 12.550  1.00 34.08 ? 60   GLU A OE2 1 
ATOM   477  N  N   . PHE A 1 61  ? 7.302   -9.069  9.595   1.00 16.54 ? 61   PHE A N   1 
ATOM   478  C  CA  . PHE A 1 61  ? 6.773   -7.776  9.157   1.00 15.85 ? 61   PHE A CA  1 
ATOM   479  C  C   . PHE A 1 61  ? 7.382   -7.320  7.853   1.00 14.70 ? 61   PHE A C   1 
ATOM   480  O  O   . PHE A 1 61  ? 6.658   -6.822  6.962   1.00 15.45 ? 61   PHE A O   1 
ATOM   481  C  CB  . PHE A 1 61  ? 6.956   -6.693  10.251  1.00 15.38 ? 61   PHE A CB  1 
ATOM   482  C  CG  . PHE A 1 61  ? 6.248   -5.408  9.900   1.00 16.68 ? 61   PHE A CG  1 
ATOM   483  C  CD1 . PHE A 1 61  ? 4.859   -5.379  9.862   1.00 17.50 ? 61   PHE A CD1 1 
ATOM   484  C  CD2 . PHE A 1 61  ? 6.968   -4.311  9.470   1.00 16.35 ? 61   PHE A CD2 1 
ATOM   485  C  CE1 . PHE A 1 61  ? 4.183   -4.210  9.492   1.00 19.40 ? 61   PHE A CE1 1 
ATOM   486  C  CE2 . PHE A 1 61  ? 6.298   -3.156  9.090   1.00 16.57 ? 61   PHE A CE2 1 
ATOM   487  C  CZ  . PHE A 1 61  ? 4.930   -3.112  9.079   1.00 17.41 ? 61   PHE A CZ  1 
ATOM   488  N  N   . LEU A 1 62  ? 8.708   -7.439  7.692   1.00 14.10 ? 62   LEU A N   1 
ATOM   489  C  CA  . LEU A 1 62  ? 9.317   -7.044  6.423   1.00 14.93 ? 62   LEU A CA  1 
ATOM   490  C  C   . LEU A 1 62  ? 8.786   -7.916  5.277   1.00 15.49 ? 62   LEU A C   1 
ATOM   491  O  O   . LEU A 1 62  ? 8.544   -7.431  4.181   1.00 15.44 ? 62   LEU A O   1 
ATOM   492  C  CB  . LEU A 1 62  ? 10.823  -7.223  6.560   1.00 15.61 ? 62   LEU A CB  1 
ATOM   493  C  CG  . LEU A 1 62  ? 11.480  -6.273  7.588   1.00 16.32 ? 62   LEU A CG  1 
ATOM   494  C  CD1 . LEU A 1 62  ? 12.989  -6.480  7.578   1.00 19.31 ? 62   LEU A CD1 1 
ATOM   495  C  CD2 . LEU A 1 62  ? 11.119  -4.825  7.344   1.00 17.10 ? 62   LEU A CD2 1 
ATOM   496  N  N   . ASP A 1 63  ? 8.529   -9.201  5.559   1.00 17.17 ? 63   ASP A N   1 
ATOM   497  C  CA  . ASP A 1 63  ? 7.900   -10.046 4.525   1.00 18.40 ? 63   ASP A CA  1 
ATOM   498  C  C   . ASP A 1 63  ? 6.493   -9.552  4.203   1.00 18.00 ? 63   ASP A C   1 
ATOM   499  O  O   . ASP A 1 63  ? 6.079   -9.560  3.025   1.00 17.47 ? 63   ASP A O   1 
ATOM   500  C  CB  . ASP A 1 63  ? 7.907   -11.488 5.002   1.00 20.11 ? 63   ASP A CB  1 
ATOM   501  C  CG  . ASP A 1 63  ? 9.264   -12.160 4.953   1.00 23.78 ? 63   ASP A CG  1 
ATOM   502  O  OD1 . ASP A 1 63  ? 10.262  -11.624 4.425   1.00 25.75 ? 63   ASP A OD1 1 
ATOM   503  O  OD2 . ASP A 1 63  ? 9.290   -13.322 5.426   1.00 26.60 ? 63   ASP A OD2 1 
ATOM   504  N  N   . HIS A 1 64  ? 5.727   -9.041  5.163   1.00 16.69 ? 64   HIS A N   1 
ATOM   505  C  CA  . HIS A 1 64  ? 4.422   -8.447  4.934   1.00 16.19 ? 64   HIS A CA  1 
ATOM   506  C  C   . HIS A 1 64  ? 4.583   -7.214  4.032   1.00 16.58 ? 64   HIS A C   1 
ATOM   507  O  O   . HIS A 1 64  ? 3.826   -7.035  3.084   1.00 17.59 ? 64   HIS A O   1 
ATOM   508  C  CB  . HIS A 1 64  ? 3.740   -8.052  6.252   1.00 18.02 ? 64   HIS A CB  1 
ATOM   509  C  CG  . HIS A 1 64  ? 2.523   -7.195  6.044   1.00 18.18 ? 64   HIS A CG  1 
ATOM   510  N  ND1 . HIS A 1 64  ? 2.510   -5.820  6.065   1.00 20.29 ? 64   HIS A ND1 1 
ATOM   511  C  CD2 . HIS A 1 64  ? 1.294   -7.565  5.594   1.00 18.72 ? 64   HIS A CD2 1 
ATOM   512  C  CE1 . HIS A 1 64  ? 1.311   -5.381  5.768   1.00 18.95 ? 64   HIS A CE1 1 
ATOM   513  N  NE2 . HIS A 1 64  ? 0.555   -6.414  5.457   1.00 19.09 ? 64   HIS A NE2 1 
ATOM   514  N  N   . ILE A 1 65  ? 5.607   -6.397  4.279   1.00 15.58 ? 65   ILE A N   1 
ATOM   515  C  CA  . ILE A 1 65  ? 5.834   -5.252  3.384   1.00 15.18 ? 65   ILE A CA  1 
ATOM   516  C  C   . ILE A 1 65  ? 6.006   -5.714  1.944   1.00 16.45 ? 65   ILE A C   1 
ATOM   517  O  O   . ILE A 1 65  ? 5.444   -5.137  0.999   1.00 15.24 ? 65   ILE A O   1 
ATOM   518  C  CB  . ILE A 1 65  ? 7.037   -4.381  3.813   1.00 15.82 ? 65   ILE A CB  1 
ATOM   519  C  CG1 . ILE A 1 65  ? 6.705   -3.794  5.187   1.00 15.87 ? 65   ILE A CG1 1 
ATOM   520  C  CG2 . ILE A 1 65  ? 7.255   -3.282  2.795   1.00 14.63 ? 65   ILE A CG2 1 
ATOM   521  C  CD1 . ILE A 1 65  ? 7.841   -2.921  5.748   1.00 15.22 ? 65   ILE A CD1 1 
ATOM   522  N  N   . ARG A 1 66  ? 6.838   -6.740  1.761   1.00 16.01 ? 66   ARG A N   1 
ATOM   523  C  CA  . ARG A 1 66  ? 7.081   -7.259  0.409   1.00 18.16 ? 66   ARG A CA  1 
ATOM   524  C  C   . ARG A 1 66  ? 5.769   -7.703  -0.225  1.00 17.78 ? 66   ARG A C   1 
ATOM   525  O  O   . ARG A 1 66  ? 5.587   -7.419  -1.425  1.00 17.10 ? 66   ARG A O   1 
ATOM   526  C  CB  . ARG A 1 66  ? 8.079   -8.419  0.451   1.00 17.19 ? 66   ARG A CB  1 
ATOM   527  C  CG  . ARG A 1 66  ? 9.514   -7.894  0.717   1.00 17.89 ? 66   ARG A CG  1 
ATOM   528  C  CD  . ARG A 1 66  ? 10.457  -9.115  0.586   1.00 18.71 ? 66   ARG A CD  1 
ATOM   529  N  NE  . ARG A 1 66  ? 11.817  -8.733  0.951   1.00 19.80 ? 66   ARG A NE  1 
ATOM   530  C  CZ  . ARG A 1 66  ? 12.609  -7.936  0.240   1.00 21.25 ? 66   ARG A CZ  1 
ATOM   531  N  NH1 . ARG A 1 66  ? 12.323  -7.428  -0.949  1.00 20.29 ? 66   ARG A NH1 1 
ATOM   532  N  NH2 . ARG A 1 66  ? 13.833  -7.646  0.717   1.00 23.10 ? 66   ARG A NH2 1 
ATOM   533  N  N   . LYS A 1 67  ? 4.886   -8.368  0.507   1.00 16.79 ? 67   LYS A N   1 
ATOM   534  C  CA  . LYS A 1 67  ? 3.611   -8.804  -0.011  1.00 18.07 ? 67   LYS A CA  1 
ATOM   535  C  C   . LYS A 1 67  ? 2.748   -7.622  -0.457  1.00 17.57 ? 67   LYS A C   1 
ATOM   536  O  O   . LYS A 1 67  ? 2.131   -7.673  -1.526  1.00 17.29 ? 67   LYS A O   1 
ATOM   537  C  CB  . LYS A 1 67  ? 2.756   -9.581  0.999   1.00 20.94 ? 67   LYS A CB  1 
ATOM   538  C  CG  . LYS A 1 67  ? 3.412   -10.825 1.583   1.00 23.67 ? 67   LYS A CG  1 
ATOM   539  C  CD  . LYS A 1 67  ? 2.748   -11.072 2.953   1.00 26.94 ? 67   LYS A CD  1 
ATOM   540  C  CE  . LYS A 1 67  ? 2.120   -12.443 3.029   1.00 31.16 ? 67   LYS A CE  1 
ATOM   541  N  NZ  . LYS A 1 67  ? 1.611   -12.706 4.415   1.00 31.74 ? 67   LYS A NZ  1 
ATOM   542  N  N   . VAL A 1 68  ? 2.677   -6.590  0.381   1.00 15.24 ? 68   VAL A N   1 
ATOM   543  C  CA  . VAL A 1 68  ? 1.939   -5.380  0.030   1.00 15.47 ? 68   VAL A CA  1 
ATOM   544  C  C   . VAL A 1 68  ? 2.471   -4.784  -1.248  1.00 15.61 ? 68   VAL A C   1 
ATOM   545  O  O   . VAL A 1 68  ? 1.727   -4.364  -2.149  1.00 17.05 ? 68   VAL A O   1 
ATOM   546  C  CB  . VAL A 1 68  ? 2.065   -4.369  1.198   1.00 14.97 ? 68   VAL A CB  1 
ATOM   547  C  CG1 . VAL A 1 68  ? 1.499   -3.006  0.785   1.00 17.94 ? 68   VAL A CG1 1 
ATOM   548  C  CG2 . VAL A 1 68  ? 1.395   -4.915  2.448   1.00 17.53 ? 68   VAL A CG2 1 
ATOM   549  N  N   . MET A 1 69  ? 3.816   -4.682  -1.346  1.00 15.34 ? 69   MET A N   1 
ATOM   550  C  CA  . MET A 1 69  ? 4.425   -4.087  -2.534  1.00 15.21 ? 69   MET A CA  1 
ATOM   551  C  C   . MET A 1 69  ? 4.154   -4.939  -3.792  1.00 16.26 ? 69   MET A C   1 
ATOM   552  O  O   . MET A 1 69  ? 4.000   -4.361  -4.863  1.00 16.63 ? 69   MET A O   1 
ATOM   553  C  CB  . MET A 1 69  ? 5.903   -3.821  -2.311  1.00 16.65 ? 69   MET A CB  1 
ATOM   554  C  CG  . MET A 1 69  ? 6.166   -2.786  -1.208  1.00 16.08 ? 69   MET A CG  1 
ATOM   555  S  SD  . MET A 1 69  ? 5.587   -1.120  -1.642  1.00 16.61 ? 69   MET A SD  1 
ATOM   556  C  CE  . MET A 1 69  ? 6.884   -0.598  -2.750  1.00 18.41 ? 69   MET A CE  1 
ATOM   557  N  N   . LEU A 1 70  ? 4.086   -6.254  -3.638  1.00 15.48 ? 70   LEU A N   1 
ATOM   558  C  CA  . LEU A 1 70  ? 3.763   -7.085  -4.809  1.00 16.42 ? 70   LEU A CA  1 
ATOM   559  C  C   . LEU A 1 70  ? 2.327   -6.882  -5.243  1.00 18.03 ? 70   LEU A C   1 
ATOM   560  O  O   . LEU A 1 70  ? 2.077   -6.909  -6.473  1.00 18.83 ? 70   LEU A O   1 
ATOM   561  C  CB  . LEU A 1 70  ? 4.046   -8.542  -4.428  1.00 17.26 ? 70   LEU A CB  1 
ATOM   562  C  CG  A LEU A 1 70  ? 3.806   -9.618  -5.489  0.50 19.20 ? 70   LEU A CG  1 
ATOM   563  C  CG  B LEU A 1 70  ? 3.829   -9.473  -5.645  0.50 17.27 ? 70   LEU A CG  1 
ATOM   564  C  CD1 A LEU A 1 70  ? 4.885   -10.691 -5.443  0.50 19.54 ? 70   LEU A CD1 1 
ATOM   565  C  CD1 B LEU A 1 70  ? 4.942   -9.259  -6.646  0.50 17.27 ? 70   LEU A CD1 1 
ATOM   566  C  CD2 A LEU A 1 70  ? 2.433   -10.244 -5.261  0.50 19.88 ? 70   LEU A CD2 1 
ATOM   567  C  CD2 B LEU A 1 70  ? 3.698   -10.900 -5.145  0.50 16.37 ? 70   LEU A CD2 1 
ATOM   568  N  N   . VAL A 1 71  ? 1.406   -6.652  -4.324  1.00 17.57 ? 71   VAL A N   1 
ATOM   569  C  CA  . VAL A 1 71  ? 0.006   -6.414  -4.699  1.00 18.79 ? 71   VAL A CA  1 
ATOM   570  C  C   . VAL A 1 71  ? -0.156  -5.039  -5.325  1.00 19.50 ? 71   VAL A C   1 
ATOM   571  O  O   . VAL A 1 71  ? -0.831  -4.945  -6.363  1.00 17.54 ? 71   VAL A O   1 
ATOM   572  C  CB  . VAL A 1 71  ? -0.951  -6.635  -3.521  1.00 20.37 ? 71   VAL A CB  1 
ATOM   573  C  CG1 . VAL A 1 71  ? -2.368  -6.198  -3.844  1.00 22.02 ? 71   VAL A CG1 1 
ATOM   574  C  CG2 . VAL A 1 71  ? -0.903  -8.117  -3.143  1.00 21.67 ? 71   VAL A CG2 1 
ATOM   575  N  N   . ILE A 1 72  ? 0.585   -4.010  -4.868  1.00 16.59 ? 72   ILE A N   1 
ATOM   576  C  CA  . ILE A 1 72  ? 0.540   -2.735  -5.601  1.00 17.18 ? 72   ILE A CA  1 
ATOM   577  C  C   . ILE A 1 72  ? 1.148   -2.906  -6.984  1.00 17.86 ? 72   ILE A C   1 
ATOM   578  O  O   . ILE A 1 72  ? 0.657   -2.430  -8.021  1.00 16.93 ? 72   ILE A O   1 
ATOM   579  C  CB  . ILE A 1 72  ? 1.221   -1.589  -4.825  1.00 17.72 ? 72   ILE A CB  1 
ATOM   580  C  CG1 . ILE A 1 72  ? 0.469   -1.388  -3.499  1.00 17.55 ? 72   ILE A CG1 1 
ATOM   581  C  CG2 . ILE A 1 72  ? 1.188   -0.310  -5.658  1.00 15.37 ? 72   ILE A CG2 1 
ATOM   582  C  CD1 . ILE A 1 72  ? 1.319   -0.554  -2.523  1.00 19.78 ? 72   ILE A CD1 1 
ATOM   583  N  N   . ASP A 1 73  ? 2.243   -3.679  -7.093  1.00 16.68 ? 73   ASP A N   1 
ATOM   584  C  CA  . ASP A 1 73  ? 2.854   -3.947  -8.375  1.00 18.38 ? 73   ASP A CA  1 
ATOM   585  C  C   . ASP A 1 73  ? 1.876   -4.627  -9.348  1.00 19.03 ? 73   ASP A C   1 
ATOM   586  O  O   . ASP A 1 73  ? 1.929   -4.364  -10.548 1.00 20.37 ? 73   ASP A O   1 
ATOM   587  C  CB  . ASP A 1 73  ? 4.073   -4.856  -8.222  1.00 19.70 ? 73   ASP A CB  1 
ATOM   588  C  CG  . ASP A 1 73  ? 4.894   -4.969  -9.496  1.00 22.58 ? 73   ASP A CG  1 
ATOM   589  O  OD1 . ASP A 1 73  ? 5.559   -4.012  -9.925  1.00 22.68 ? 73   ASP A OD1 1 
ATOM   590  O  OD2 . ASP A 1 73  ? 4.867   -6.089  -10.073 1.00 22.66 ? 73   ASP A OD2 1 
ATOM   591  N  N   . ALA A 1 74  ? 1.067   -5.534  -8.819  1.00 18.25 ? 74   ALA A N   1 
ATOM   592  C  CA  . ALA A 1 74  ? 0.061   -6.212  -9.650  1.00 19.87 ? 74   ALA A CA  1 
ATOM   593  C  C   . ALA A 1 74  ? -0.968  -5.192  -10.131 1.00 20.25 ? 74   ALA A C   1 
ATOM   594  O  O   . ALA A 1 74  ? -1.429  -5.274  -11.271 1.00 23.60 ? 74   ALA A O   1 
ATOM   595  C  CB  . ALA A 1 74  ? -0.653  -7.277  -8.823  1.00 20.04 ? 74   ALA A CB  1 
ATOM   596  N  N   . ALA A 1 75  ? -1.372  -4.270  -9.246  1.00 19.88 ? 75   ALA A N   1 
ATOM   597  C  CA  . ALA A 1 75  ? -2.283  -3.212  -9.717  1.00 19.19 ? 75   ALA A CA  1 
ATOM   598  C  C   . ALA A 1 75  ? -1.655  -2.417  -10.846 1.00 20.30 ? 75   ALA A C   1 
ATOM   599  O  O   . ALA A 1 75  ? -2.374  -2.039  -11.798 1.00 21.19 ? 75   ALA A O   1 
ATOM   600  C  CB  . ALA A 1 75  ? -2.718  -2.311  -8.570  1.00 19.52 ? 75   ALA A CB  1 
ATOM   601  N  N   . VAL A 1 76  ? -0.388  -2.029  -10.741 1.00 17.84 ? 76   VAL A N   1 
ATOM   602  C  CA  . VAL A 1 76  ? 0.307   -1.327  -11.804 1.00 19.49 ? 76   VAL A CA  1 
ATOM   603  C  C   . VAL A 1 76  ? 0.316   -2.155  -13.087 1.00 22.17 ? 76   VAL A C   1 
ATOM   604  O  O   . VAL A 1 76  ? 0.040   -1.613  -14.158 1.00 20.55 ? 76   VAL A O   1 
ATOM   605  C  CB  . VAL A 1 76  ? 1.756   -0.973  -11.428 1.00 19.84 ? 76   VAL A CB  1 
ATOM   606  C  CG1 . VAL A 1 76  ? 2.529   -0.343  -12.580 1.00 18.45 ? 76   VAL A CG1 1 
ATOM   607  C  CG2 . VAL A 1 76  ? 1.738   0.031   -10.268 1.00 17.88 ? 76   VAL A CG2 1 
ATOM   608  N  N   . THR A 1 77  ? 0.683   -3.436  -13.001 1.00 22.41 ? 77   THR A N   1 
ATOM   609  C  CA  . THR A 1 77  ? 0.693   -4.330  -14.165 1.00 24.19 ? 77   THR A CA  1 
ATOM   610  C  C   . THR A 1 77  ? -0.665  -4.339  -14.855 1.00 24.78 ? 77   THR A C   1 
ATOM   611  O  O   . THR A 1 77  ? -0.700  -4.405  -16.094 1.00 26.07 ? 77   THR A O   1 
ATOM   612  C  CB  . THR A 1 77  ? 1.079   -5.774  -13.783 1.00 26.07 ? 77   THR A CB  1 
ATOM   613  O  OG1 . THR A 1 77  ? 2.401   -5.753  -13.235 1.00 26.38 ? 77   THR A OG1 1 
ATOM   614  C  CG2 . THR A 1 77  ? 1.118   -6.656  -15.033 1.00 27.01 ? 77   THR A CG2 1 
ATOM   615  N  N   . ASN A 1 78  ? -1.751  -4.258  -14.098 1.00 23.48 ? 78   ASN A N   1 
ATOM   616  C  CA  . ASN A 1 78  ? -3.100  -4.272  -14.652 1.00 24.58 ? 78   ASN A CA  1 
ATOM   617  C  C   . ASN A 1 78  ? -3.786  -2.919  -14.674 1.00 23.78 ? 78   ASN A C   1 
ATOM   618  O  O   . ASN A 1 78  ? -5.017  -2.841  -14.687 1.00 25.27 ? 78   ASN A O   1 
ATOM   619  C  CB  . ASN A 1 78  ? -3.928  -5.240  -13.792 1.00 23.98 ? 78   ASN A CB  1 
ATOM   620  C  CG  . ASN A 1 78  ? -3.452  -6.673  -13.902 1.00 25.82 ? 78   ASN A CG  1 
ATOM   621  O  OD1 . ASN A 1 78  ? -2.690  -7.173  -13.067 1.00 27.20 ? 78   ASN A OD1 1 
ATOM   622  N  ND2 . ASN A 1 78  ? -3.895  -7.372  -14.943 1.00 24.25 ? 78   ASN A ND2 1 
ATOM   623  N  N   . VAL A 1 79  ? -3.012  -1.842  -14.724 1.00 24.35 ? 79   VAL A N   1 
ATOM   624  C  CA  . VAL A 1 79  ? -3.555  -0.492  -14.602 1.00 26.15 ? 79   VAL A CA  1 
ATOM   625  C  C   . VAL A 1 79  ? -4.542  -0.149  -15.717 1.00 28.56 ? 79   VAL A C   1 
ATOM   626  O  O   . VAL A 1 79  ? -5.531  0.524   -15.425 1.00 28.31 ? 79   VAL A O   1 
ATOM   627  C  CB  . VAL A 1 79  ? -2.425  0.548   -14.513 1.00 26.61 ? 79   VAL A CB  1 
ATOM   628  C  CG1 . VAL A 1 79  ? -1.597  0.630   -15.783 1.00 26.55 ? 79   VAL A CG1 1 
ATOM   629  C  CG2 . VAL A 1 79  ? -2.989  1.909   -14.123 1.00 27.55 ? 79   VAL A CG2 1 
ATOM   630  N  N   . GLU A 1 80  ? -4.318  -0.673  -16.917 1.00 30.92 ? 80   GLU A N   1 
ATOM   631  C  CA  . GLU A 1 80  ? -5.215  -0.403  -18.036 1.00 36.05 ? 80   GLU A CA  1 
ATOM   632  C  C   . GLU A 1 80  ? -6.552  -1.108  -17.878 1.00 37.48 ? 80   GLU A C   1 
ATOM   633  O  O   . GLU A 1 80  ? -7.476  -0.825  -18.665 1.00 37.42 ? 80   GLU A O   1 
ATOM   634  C  CB  . GLU A 1 80  ? -4.642  -0.802  -19.390 1.00 37.97 ? 80   GLU A CB  1 
ATOM   635  C  CG  . GLU A 1 80  ? -3.388  -0.103  -19.803 1.00 41.66 ? 80   GLU A CG  1 
ATOM   636  C  CD  . GLU A 1 80  ? -3.464  1.254   -20.454 1.00 43.53 ? 80   GLU A CD  1 
ATOM   637  O  OE1 . GLU A 1 80  ? -4.515  1.927   -20.396 1.00 44.90 ? 80   GLU A OE1 1 
ATOM   638  O  OE2 . GLU A 1 80  ? -2.434  1.676   -21.045 1.00 44.59 ? 80   GLU A OE2 1 
ATOM   639  N  N   . ASP A 1 81  ? -6.627  -2.121  -17.011 1.00 38.88 ? 81   ASP A N   1 
ATOM   640  C  CA  . ASP A 1 81  ? -8.015  -2.571  -16.785 1.00 41.52 ? 81   ASP A CA  1 
ATOM   641  C  C   . ASP A 1 81  ? -8.306  -2.311  -15.320 1.00 42.18 ? 81   ASP A C   1 
ATOM   642  O  O   . ASP A 1 81  ? -8.748  -1.229  -14.913 1.00 45.50 ? 81   ASP A O   1 
ATOM   643  C  CB  . ASP A 1 81  ? -8.248  -3.908  -17.430 1.00 43.73 ? 81   ASP A CB  1 
ATOM   644  C  CG  . ASP A 1 81  ? -9.667  -4.390  -17.206 1.00 45.14 ? 81   ASP A CG  1 
ATOM   645  O  OD1 . ASP A 1 81  ? -10.534 -3.587  -16.805 1.00 46.88 ? 81   ASP A OD1 1 
ATOM   646  O  OD2 . ASP A 1 81  ? -9.902  -5.591  -17.426 1.00 47.07 ? 81   ASP A OD2 1 
ATOM   647  N  N   . LEU A 1 82  ? -7.946  -3.225  -14.475 1.00 39.72 ? 82   LEU A N   1 
ATOM   648  C  CA  . LEU A 1 82  ? -8.013  -3.349  -13.059 1.00 37.59 ? 82   LEU A CA  1 
ATOM   649  C  C   . LEU A 1 82  ? -9.095  -4.360  -12.677 1.00 35.61 ? 82   LEU A C   1 
ATOM   650  O  O   . LEU A 1 82  ? -9.007  -5.065  -11.672 1.00 34.17 ? 82   LEU A O   1 
ATOM   651  C  CB  . LEU A 1 82  ? -8.167  -2.068  -12.231 1.00 38.69 ? 82   LEU A CB  1 
ATOM   652  C  CG  . LEU A 1 82  ? -7.653  -2.306  -10.796 1.00 40.01 ? 82   LEU A CG  1 
ATOM   653  C  CD1 . LEU A 1 82  ? -6.140  -2.524  -10.805 1.00 38.68 ? 82   LEU A CD1 1 
ATOM   654  C  CD2 . LEU A 1 82  ? -8.030  -1.178  -9.850  1.00 39.64 ? 82   LEU A CD2 1 
ATOM   655  N  N   . SER A 1 83  ? -10.014 -4.600  -13.624 1.00 33.49 ? 83   SER A N   1 
ATOM   656  C  CA  . SER A 1 83  ? -11.011 -5.646  -13.380 1.00 34.07 ? 83   SER A CA  1 
ATOM   657  C  C   . SER A 1 83  ? -10.383 -7.023  -13.526 1.00 32.84 ? 83   SER A C   1 
ATOM   658  O  O   . SER A 1 83  ? -10.939 -7.995  -13.010 1.00 34.20 ? 83   SER A O   1 
ATOM   659  C  CB  . SER A 1 83  ? -12.231 -5.524  -14.293 1.00 34.45 ? 83   SER A CB  1 
ATOM   660  O  OG  . SER A 1 83  ? -11.910 -5.872  -15.630 1.00 34.63 ? 83   SER A OG  1 
ATOM   661  N  N   . SER A 1 84  ? -9.203  -7.167  -14.112 1.00 32.83 ? 84   SER A N   1 
ATOM   662  C  CA  . SER A 1 84  ? -8.528  -8.467  -14.159 1.00 33.76 ? 84   SER A CA  1 
ATOM   663  C  C   . SER A 1 84  ? -8.166  -8.965  -12.765 1.00 34.44 ? 84   SER A C   1 
ATOM   664  O  O   . SER A 1 84  ? -8.034  -10.170 -12.514 1.00 33.34 ? 84   SER A O   1 
ATOM   665  C  CB  . SER A 1 84  ? -7.301  -8.337  -15.049 1.00 35.46 ? 84   SER A CB  1 
ATOM   666  O  OG  . SER A 1 84  ? -6.746  -9.574  -15.433 1.00 37.89 ? 84   SER A OG  1 
ATOM   667  N  N   . LEU A 1 85  ? -7.990  -8.071  -11.792 1.00 33.74 ? 85   LEU A N   1 
ATOM   668  C  CA  . LEU A 1 85  ? -7.678  -8.395  -10.421 1.00 34.21 ? 85   LEU A CA  1 
ATOM   669  C  C   . LEU A 1 85  ? -8.853  -8.268  -9.457  1.00 34.06 ? 85   LEU A C   1 
ATOM   670  O  O   . LEU A 1 85  ? -8.668  -8.462  -8.248  1.00 33.04 ? 85   LEU A O   1 
ATOM   671  C  CB  . LEU A 1 85  ? -6.626  -7.405  -9.901  1.00 34.72 ? 85   LEU A CB  1 
ATOM   672  C  CG  . LEU A 1 85  ? -5.144  -7.661  -10.043 1.00 35.43 ? 85   LEU A CG  1 
ATOM   673  C  CD1 . LEU A 1 85  ? -4.398  -6.515  -9.354  1.00 33.77 ? 85   LEU A CD1 1 
ATOM   674  C  CD2 . LEU A 1 85  ? -4.714  -9.002  -9.473  1.00 34.08 ? 85   LEU A CD2 1 
ATOM   675  N  N   . GLU A 1 86  ? -10.052 -7.944  -9.937  1.00 34.22 ? 86   GLU A N   1 
ATOM   676  C  CA  . GLU A 1 86  ? -11.204 -7.757  -9.071  1.00 34.01 ? 86   GLU A CA  1 
ATOM   677  C  C   . GLU A 1 86  ? -11.445 -8.829  -8.033  1.00 32.05 ? 86   GLU A C   1 
ATOM   678  O  O   . GLU A 1 86  ? -11.653 -8.481  -6.863  1.00 30.10 ? 86   GLU A O   1 
ATOM   679  C  CB  . GLU A 1 86  ? -12.500 -7.540  -9.883  1.00 36.52 ? 86   GLU A CB  1 
ATOM   680  C  CG  . GLU A 1 86  ? -12.776 -8.640  -10.885 1.00 40.03 ? 86   GLU A CG  1 
ATOM   681  C  CD  . GLU A 1 86  ? -14.056 -8.548  -11.691 1.00 41.59 ? 86   GLU A CD  1 
ATOM   682  O  OE1 . GLU A 1 86  ? -15.112 -8.980  -11.174 1.00 43.28 ? 86   GLU A OE1 1 
ATOM   683  O  OE2 . GLU A 1 86  ? -14.077 -8.093  -12.854 1.00 42.98 ? 86   GLU A OE2 1 
ATOM   684  N  N   . GLU A 1 87  ? -11.453 -10.124 -8.364  1.00 30.03 ? 87   GLU A N   1 
ATOM   685  C  CA  . GLU A 1 87  ? -11.746 -11.132 -7.357  1.00 29.42 ? 87   GLU A CA  1 
ATOM   686  C  C   . GLU A 1 87  ? -10.571 -11.318 -6.398  1.00 27.58 ? 87   GLU A C   1 
ATOM   687  O  O   . GLU A 1 87  ? -10.868 -11.539 -5.232  1.00 26.11 ? 87   GLU A O   1 
ATOM   688  C  CB  . GLU A 1 87  ? -12.148 -12.477 -7.962  1.00 32.30 ? 87   GLU A CB  1 
ATOM   689  C  CG  . GLU A 1 87  ? -13.485 -12.472 -8.665  1.00 35.28 ? 87   GLU A CG  1 
ATOM   690  C  CD  . GLU A 1 87  ? -14.699 -12.082 -7.872  1.00 37.45 ? 87   GLU A CD  1 
ATOM   691  O  OE1 . GLU A 1 87  ? -15.574 -11.415 -8.491  1.00 41.14 ? 87   GLU A OE1 1 
ATOM   692  O  OE2 . GLU A 1 87  ? -14.896 -12.371 -6.679  1.00 39.02 ? 87   GLU A OE2 1 
ATOM   693  N  N   . TYR A 1 88  ? -9.338  -11.182 -6.894  1.00 27.06 ? 88   TYR A N   1 
ATOM   694  C  CA  . TYR A 1 88  ? -8.212  -11.303 -5.956  1.00 26.11 ? 88   TYR A CA  1 
ATOM   695  C  C   . TYR A 1 88  ? -8.356  -10.199 -4.902  1.00 25.94 ? 88   TYR A C   1 
ATOM   696  O  O   . TYR A 1 88  ? -8.287  -10.445 -3.700  1.00 24.20 ? 88   TYR A O   1 
ATOM   697  C  CB  . TYR A 1 88  ? -6.844  -11.241 -6.662  1.00 26.29 ? 88   TYR A CB  1 
ATOM   698  C  CG  . TYR A 1 88  ? -5.742  -11.153 -5.616  1.00 24.93 ? 88   TYR A CG  1 
ATOM   699  C  CD1 . TYR A 1 88  ? -5.401  -12.214 -4.793  1.00 26.16 ? 88   TYR A CD1 1 
ATOM   700  C  CD2 . TYR A 1 88  ? -5.213  -9.895  -5.315  1.00 25.02 ? 88   TYR A CD2 1 
ATOM   701  C  CE1 . TYR A 1 88  ? -4.485  -12.069 -3.759  1.00 24.65 ? 88   TYR A CE1 1 
ATOM   702  C  CE2 . TYR A 1 88  ? -4.326  -9.746  -4.271  1.00 22.87 ? 88   TYR A CE2 1 
ATOM   703  C  CZ  . TYR A 1 88  ? -3.985  -10.807 -3.489  1.00 25.31 ? 88   TYR A CZ  1 
ATOM   704  O  OH  . TYR A 1 88  ? -3.075  -10.608 -2.464  1.00 25.24 ? 88   TYR A OH  1 
ATOM   705  N  N   . LEU A 1 89  ? -8.648  -8.971  -5.369  1.00 25.97 ? 89   LEU A N   1 
ATOM   706  C  CA  . LEU A 1 89  ? -8.768  -7.859  -4.398  1.00 26.52 ? 89   LEU A CA  1 
ATOM   707  C  C   . LEU A 1 89  ? -9.953  -8.013  -3.467  1.00 27.14 ? 89   LEU A C   1 
ATOM   708  O  O   . LEU A 1 89  ? -9.878  -7.681  -2.276  1.00 26.48 ? 89   LEU A O   1 
ATOM   709  C  CB  . LEU A 1 89  ? -8.754  -6.519  -5.134  1.00 26.29 ? 89   LEU A CB  1 
ATOM   710  C  CG  . LEU A 1 89  ? -7.454  -6.192  -5.879  1.00 24.94 ? 89   LEU A CG  1 
ATOM   711  C  CD1 . LEU A 1 89  ? -7.639  -4.939  -6.725  1.00 25.26 ? 89   LEU A CD1 1 
ATOM   712  C  CD2 . LEU A 1 89  ? -6.279  -6.036  -4.914  1.00 25.54 ? 89   LEU A CD2 1 
ATOM   713  N  N   . THR A 1 90  ? -11.090 -8.543  -3.940  1.00 28.49 ? 90   THR A N   1 
ATOM   714  C  CA  . THR A 1 90  ? -12.224 -8.744  -3.047  1.00 30.35 ? 90   THR A CA  1 
ATOM   715  C  C   . THR A 1 90  ? -11.815 -9.785  -2.015  1.00 31.06 ? 90   THR A C   1 
ATOM   716  O  O   . THR A 1 90  ? -12.118 -9.587  -0.837  1.00 30.53 ? 90   THR A O   1 
ATOM   717  C  CB  . THR A 1 90  ? -13.509 -9.161  -3.783  1.00 31.50 ? 90   THR A CB  1 
ATOM   718  O  OG1 . THR A 1 90  ? -13.829 -8.089  -4.684  1.00 32.97 ? 90   THR A OG1 1 
ATOM   719  C  CG2 . THR A 1 90  ? -14.662 -9.381  -2.830  1.00 32.85 ? 90   THR A CG2 1 
ATOM   720  N  N   . SER A 1 91  ? -11.100 -10.842 -2.442  1.00 31.27 ? 91   SER A N   1 
ATOM   721  C  CA  . SER A 1 91  ? -10.653 -11.836 -1.458  1.00 32.38 ? 91   SER A CA  1 
ATOM   722  C  C   . SER A 1 91  ? -9.658  -11.204 -0.486  1.00 31.93 ? 91   SER A C   1 
ATOM   723  O  O   . SER A 1 91  ? -9.746  -11.428 0.725   1.00 32.38 ? 91   SER A O   1 
ATOM   724  C  CB  . SER A 1 91  ? -10.097 -13.101 -2.087  1.00 33.08 ? 91   SER A CB  1 
ATOM   725  O  OG  . SER A 1 91  ? -8.805  -12.948 -2.654  1.00 34.62 ? 91   SER A OG  1 
ATOM   726  N  N   . LEU A 1 92  ? -8.773  -10.329 -0.987  1.00 29.68 ? 92   LEU A N   1 
ATOM   727  C  CA  . LEU A 1 92  ? -7.877  -9.650  -0.039  1.00 28.90 ? 92   LEU A CA  1 
ATOM   728  C  C   . LEU A 1 92  ? -8.681  -8.812  0.944   1.00 29.23 ? 92   LEU A C   1 
ATOM   729  O  O   . LEU A 1 92  ? -8.349  -8.787  2.130   1.00 29.30 ? 92   LEU A O   1 
ATOM   730  C  CB  . LEU A 1 92  ? -6.826  -8.851  -0.806  1.00 27.07 ? 92   LEU A CB  1 
ATOM   731  C  CG  . LEU A 1 92  ? -5.719  -8.231  0.059   1.00 26.52 ? 92   LEU A CG  1 
ATOM   732  C  CD1 . LEU A 1 92  ? -4.890  -9.310  0.739   1.00 25.11 ? 92   LEU A CD1 1 
ATOM   733  C  CD2 . LEU A 1 92  ? -4.866  -7.321  -0.813  1.00 25.59 ? 92   LEU A CD2 1 
ATOM   734  N  N   . GLY A 1 93  ? -9.750  -8.150  0.524   1.00 30.94 ? 93   GLY A N   1 
ATOM   735  C  CA  . GLY A 1 93  ? -10.585 -7.369  1.434   1.00 34.05 ? 93   GLY A CA  1 
ATOM   736  C  C   . GLY A 1 93  ? -11.187 -8.263  2.512   1.00 36.20 ? 93   GLY A C   1 
ATOM   737  O  O   . GLY A 1 93  ? -11.127 -7.980  3.711   1.00 36.13 ? 93   GLY A O   1 
ATOM   738  N  N   . ARG A 1 94  ? -11.711 -9.436  2.121   1.00 38.43 ? 94   ARG A N   1 
ATOM   739  C  CA  . ARG A 1 94  ? -12.279 -10.340 3.128   1.00 40.18 ? 94   ARG A CA  1 
ATOM   740  C  C   . ARG A 1 94  ? -11.269 -10.687 4.210   1.00 39.91 ? 94   ARG A C   1 
ATOM   741  O  O   . ARG A 1 94  ? -11.597 -10.732 5.404   1.00 40.08 ? 94   ARG A O   1 
ATOM   742  C  CB  . ARG A 1 94  ? -12.907 -11.581 2.493   1.00 43.00 ? 94   ARG A CB  1 
ATOM   743  C  CG  . ARG A 1 94  ? -13.660 -12.446 3.486   1.00 46.41 ? 94   ARG A CG  1 
ATOM   744  C  CD  . ARG A 1 94  ? -15.081 -12.821 3.076   1.00 48.39 ? 94   ARG A CD  1 
ATOM   745  N  NE  . ARG A 1 94  ? -15.817 -13.288 4.245   1.00 50.88 ? 94   ARG A NE  1 
ATOM   746  C  CZ  . ARG A 1 94  ? -16.931 -13.982 4.371   1.00 52.07 ? 94   ARG A CZ  1 
ATOM   747  N  NH1 . ARG A 1 94  ? -17.633 -14.413 3.329   1.00 53.19 ? 94   ARG A NH1 1 
ATOM   748  N  NH2 . ARG A 1 94  ? -17.385 -14.273 5.591   1.00 52.76 ? 94   ARG A NH2 1 
ATOM   749  N  N   . LYS A 1 95  ? -10.015 -10.912 3.860   1.00 38.94 ? 95   LYS A N   1 
ATOM   750  C  CA  . LYS A 1 95  ? -8.958  -11.234 4.811   1.00 39.28 ? 95   LYS A CA  1 
ATOM   751  C  C   . LYS A 1 95  ? -8.715  -10.077 5.777   1.00 39.75 ? 95   LYS A C   1 
ATOM   752  O  O   . LYS A 1 95  ? -8.445  -10.281 6.961   1.00 38.38 ? 95   LYS A O   1 
ATOM   753  C  CB  . LYS A 1 95  ? -7.708  -11.628 4.031   1.00 38.68 ? 95   LYS A CB  1 
ATOM   754  C  CG  . LYS A 1 95  ? -6.412  -11.629 4.819   1.00 40.04 ? 95   LYS A CG  1 
ATOM   755  C  CD  . LYS A 1 95  ? -6.091  -13.004 5.366   1.00 41.05 ? 95   LYS A CD  1 
ATOM   756  C  CE  . LYS A 1 95  ? -4.853  -12.968 6.251   1.00 41.43 ? 95   LYS A CE  1 
ATOM   757  N  NZ  . LYS A 1 95  ? -5.047  -13.861 7.434   1.00 42.93 ? 95   LYS A NZ  1 
ATOM   758  N  N   . HIS A 1 96  ? -8.773  -8.849  5.278   1.00 40.36 ? 96   HIS A N   1 
ATOM   759  C  CA  . HIS A 1 96  ? -8.612  -7.666  6.106   1.00 42.25 ? 96   HIS A CA  1 
ATOM   760  C  C   . HIS A 1 96  ? -9.684  -7.523  7.173   1.00 44.14 ? 96   HIS A C   1 
ATOM   761  O  O   . HIS A 1 96  ? -9.371  -7.294  8.335   1.00 44.34 ? 96   HIS A O   1 
ATOM   762  C  CB  . HIS A 1 96  ? -8.515  -6.446  5.285   1.00 39.91 ? 96   HIS A CB  1 
ATOM   763  C  CG  . HIS A 1 96  ? -7.171  -6.301  4.662   1.00 38.52 ? 96   HIS A CG  1 
ATOM   764  N  ND1 . HIS A 1 96  ? -6.763  -7.072  3.596   1.00 38.69 ? 96   HIS A ND1 1 
ATOM   765  C  CD2 . HIS A 1 96  ? -6.131  -5.488  4.960   1.00 37.42 ? 96   HIS A CD2 1 
ATOM   766  C  CE1 . HIS A 1 96  ? -5.530  -6.743  3.263   1.00 36.48 ? 96   HIS A CE1 1 
ATOM   767  N  NE2 . HIS A 1 96  ? -5.128  -5.776  4.068   1.00 35.64 ? 96   HIS A NE2 1 
ATOM   768  N  N   . ARG A 1 97  ? -10.941 -7.664  6.757   1.00 47.63 ? 97   ARG A N   1 
ATOM   769  C  CA  . ARG A 1 97  ? -12.033 -7.556  7.732   1.00 50.21 ? 97   ARG A CA  1 
ATOM   770  C  C   . ARG A 1 97  ? -11.834 -8.627  8.801   1.00 50.55 ? 97   ARG A C   1 
ATOM   771  O  O   . ARG A 1 97  ? -11.856 -8.323  9.994   1.00 49.63 ? 97   ARG A O   1 
ATOM   772  C  CB  . ARG A 1 97  ? -13.378 -7.667  7.041   1.00 52.45 ? 97   ARG A CB  1 
ATOM   773  C  CG  . ARG A 1 97  ? -14.590 -7.559  7.959   1.00 54.82 ? 97   ARG A CG  1 
ATOM   774  C  CD  . ARG A 1 97  ? -15.791 -8.199  7.284   1.00 57.04 ? 97   ARG A CD  1 
ATOM   775  N  NE  . ARG A 1 97  ? -17.048 -7.986  7.989   1.00 59.27 ? 97   ARG A NE  1 
ATOM   776  C  CZ  . ARG A 1 97  ? -18.052 -8.863  7.951   1.00 60.40 ? 97   ARG A CZ  1 
ATOM   777  N  NH1 . ARG A 1 97  ? -17.941 -9.986  7.248   1.00 61.04 ? 97   ARG A NH1 1 
ATOM   778  N  NH2 . ARG A 1 97  ? -19.179 -8.630  8.611   1.00 60.58 ? 97   ARG A NH2 1 
ATOM   779  N  N   . ALA A 1 98  ? -11.524 -9.856  8.398   1.00 50.97 ? 98   ALA A N   1 
ATOM   780  C  CA  . ALA A 1 98  ? -11.276 -10.956 9.315   1.00 51.54 ? 98   ALA A CA  1 
ATOM   781  C  C   . ALA A 1 98  ? -10.303 -10.631 10.437  1.00 51.95 ? 98   ALA A C   1 
ATOM   782  O  O   . ALA A 1 98  ? -10.582 -10.960 11.595  1.00 52.51 ? 98   ALA A O   1 
ATOM   783  C  CB  . ALA A 1 98  ? -10.766 -12.175 8.547   1.00 51.54 ? 98   ALA A CB  1 
ATOM   784  N  N   . VAL A 1 99  ? -9.176  -9.996  10.145  1.00 51.97 ? 99   VAL A N   1 
ATOM   785  C  CA  . VAL A 1 99  ? -8.167  -9.662  11.132  1.00 52.15 ? 99   VAL A CA  1 
ATOM   786  C  C   . VAL A 1 99  ? -8.392  -8.369  11.900  1.00 51.99 ? 99   VAL A C   1 
ATOM   787  O  O   . VAL A 1 99  ? -7.507  -7.956  12.661  1.00 52.38 ? 99   VAL A O   1 
ATOM   788  C  CB  . VAL A 1 99  ? -6.764  -9.628  10.484  1.00 52.65 ? 99   VAL A CB  1 
ATOM   789  C  CG1 . VAL A 1 99  ? -6.523  -10.920 9.711   1.00 52.85 ? 99   VAL A CG1 1 
ATOM   790  C  CG2 . VAL A 1 99  ? -6.597  -8.423  9.575   1.00 52.38 ? 99   VAL A CG2 1 
ATOM   791  N  N   . GLY A 1 100 ? -9.534  -7.723  11.731  1.00 51.78 ? 100  GLY A N   1 
ATOM   792  C  CA  . GLY A 1 100 ? -9.895  -6.555  12.503  1.00 51.57 ? 100  GLY A CA  1 
ATOM   793  C  C   . GLY A 1 100 ? -9.560  -5.217  11.873  1.00 51.69 ? 100  GLY A C   1 
ATOM   794  O  O   . GLY A 1 100 ? -9.610  -4.211  12.596  1.00 50.93 ? 100  GLY A O   1 
ATOM   795  N  N   . VAL A 1 101 ? -9.231  -5.178  10.574  1.00 51.26 ? 101  VAL A N   1 
ATOM   796  C  CA  . VAL A 1 101 ? -8.930  -3.865  9.988   1.00 51.10 ? 101  VAL A CA  1 
ATOM   797  C  C   . VAL A 1 101 ? -10.247 -3.197  9.587   1.00 50.86 ? 101  VAL A C   1 
ATOM   798  O  O   . VAL A 1 101 ? -11.184 -3.833  9.121   1.00 50.43 ? 101  VAL A O   1 
ATOM   799  C  CB  . VAL A 1 101 ? -7.904  -3.824  8.855   1.00 51.14 ? 101  VAL A CB  1 
ATOM   800  C  CG1 . VAL A 1 101 ? -6.944  -4.998  8.926   1.00 50.85 ? 101  VAL A CG1 1 
ATOM   801  C  CG2 . VAL A 1 101 ? -8.492  -3.651  7.470   1.00 51.22 ? 101  VAL A CG2 1 
ATOM   802  N  N   . ARG A 1 102 ? -10.281 -1.893  9.832   1.00 50.76 ? 102  ARG A N   1 
ATOM   803  C  CA  . ARG A 1 102 ? -11.465 -1.091  9.550   1.00 51.37 ? 102  ARG A CA  1 
ATOM   804  C  C   . ARG A 1 102 ? -11.381 -0.444  8.175   1.00 50.16 ? 102  ARG A C   1 
ATOM   805  O  O   . ARG A 1 102 ? -10.316 -0.043  7.707   1.00 50.60 ? 102  ARG A O   1 
ATOM   806  C  CB  . ARG A 1 102 ? -11.644 -0.040  10.653  1.00 52.70 ? 102  ARG A CB  1 
ATOM   807  C  CG  . ARG A 1 102 ? -11.246 -0.497  12.053  1.00 54.60 ? 102  ARG A CG  1 
ATOM   808  C  CD  . ARG A 1 102 ? -11.627 0.540   13.090  1.00 56.58 ? 102  ARG A CD  1 
ATOM   809  N  NE  . ARG A 1 102 ? -10.853 0.519   14.317  1.00 58.11 ? 102  ARG A NE  1 
ATOM   810  C  CZ  . ARG A 1 102 ? -10.042 1.483   14.735  1.00 59.13 ? 102  ARG A CZ  1 
ATOM   811  N  NH1 . ARG A 1 102 ? -9.857  2.578   14.005  1.00 59.14 ? 102  ARG A NH1 1 
ATOM   812  N  NH2 . ARG A 1 102 ? -9.392  1.357   15.888  1.00 59.40 ? 102  ARG A NH2 1 
ATOM   813  N  N   . LEU A 1 103 ? -12.526 -0.279  7.521   1.00 48.62 ? 103  LEU A N   1 
ATOM   814  C  CA  . LEU A 1 103 ? -12.642 0.351   6.217   1.00 47.14 ? 103  LEU A CA  1 
ATOM   815  C  C   . LEU A 1 103 ? -12.099 1.778   6.252   1.00 45.10 ? 103  LEU A C   1 
ATOM   816  O  O   . LEU A 1 103 ? -11.423 2.249   5.339   1.00 44.76 ? 103  LEU A O   1 
ATOM   817  C  CB  . LEU A 1 103 ? -14.091 0.415   5.734   1.00 47.68 ? 103  LEU A CB  1 
ATOM   818  C  CG  . LEU A 1 103 ? -14.700 -0.760  4.970   1.00 47.42 ? 103  LEU A CG  1 
ATOM   819  C  CD1 . LEU A 1 103 ? -16.122 -0.402  4.525   1.00 47.62 ? 103  LEU A CD1 1 
ATOM   820  C  CD2 . LEU A 1 103 ? -13.873 -1.137  3.746   1.00 47.18 ? 103  LEU A CD2 1 
ATOM   821  N  N   . SER A 1 104 ? -12.372 2.483   7.343   1.00 42.64 ? 104  SER A N   1 
ATOM   822  C  CA  . SER A 1 104 ? -11.917 3.841   7.576   1.00 40.76 ? 104  SER A CA  1 
ATOM   823  C  C   . SER A 1 104 ? -10.406 4.009   7.575   1.00 38.60 ? 104  SER A C   1 
ATOM   824  O  O   . SER A 1 104 ? -9.926  5.133   7.377   1.00 38.38 ? 104  SER A O   1 
ATOM   825  C  CB  . SER A 1 104 ? -12.446 4.323   8.937   1.00 41.01 ? 104  SER A CB  1 
ATOM   826  O  OG  . SER A 1 104 ? -11.894 3.532   9.978   1.00 41.93 ? 104  SER A OG  1 
ATOM   827  N  N   . SER A 1 105 ? -9.615  2.975   7.834   1.00 35.55 ? 105  SER A N   1 
ATOM   828  C  CA  . SER A 1 105 ? -8.170  3.054   7.811   1.00 32.96 ? 105  SER A CA  1 
ATOM   829  C  C   . SER A 1 105 ? -7.599  3.068   6.392   1.00 30.99 ? 105  SER A C   1 
ATOM   830  O  O   . SER A 1 105 ? -6.400  3.346   6.235   1.00 31.00 ? 105  SER A O   1 
ATOM   831  C  CB  . SER A 1 105 ? -7.491  1.932   8.595   1.00 32.58 ? 105  SER A CB  1 
ATOM   832  O  OG  . SER A 1 105 ? -7.824  1.888   9.973   1.00 31.32 ? 105  SER A OG  1 
ATOM   833  N  N   . PHE A 1 106 ? -8.405  2.790   5.363   1.00 28.55 ? 106  PHE A N   1 
ATOM   834  C  CA  . PHE A 1 106 ? -7.926  2.785   3.996   1.00 27.59 ? 106  PHE A CA  1 
ATOM   835  C  C   . PHE A 1 106 ? -7.338  4.133   3.597   1.00 24.43 ? 106  PHE A C   1 
ATOM   836  O  O   . PHE A 1 106 ? -6.327  4.160   2.898   1.00 23.50 ? 106  PHE A O   1 
ATOM   837  C  CB  . PHE A 1 106 ? -9.039  2.454   2.978   1.00 29.11 ? 106  PHE A CB  1 
ATOM   838  C  CG  . PHE A 1 106 ? -9.212  0.973   2.770   1.00 31.19 ? 106  PHE A CG  1 
ATOM   839  C  CD1 . PHE A 1 106 ? -8.238  0.216   2.147   1.00 31.94 ? 106  PHE A CD1 1 
ATOM   840  C  CD2 . PHE A 1 106 ? -10.391 0.359   3.155   1.00 32.70 ? 106  PHE A CD2 1 
ATOM   841  C  CE1 . PHE A 1 106 ? -8.408  -1.144  1.952   1.00 32.57 ? 106  PHE A CE1 1 
ATOM   842  C  CE2 . PHE A 1 106 ? -10.566 -1.000  2.966   1.00 33.84 ? 106  PHE A CE2 1 
ATOM   843  C  CZ  . PHE A 1 106 ? -9.579  -1.751  2.363   1.00 33.57 ? 106  PHE A CZ  1 
ATOM   844  N  N   . SER A 1 107 ? -7.943  5.227   4.050   1.00 23.97 ? 107  SER A N   1 
ATOM   845  C  CA  . SER A 1 107 ? -7.439  6.531   3.635   1.00 23.15 ? 107  SER A CA  1 
ATOM   846  C  C   . SER A 1 107 ? -6.021  6.739   4.166   1.00 19.56 ? 107  SER A C   1 
ATOM   847  O  O   . SER A 1 107 ? -5.249  7.370   3.455   1.00 18.65 ? 107  SER A O   1 
ATOM   848  C  CB  . SER A 1 107 ? -8.303  7.712   4.067   1.00 25.12 ? 107  SER A CB  1 
ATOM   849  O  OG  . SER A 1 107 ? -8.483  7.681   5.466   1.00 27.24 ? 107  SER A OG  1 
ATOM   850  N  N   . THR A 1 108 ? -5.751  6.290   5.388   1.00 19.95 ? 108  THR A N   1 
ATOM   851  C  CA  . THR A 1 108 ? -4.422  6.549   5.953   1.00 20.09 ? 108  THR A CA  1 
ATOM   852  C  C   . THR A 1 108 ? -3.326  5.775   5.240   1.00 17.40 ? 108  THR A C   1 
ATOM   853  O  O   . THR A 1 108 ? -2.235  6.286   4.991   1.00 16.18 ? 108  THR A O   1 
ATOM   854  C  CB  . THR A 1 108 ? -4.381  6.285   7.465   1.00 22.97 ? 108  THR A CB  1 
ATOM   855  O  OG1 . THR A 1 108 ? -5.402  7.114   8.055   1.00 26.68 ? 108  THR A OG1 1 
ATOM   856  C  CG2 . THR A 1 108 ? -3.055  6.781   8.044   1.00 23.05 ? 108  THR A CG2 1 
ATOM   857  N  N   . VAL A 1 109 ? -3.648  4.560   4.826   1.00 16.95 ? 109  VAL A N   1 
ATOM   858  C  CA  . VAL A 1 109 ? -2.729  3.777   3.997   1.00 18.00 ? 109  VAL A CA  1 
ATOM   859  C  C   . VAL A 1 109 ? -2.535  4.444   2.651   1.00 16.60 ? 109  VAL A C   1 
ATOM   860  O  O   . VAL A 1 109 ? -1.417  4.536   2.144   1.00 16.56 ? 109  VAL A O   1 
ATOM   861  C  CB  . VAL A 1 109 ? -3.259  2.340   3.849   1.00 18.06 ? 109  VAL A CB  1 
ATOM   862  C  CG1 . VAL A 1 109 ? -2.455  1.541   2.819   1.00 19.41 ? 109  VAL A CG1 1 
ATOM   863  C  CG2 . VAL A 1 109 ? -3.158  1.644   5.211   1.00 19.60 ? 109  VAL A CG2 1 
ATOM   864  N  N   . GLY A 1 110 ? -3.604  5.003   2.049   1.00 16.42 ? 110  GLY A N   1 
ATOM   865  C  CA  . GLY A 1 110 ? -3.463  5.701   0.784   1.00 17.22 ? 110  GLY A CA  1 
ATOM   866  C  C   . GLY A 1 110 ? -2.562  6.934   0.912   1.00 15.49 ? 110  GLY A C   1 
ATOM   867  O  O   . GLY A 1 110 ? -1.699  7.229   0.084   1.00 14.66 ? 110  GLY A O   1 
ATOM   868  N  N   . GLU A 1 111 ? -2.744  7.661   2.023   1.00 16.37 ? 111  GLU A N   1 
ATOM   869  C  CA  . GLU A 1 111 ? -1.914  8.844   2.271   1.00 17.27 ? 111  GLU A CA  1 
ATOM   870  C  C   . GLU A 1 111 ? -0.452  8.485   2.464   1.00 15.31 ? 111  GLU A C   1 
ATOM   871  O  O   . GLU A 1 111 ? 0.407   9.258   2.029   1.00 15.51 ? 111  GLU A O   1 
ATOM   872  C  CB  . GLU A 1 111 ? -2.431  9.607   3.496   1.00 19.02 ? 111  GLU A CB  1 
ATOM   873  C  CG  . GLU A 1 111 ? -3.801  10.216  3.243   1.00 22.39 ? 111  GLU A CG  1 
ATOM   874  C  CD  . GLU A 1 111 ? -3.921  11.236  2.153   1.00 26.53 ? 111  GLU A CD  1 
ATOM   875  O  OE1 . GLU A 1 111 ? -2.972  11.740  1.521   1.00 27.30 ? 111  GLU A OE1 1 
ATOM   876  O  OE2 . GLU A 1 111 ? -5.096  11.619  1.875   1.00 30.39 ? 111  GLU A OE2 1 
ATOM   877  N  N   . SER A 1 112 ? -0.176  7.333   3.060   1.00 14.90 ? 112  SER A N   1 
ATOM   878  C  CA  . SER A 1 112 ? 1.182   6.836   3.278   1.00 14.29 ? 112  SER A CA  1 
ATOM   879  C  C   . SER A 1 112 ? 1.828   6.419   1.961   1.00 14.57 ? 112  SER A C   1 
ATOM   880  O  O   . SER A 1 112 ? 3.005   6.673   1.704   1.00 14.24 ? 112  SER A O   1 
ATOM   881  C  CB  . SER A 1 112 ? 1.119   5.700   4.299   1.00 15.65 ? 112  SER A CB  1 
ATOM   882  O  OG  . SER A 1 112 ? 0.651   6.173   5.570   1.00 15.54 ? 112  SER A OG  1 
ATOM   883  N  N   . LEU A 1 113 ? 1.054   5.804   1.082   1.00 14.04 ? 113  LEU A N   1 
ATOM   884  C  CA  . LEU A 1 113 ? 1.535   5.435   -0.244  1.00 15.33 ? 113  LEU A CA  1 
ATOM   885  C  C   . LEU A 1 113 ? 1.860   6.686   -1.082  1.00 13.86 ? 113  LEU A C   1 
ATOM   886  O  O   . LEU A 1 113 ? 2.922   6.759   -1.675  1.00 14.54 ? 113  LEU A O   1 
ATOM   887  C  CB  . LEU A 1 113 ? 0.407   4.664   -0.967  1.00 14.93 ? 113  LEU A CB  1 
ATOM   888  C  CG  . LEU A 1 113 ? 0.638   4.417   -2.454  1.00 17.38 ? 113  LEU A CG  1 
ATOM   889  C  CD1 . LEU A 1 113 ? 1.952   3.678   -2.691  1.00 17.72 ? 113  LEU A CD1 1 
ATOM   890  C  CD2 . LEU A 1 113 ? -0.559  3.627   -2.994  1.00 17.95 ? 113  LEU A CD2 1 
ATOM   891  N  N   . LEU A 1 114 ? 0.960   7.665   -1.039  1.00 15.99 ? 114  LEU A N   1 
ATOM   892  C  CA  . LEU A 1 114 ? 1.181   8.903   -1.771  1.00 16.94 ? 114  LEU A CA  1 
ATOM   893  C  C   . LEU A 1 114 ? 2.394   9.636   -1.195  1.00 15.93 ? 114  LEU A C   1 
ATOM   894  O  O   . LEU A 1 114 ? 3.174   10.238  -1.927  1.00 16.68 ? 114  LEU A O   1 
ATOM   895  C  CB  . LEU A 1 114 ? -0.073  9.767   -1.719  1.00 19.53 ? 114  LEU A CB  1 
ATOM   896  C  CG  . LEU A 1 114 ? -1.208  9.344   -2.650  1.00 22.42 ? 114  LEU A CG  1 
ATOM   897  C  CD1 . LEU A 1 114 ? -2.462  10.141  -2.351  1.00 25.00 ? 114  LEU A CD1 1 
ATOM   898  C  CD2 . LEU A 1 114 ? -0.783  9.547   -4.098  1.00 23.64 ? 114  LEU A CD2 1 
ATOM   899  N  N   . TYR A 1 115 ? 2.574   9.613   0.113   1.00 15.66 ? 115  TYR A N   1 
ATOM   900  C  CA  . TYR A 1 115 ? 3.730   10.184  0.781   1.00 16.06 ? 115  TYR A CA  1 
ATOM   901  C  C   . TYR A 1 115 ? 5.004   9.527   0.266   1.00 15.80 ? 115  TYR A C   1 
ATOM   902  O  O   . TYR A 1 115 ? 5.939   10.183  -0.201  1.00 15.68 ? 115  TYR A O   1 
ATOM   903  C  CB  . TYR A 1 115 ? 3.577   10.042  2.320   1.00 18.76 ? 115  TYR A CB  1 
ATOM   904  C  CG  . TYR A 1 115 ? 4.901   10.326  3.027   1.00 21.13 ? 115  TYR A CG  1 
ATOM   905  C  CD1 . TYR A 1 115 ? 5.261   11.578  3.426   1.00 24.24 ? 115  TYR A CD1 1 
ATOM   906  C  CD2 . TYR A 1 115 ? 5.755   9.271   3.318   1.00 21.89 ? 115  TYR A CD2 1 
ATOM   907  C  CE1 . TYR A 1 115 ? 6.483   11.826  4.061   1.00 21.74 ? 115  TYR A CE1 1 
ATOM   908  C  CE2 . TYR A 1 115 ? 6.980   9.482   3.932   1.00 23.87 ? 115  TYR A CE2 1 
ATOM   909  C  CZ  . TYR A 1 115 ? 7.330   10.776  4.289   1.00 23.59 ? 115  TYR A CZ  1 
ATOM   910  O  OH  . TYR A 1 115 ? 8.561   10.961  4.883   1.00 25.24 ? 115  TYR A OH  1 
ATOM   911  N  N   . MET A 1 116 ? 5.032   8.195   0.246   1.00 14.03 ? 116  MET A N   1 
ATOM   912  C  CA  . MET A 1 116 ? 6.202   7.454   -0.205  1.00 13.29 ? 116  MET A CA  1 
ATOM   913  C  C   . MET A 1 116 ? 6.510   7.809   -1.664  1.00 15.25 ? 116  MET A C   1 
ATOM   914  O  O   . MET A 1 116 ? 7.676   8.054   -1.997  1.00 14.13 ? 116  MET A O   1 
ATOM   915  C  CB  . MET A 1 116 ? 5.970   5.953   0.002   1.00 14.60 ? 116  MET A CB  1 
ATOM   916  C  CG  . MET A 1 116 ? 7.207   5.145   -0.425  1.00 14.22 ? 116  MET A CG  1 
ATOM   917  S  SD  . MET A 1 116 ? 7.159   4.764   -2.194  1.00 15.68 ? 116  MET A SD  1 
ATOM   918  C  CE  . MET A 1 116 ? 5.877   3.526   -2.235  1.00 18.53 ? 116  MET A CE  1 
ATOM   919  N  N   . LEU A 1 117 ? 5.473   7.892   -2.501  1.00 13.79 ? 117  LEU A N   1 
ATOM   920  C  CA  . LEU A 1 117 ? 5.710   8.270   -3.907  1.00 15.53 ? 117  LEU A CA  1 
ATOM   921  C  C   . LEU A 1 117 ? 6.214   9.696   -4.046  1.00 17.27 ? 117  LEU A C   1 
ATOM   922  O  O   . LEU A 1 117 ? 7.197   9.940   -4.761  1.00 16.57 ? 117  LEU A O   1 
ATOM   923  C  CB  . LEU A 1 117 ? 4.457   8.037   -4.754  1.00 16.21 ? 117  LEU A CB  1 
ATOM   924  C  CG  . LEU A 1 117 ? 4.023   6.564   -4.828  1.00 16.76 ? 117  LEU A CG  1 
ATOM   925  C  CD1 . LEU A 1 117 ? 2.585   6.441   -5.275  1.00 17.87 ? 117  LEU A CD1 1 
ATOM   926  C  CD2 . LEU A 1 117 ? 4.955   5.765   -5.748  1.00 18.57 ? 117  LEU A CD2 1 
ATOM   927  N  N   . GLU A 1 118 ? 5.638   10.635  -3.298  1.00 15.75 ? 118  GLU A N   1 
ATOM   928  C  CA  . GLU A 1 118 ? 6.095   12.021  -3.325  1.00 17.31 ? 118  GLU A CA  1 
ATOM   929  C  C   . GLU A 1 118 ? 7.569   12.099  -2.948  1.00 18.61 ? 118  GLU A C   1 
ATOM   930  O  O   . GLU A 1 118 ? 8.368   12.727  -3.642  1.00 18.27 ? 118  GLU A O   1 
ATOM   931  C  CB  . GLU A 1 118 ? 5.233   12.907  -2.415  1.00 19.84 ? 118  GLU A CB  1 
ATOM   932  C  CG  . GLU A 1 118 ? 5.701   14.359  -2.345  1.00 22.87 ? 118  GLU A CG  1 
ATOM   933  C  CD  . GLU A 1 118 ? 5.021   15.202  -1.286  1.00 26.04 ? 118  GLU A CD  1 
ATOM   934  O  OE1 . GLU A 1 118 ? 3.922   14.913  -0.769  1.00 26.89 ? 118  GLU A OE1 1 
ATOM   935  O  OE2 . GLU A 1 118 ? 5.628   16.256  -0.951  1.00 28.93 ? 118  GLU A OE2 1 
ATOM   936  N  N   . LYS A 1 119 ? 7.940   11.430  -1.837  1.00 16.71 ? 119  LYS A N   1 
ATOM   937  C  CA  . LYS A 1 119 ? 9.323   11.469  -1.392  1.00 17.85 ? 119  LYS A CA  1 
ATOM   938  C  C   . LYS A 1 119 ? 10.289  10.764  -2.341  1.00 18.84 ? 119  LYS A C   1 
ATOM   939  O  O   . LYS A 1 119 ? 11.430  11.249  -2.481  1.00 21.16 ? 119  LYS A O   1 
ATOM   940  C  CB  . LYS A 1 119 ? 9.447   10.848  0.019   1.00 18.21 ? 119  LYS A CB  1 
ATOM   941  C  CG  . LYS A 1 119 ? 8.625   11.623  1.054   1.00 18.79 ? 119  LYS A CG  1 
ATOM   942  C  CD  . LYS A 1 119 ? 8.925   13.105  0.988   1.00 19.41 ? 119  LYS A CD  1 
ATOM   943  C  CE  . LYS A 1 119 ? 10.248  13.485  1.627   1.00 21.97 ? 119  LYS A CE  1 
ATOM   944  N  NZ  . LYS A 1 119 ? 10.284  14.980  1.743   1.00 22.49 ? 119  LYS A NZ  1 
ATOM   945  N  N   . SER A 1 120 ? 9.849   9.739   -3.044  1.00 17.26 ? 120  SER A N   1 
ATOM   946  C  CA  . SER A 1 120 ? 10.761  9.046   -3.964  1.00 20.25 ? 120  SER A CA  1 
ATOM   947  C  C   . SER A 1 120 ? 10.948  9.818   -5.272  1.00 21.97 ? 120  SER A C   1 
ATOM   948  O  O   . SER A 1 120 ? 12.081  9.914   -5.784  1.00 23.84 ? 120  SER A O   1 
ATOM   949  C  CB  . SER A 1 120 ? 10.235  7.647   -4.243  1.00 18.97 ? 120  SER A CB  1 
ATOM   950  O  OG  A SER A 1 120 ? 9.868   6.978   -3.059  0.50 19.12 ? 120  SER A OG  1 
ATOM   951  O  OG  B SER A 1 120 ? 11.087  6.884   -5.066  0.50 21.98 ? 120  SER A OG  1 
ATOM   952  N  N   . LEU A 1 121 ? 9.877   10.388  -5.784  1.00 22.15 ? 121  LEU A N   1 
ATOM   953  C  CA  . LEU A 1 121 ? 9.946   11.030  -7.110  1.00 25.19 ? 121  LEU A CA  1 
ATOM   954  C  C   . LEU A 1 121 ? 10.311  12.500  -7.073  1.00 26.21 ? 121  LEU A C   1 
ATOM   955  O  O   . LEU A 1 121 ? 10.833  12.996  -8.083  1.00 27.14 ? 121  LEU A O   1 
ATOM   956  C  CB  . LEU A 1 121 ? 8.605   10.792  -7.812  1.00 26.06 ? 121  LEU A CB  1 
ATOM   957  C  CG  . LEU A 1 121 ? 8.294   9.308   -8.104  1.00 28.72 ? 121  LEU A CG  1 
ATOM   958  C  CD1 . LEU A 1 121 ? 6.805   9.052   -8.194  1.00 29.36 ? 121  LEU A CD1 1 
ATOM   959  C  CD2 . LEU A 1 121 ? 9.004   8.884   -9.385  1.00 30.45 ? 121  LEU A CD2 1 
ATOM   960  N  N   . GLY A 1 122 ? 10.095  13.212  -5.979  1.00 25.66 ? 122  GLY A N   1 
ATOM   961  C  CA  . GLY A 1 122 ? 10.457  14.639  -5.937  1.00 28.20 ? 122  GLY A CA  1 
ATOM   962  C  C   . GLY A 1 122 ? 9.640   15.437  -6.958  1.00 30.91 ? 122  GLY A C   1 
ATOM   963  O  O   . GLY A 1 122 ? 8.439   15.260  -7.122  1.00 29.84 ? 122  GLY A O   1 
ATOM   964  N  N   . PRO A 1 123 ? 10.342  16.190  -7.813  1.00 33.07 ? 123  PRO A N   1 
ATOM   965  C  CA  . PRO A 1 123 ? 9.733   16.995  -8.848  1.00 34.47 ? 123  PRO A CA  1 
ATOM   966  C  C   . PRO A 1 123 ? 9.040   16.191  -9.928  1.00 34.92 ? 123  PRO A C   1 
ATOM   967  O  O   . PRO A 1 123 ? 8.107   16.668  -10.584 1.00 36.56 ? 123  PRO A O   1 
ATOM   968  C  CB  . PRO A 1 123 ? 10.888  17.810  -9.428  1.00 34.77 ? 123  PRO A CB  1 
ATOM   969  C  CG  . PRO A 1 123 ? 12.125  17.068  -9.059  1.00 34.96 ? 123  PRO A CG  1 
ATOM   970  C  CD  . PRO A 1 123 ? 11.809  16.387  -7.747  1.00 33.66 ? 123  PRO A CD  1 
ATOM   971  N  N   . ASP A 1 124 ? 9.403   14.920  -10.078 1.00 34.04 ? 124  ASP A N   1 
ATOM   972  C  CA  . ASP A 1 124 ? 8.719   14.025  -10.991 1.00 33.58 ? 124  ASP A CA  1 
ATOM   973  C  C   . ASP A 1 124 ? 7.369   13.580  -10.465 1.00 33.17 ? 124  ASP A C   1 
ATOM   974  O  O   . ASP A 1 124 ? 6.638   12.940  -11.224 1.00 32.24 ? 124  ASP A O   1 
ATOM   975  C  CB  . ASP A 1 124 ? 9.618   12.851  -11.367 1.00 35.50 ? 124  ASP A CB  1 
ATOM   976  C  CG  . ASP A 1 124 ? 10.851  13.336  -12.120 1.00 37.25 ? 124  ASP A CG  1 
ATOM   977  O  OD1 . ASP A 1 124 ? 10.783  14.456  -12.678 1.00 38.43 ? 124  ASP A OD1 1 
ATOM   978  O  OD2 . ASP A 1 124 ? 11.863  12.609  -12.148 1.00 37.66 ? 124  ASP A OD2 1 
ATOM   979  N  N   . PHE A 1 125 ? 6.974   13.882  -9.223  1.00 31.90 ? 125  PHE A N   1 
ATOM   980  C  CA  . PHE A 1 125 ? 5.652   13.498  -8.743  1.00 30.53 ? 125  PHE A CA  1 
ATOM   981  C  C   . PHE A 1 125 ? 4.726   14.681  -9.069  1.00 30.31 ? 125  PHE A C   1 
ATOM   982  O  O   . PHE A 1 125 ? 4.249   15.413  -8.208  1.00 29.69 ? 125  PHE A O   1 
ATOM   983  C  CB  . PHE A 1 125 ? 5.602   13.162  -7.260  1.00 30.44 ? 125  PHE A CB  1 
ATOM   984  C  CG  . PHE A 1 125 ? 4.421   12.334  -6.829  1.00 29.67 ? 125  PHE A CG  1 
ATOM   985  C  CD1 . PHE A 1 125 ? 4.151   11.102  -7.381  1.00 29.45 ? 125  PHE A CD1 1 
ATOM   986  C  CD2 . PHE A 1 125 ? 3.589   12.807  -5.825  1.00 30.36 ? 125  PHE A CD2 1 
ATOM   987  C  CE1 . PHE A 1 125 ? 3.057   10.360  -6.969  1.00 29.33 ? 125  PHE A CE1 1 
ATOM   988  C  CE2 . PHE A 1 125 ? 2.496   12.080  -5.399  1.00 28.94 ? 125  PHE A CE2 1 
ATOM   989  C  CZ  . PHE A 1 125 ? 2.232   10.851  -5.975  1.00 29.57 ? 125  PHE A CZ  1 
ATOM   990  N  N   . THR A 1 126 ? 4.489   14.851  -10.366 1.00 29.45 ? 126  THR A N   1 
ATOM   991  C  CA  . THR A 1 126 ? 3.673   15.974  -10.834 1.00 30.52 ? 126  THR A CA  1 
ATOM   992  C  C   . THR A 1 126 ? 2.246   15.861  -10.366 1.00 30.07 ? 126  THR A C   1 
ATOM   993  O  O   . THR A 1 126 ? 1.730   14.796  -10.022 1.00 29.82 ? 126  THR A O   1 
ATOM   994  C  CB  . THR A 1 126 ? 3.710   15.979  -12.383 1.00 30.41 ? 126  THR A CB  1 
ATOM   995  O  OG1 . THR A 1 126 ? 3.138   14.756  -12.877 1.00 30.51 ? 126  THR A OG1 1 
ATOM   996  C  CG2 . THR A 1 126 ? 5.133   16.073  -12.896 1.00 30.88 ? 126  THR A CG2 1 
ATOM   997  N  N   . PRO A 1 127 ? 1.482   16.949  -10.489 1.00 30.40 ? 127  PRO A N   1 
ATOM   998  C  CA  . PRO A 1 127 ? 0.060   16.955  -10.243 1.00 30.09 ? 127  PRO A CA  1 
ATOM   999  C  C   . PRO A 1 127 ? -0.696  15.837  -10.938 1.00 28.86 ? 127  PRO A C   1 
ATOM   1000 O  O   . PRO A 1 127 ? -1.564  15.203  -10.332 1.00 28.67 ? 127  PRO A O   1 
ATOM   1001 C  CB  . PRO A 1 127 ? -0.374  18.317  -10.803 1.00 31.53 ? 127  PRO A CB  1 
ATOM   1002 C  CG  . PRO A 1 127 ? 0.814   19.187  -10.560 1.00 31.06 ? 127  PRO A CG  1 
ATOM   1003 C  CD  . PRO A 1 127 ? 2.007   18.307  -10.818 1.00 31.03 ? 127  PRO A CD  1 
ATOM   1004 N  N   . ALA A 1 128 ? -0.394  15.584  -12.213 1.00 28.60 ? 128  ALA A N   1 
ATOM   1005 C  CA  . ALA A 1 128 ? -1.080  14.535  -12.957 1.00 28.14 ? 128  ALA A CA  1 
ATOM   1006 C  C   . ALA A 1 128 ? -0.737  13.152  -12.394 1.00 27.55 ? 128  ALA A C   1 
ATOM   1007 O  O   . ALA A 1 128 ? -1.616  12.300  -12.263 1.00 26.86 ? 128  ALA A O   1 
ATOM   1008 C  CB  . ALA A 1 128 ? -0.725  14.594  -14.433 1.00 28.58 ? 128  ALA A CB  1 
ATOM   1009 N  N   . THR A 1 129 ? 0.523   12.987  -12.017 1.00 27.52 ? 129  THR A N   1 
ATOM   1010 C  CA  . THR A 1 129 ? 0.974   11.722  -11.413 1.00 26.73 ? 129  THR A CA  1 
ATOM   1011 C  C   . THR A 1 129 ? 0.282   11.464  -10.090 1.00 25.71 ? 129  THR A C   1 
ATOM   1012 O  O   . THR A 1 129 ? -0.166  10.349  -9.765  1.00 23.70 ? 129  THR A O   1 
ATOM   1013 C  CB  . THR A 1 129 ? 2.510   11.763  -11.273 1.00 26.61 ? 129  THR A CB  1 
ATOM   1014 O  OG1 . THR A 1 129 ? 3.130   11.957  -12.552 1.00 26.95 ? 129  THR A OG1 1 
ATOM   1015 C  CG2 . THR A 1 129 ? 2.997   10.447  -10.676 1.00 26.55 ? 129  THR A CG2 1 
ATOM   1016 N  N   . ARG A 1 130 ? 0.173   12.477  -9.234  1.00 24.93 ? 130  ARG A N   1 
ATOM   1017 C  CA  . ARG A 1 130 ? -0.517  12.404  -7.971  1.00 26.27 ? 130  ARG A CA  1 
ATOM   1018 C  C   . ARG A 1 130 ? -1.977  11.993  -8.163  1.00 24.69 ? 130  ARG A C   1 
ATOM   1019 O  O   . ARG A 1 130 ? -2.506  11.101  -7.523  1.00 22.60 ? 130  ARG A O   1 
ATOM   1020 C  CB  . ARG A 1 130 ? -0.494  13.759  -7.236  1.00 29.17 ? 130  ARG A CB  1 
ATOM   1021 C  CG  . ARG A 1 130 ? -0.956  13.641  -5.808  1.00 32.60 ? 130  ARG A CG  1 
ATOM   1022 C  CD  . ARG A 1 130 ? -1.238  14.969  -5.088  1.00 36.55 ? 130  ARG A CD  1 
ATOM   1023 N  NE  . ARG A 1 130 ? -2.206  14.647  -4.030  1.00 40.32 ? 130  ARG A NE  1 
ATOM   1024 C  CZ  . ARG A 1 130 ? -3.502  14.410  -4.247  1.00 41.70 ? 130  ARG A CZ  1 
ATOM   1025 N  NH1 . ARG A 1 130 ? -4.041  14.477  -5.456  1.00 42.57 ? 130  ARG A NH1 1 
ATOM   1026 N  NH2 . ARG A 1 130 ? -4.276  14.108  -3.211  1.00 43.15 ? 130  ARG A NH2 1 
ATOM   1027 N  N   . THR A 1 131 ? -2.670  12.700  -9.070  1.00 24.53 ? 131  THR A N   1 
ATOM   1028 C  CA  . THR A 1 131 ? -4.068  12.381  -9.330  1.00 24.75 ? 131  THR A CA  1 
ATOM   1029 C  C   . THR A 1 131 ? -4.243  10.968  -9.887  1.00 23.63 ? 131  THR A C   1 
ATOM   1030 O  O   . THR A 1 131 ? -5.142  10.243  -9.462  1.00 23.77 ? 131  THR A O   1 
ATOM   1031 C  CB  . THR A 1 131 ? -4.675  13.440  -10.277 1.00 25.95 ? 131  THR A CB  1 
ATOM   1032 O  OG1 . THR A 1 131 ? -4.681  14.675  -9.542  1.00 26.62 ? 131  THR A OG1 1 
ATOM   1033 C  CG2 . THR A 1 131 ? -6.098  13.068  -10.637 1.00 26.87 ? 131  THR A CG2 1 
ATOM   1034 N  N   . ALA A 1 132 ? -3.345  10.525  -10.753 1.00 24.27 ? 132  ALA A N   1 
ATOM   1035 C  CA  . ALA A 1 132 ? -3.410  9.163   -11.301 1.00 22.23 ? 132  ALA A CA  1 
ATOM   1036 C  C   . ALA A 1 132 ? -3.269  8.094   -10.224 1.00 22.34 ? 132  ALA A C   1 
ATOM   1037 O  O   . ALA A 1 132 ? -4.077  7.164   -10.125 1.00 21.11 ? 132  ALA A O   1 
ATOM   1038 C  CB  . ALA A 1 132 ? -2.365  8.976   -12.381 1.00 23.15 ? 132  ALA A CB  1 
ATOM   1039 N  N   . TRP A 1 133 ? -2.309  8.272   -9.314  1.00 21.76 ? 133  TRP A N   1 
ATOM   1040 C  CA  . TRP A 1 133 ? -2.197  7.353   -8.175  1.00 21.32 ? 133  TRP A CA  1 
ATOM   1041 C  C   . TRP A 1 133 ? -3.370  7.349   -7.237  1.00 21.23 ? 133  TRP A C   1 
ATOM   1042 O  O   . TRP A 1 133 ? -3.816  6.315   -6.712  1.00 21.52 ? 133  TRP A O   1 
ATOM   1043 C  CB  . TRP A 1 133 ? -0.880  7.655   -7.421  1.00 19.89 ? 133  TRP A CB  1 
ATOM   1044 C  CG  . TRP A 1 133 ? 0.264   6.910   -8.049  1.00 19.55 ? 133  TRP A CG  1 
ATOM   1045 C  CD1 . TRP A 1 133 ? 1.255   7.399   -8.838  1.00 19.98 ? 133  TRP A CD1 1 
ATOM   1046 C  CD2 . TRP A 1 133 ? 0.544   5.505   -7.891  1.00 19.69 ? 133  TRP A CD2 1 
ATOM   1047 N  NE1 . TRP A 1 133 ? 2.109   6.397   -9.223  1.00 19.88 ? 133  TRP A NE1 1 
ATOM   1048 C  CE2 . TRP A 1 133 ? 1.687   5.221   -8.656  1.00 19.18 ? 133  TRP A CE2 1 
ATOM   1049 C  CE3 . TRP A 1 133 ? -0.087  4.490   -7.174  1.00 17.38 ? 133  TRP A CE3 1 
ATOM   1050 C  CZ2 . TRP A 1 133 ? 2.231   3.931   -8.720  1.00 19.15 ? 133  TRP A CZ2 1 
ATOM   1051 C  CZ3 . TRP A 1 133 ? 0.442   3.197   -7.255  1.00 18.30 ? 133  TRP A CZ3 1 
ATOM   1052 C  CH2 . TRP A 1 133 ? 1.603   2.961   -8.000  1.00 18.32 ? 133  TRP A CH2 1 
ATOM   1053 N  N   . SER A 1 134 ? -3.966  8.530   -6.975  1.00 21.51 ? 134  SER A N   1 
ATOM   1054 C  CA  . SER A 1 134 ? -5.138  8.589   -6.111  1.00 22.62 ? 134  SER A CA  1 
ATOM   1055 C  C   . SER A 1 134 ? -6.296  7.791   -6.706  1.00 23.10 ? 134  SER A C   1 
ATOM   1056 O  O   . SER A 1 134 ? -7.029  7.102   -5.995  1.00 24.09 ? 134  SER A O   1 
ATOM   1057 C  CB  . SER A 1 134 ? -5.538  10.066  -5.950  1.00 23.93 ? 134  SER A CB  1 
ATOM   1058 O  OG  A SER A 1 134 ? -4.855  10.619  -4.847  0.50 23.50 ? 134  SER A OG  1 
ATOM   1059 O  OG  B SER A 1 134 ? -6.592  10.163  -5.008  0.50 22.46 ? 134  SER A OG  1 
ATOM   1060 N  N   . ARG A 1 135 ? -6.439  7.877   -8.018  1.00 24.37 ? 135  ARG A N   1 
ATOM   1061 C  CA  . ARG A 1 135 ? -7.471  7.153   -8.746  1.00 26.71 ? 135  ARG A CA  1 
ATOM   1062 C  C   . ARG A 1 135 ? -7.198  5.657   -8.740  1.00 25.24 ? 135  ARG A C   1 
ATOM   1063 O  O   . ARG A 1 135 ? -8.121  4.874   -8.496  1.00 24.62 ? 135  ARG A O   1 
ATOM   1064 C  CB  . ARG A 1 135 ? -7.568  7.656   -10.188 1.00 29.58 ? 135  ARG A CB  1 
ATOM   1065 C  CG  . ARG A 1 135 ? -8.299  8.982   -10.317 1.00 34.30 ? 135  ARG A CG  1 
ATOM   1066 C  CD  . ARG A 1 135 ? -8.431  9.405   -11.769 1.00 37.88 ? 135  ARG A CD  1 
ATOM   1067 N  NE  . ARG A 1 135 ? -8.779  8.393   -12.683 1.00 41.27 ? 135  ARG A NE  1 
ATOM   1068 C  CZ  . ARG A 1 135 ? -9.217  7.354   -13.302 1.00 43.37 ? 135  ARG A CZ  1 
ATOM   1069 N  NH1 . ARG A 1 135 ? -8.949  7.219   -14.608 1.00 44.67 ? 135  ARG A NH1 1 
ATOM   1070 N  NH2 . ARG A 1 135 ? -9.936  6.391   -12.729 1.00 44.60 ? 135  ARG A NH2 1 
ATOM   1071 N  N   . LEU A 1 136 ? -5.939  5.260   -8.971  1.00 23.89 ? 136  LEU A N   1 
ATOM   1072 C  CA  . LEU A 1 136 ? -5.621  3.833   -8.920  1.00 22.24 ? 136  LEU A CA  1 
ATOM   1073 C  C   . LEU A 1 136 ? -5.908  3.262   -7.540  1.00 22.08 ? 136  LEU A C   1 
ATOM   1074 O  O   . LEU A 1 136 ? -6.573  2.256   -7.353  1.00 19.38 ? 136  LEU A O   1 
ATOM   1075 C  CB  . LEU A 1 136 ? -4.168  3.571   -9.306  1.00 21.66 ? 136  LEU A CB  1 
ATOM   1076 C  CG  . LEU A 1 136 ? -3.718  2.100   -9.309  1.00 22.62 ? 136  LEU A CG  1 
ATOM   1077 C  CD1 . LEU A 1 136 ? -4.719  1.238   -10.070 1.00 23.26 ? 136  LEU A CD1 1 
ATOM   1078 C  CD2 . LEU A 1 136 ? -2.312  2.052   -9.891  1.00 21.32 ? 136  LEU A CD2 1 
ATOM   1079 N  N   . TYR A 1 137 ? -5.352  3.913   -6.500  1.00 20.68 ? 137  TYR A N   1 
ATOM   1080 C  CA  . TYR A 1 137 ? -5.555  3.494   -5.135  1.00 20.77 ? 137  TYR A CA  1 
ATOM   1081 C  C   . TYR A 1 137 ? -7.040  3.436   -4.790  1.00 21.81 ? 137  TYR A C   1 
ATOM   1082 O  O   . TYR A 1 137 ? -7.527  2.492   -4.170  1.00 22.67 ? 137  TYR A O   1 
ATOM   1083 C  CB  . TYR A 1 137 ? -4.824  4.449   -4.158  1.00 21.76 ? 137  TYR A CB  1 
ATOM   1084 C  CG  . TYR A 1 137 ? -4.985  3.928   -2.737  1.00 21.60 ? 137  TYR A CG  1 
ATOM   1085 C  CD1 . TYR A 1 137 ? -4.223  2.834   -2.320  1.00 21.59 ? 137  TYR A CD1 1 
ATOM   1086 C  CD2 . TYR A 1 137 ? -5.867  4.495   -1.844  1.00 21.92 ? 137  TYR A CD2 1 
ATOM   1087 C  CE1 . TYR A 1 137 ? -4.369  2.326   -1.038  1.00 23.42 ? 137  TYR A CE1 1 
ATOM   1088 C  CE2 . TYR A 1 137 ? -6.013  3.987   -0.565  1.00 21.61 ? 137  TYR A CE2 1 
ATOM   1089 C  CZ  . TYR A 1 137 ? -5.253  2.916   -0.163  1.00 22.35 ? 137  TYR A CZ  1 
ATOM   1090 O  OH  . TYR A 1 137 ? -5.382  2.383   1.102   1.00 23.18 ? 137  TYR A OH  1 
ATOM   1091 N  N   . GLY A 1 138 ? -7.801  4.440   -5.250  1.00 23.38 ? 138  GLY A N   1 
ATOM   1092 C  CA  . GLY A 1 138 ? -9.244  4.430   -4.990  1.00 23.94 ? 138  GLY A CA  1 
ATOM   1093 C  C   . GLY A 1 138 ? -9.898  3.197   -5.620  1.00 24.21 ? 138  GLY A C   1 
ATOM   1094 O  O   . GLY A 1 138 ? -10.766 2.602   -4.977  1.00 25.30 ? 138  GLY A O   1 
ATOM   1095 N  N   . ALA A 1 139 ? -9.494  2.831   -6.818  1.00 25.24 ? 139  ALA A N   1 
ATOM   1096 C  CA  . ALA A 1 139 ? -10.064 1.682   -7.528  1.00 24.24 ? 139  ALA A CA  1 
ATOM   1097 C  C   . ALA A 1 139 ? -9.699  0.393   -6.819  1.00 24.80 ? 139  ALA A C   1 
ATOM   1098 O  O   . ALA A 1 139 ? -10.530 -0.515  -6.634  1.00 24.90 ? 139  ALA A O   1 
ATOM   1099 C  CB  . ALA A 1 139 ? -9.568  1.737   -8.968  1.00 25.86 ? 139  ALA A CB  1 
ATOM   1100 N  N   . VAL A 1 140 ? -8.474  0.354   -6.271  1.00 23.70 ? 140  VAL A N   1 
ATOM   1101 C  CA  . VAL A 1 140 ? -8.052  -0.821  -5.507  1.00 23.58 ? 140  VAL A CA  1 
ATOM   1102 C  C   . VAL A 1 140 ? -8.881  -0.972  -4.245  1.00 23.62 ? 140  VAL A C   1 
ATOM   1103 O  O   . VAL A 1 140 ? -9.368  -2.057  -3.891  1.00 23.18 ? 140  VAL A O   1 
ATOM   1104 C  CB  . VAL A 1 140 ? -6.554  -0.782  -5.154  1.00 22.06 ? 140  VAL A CB  1 
ATOM   1105 C  CG1 . VAL A 1 140 ? -6.151  -1.851  -4.142  1.00 23.53 ? 140  VAL A CG1 1 
ATOM   1106 C  CG2 . VAL A 1 140 ? -5.710  -0.916  -6.416  1.00 23.72 ? 140  VAL A CG2 1 
ATOM   1107 N  N   . VAL A 1 141 ? -9.045  0.110   -3.486  1.00 24.09 ? 141  VAL A N   1 
ATOM   1108 C  CA  . VAL A 1 141 ? -9.805  0.079   -2.249  1.00 24.93 ? 141  VAL A CA  1 
ATOM   1109 C  C   . VAL A 1 141 ? -11.280 -0.239  -2.520  1.00 26.06 ? 141  VAL A C   1 
ATOM   1110 O  O   . VAL A 1 141 ? -11.848 -0.980  -1.719  1.00 26.92 ? 141  VAL A O   1 
ATOM   1111 C  CB  . VAL A 1 141 ? -9.726  1.434   -1.511  1.00 25.11 ? 141  VAL A CB  1 
ATOM   1112 C  CG1 . VAL A 1 141 ? -10.698 1.509   -0.356  1.00 25.74 ? 141  VAL A CG1 1 
ATOM   1113 C  CG2 . VAL A 1 141 ? -8.285  1.604   -1.036  1.00 25.52 ? 141  VAL A CG2 1 
ATOM   1114 N  N   . GLN A 1 142 ? -11.820 0.254   -3.621  1.00 27.27 ? 142  GLN A N   1 
ATOM   1115 C  CA  . GLN A 1 142 ? -13.205 -0.075  -3.945  1.00 29.81 ? 142  GLN A CA  1 
ATOM   1116 C  C   . GLN A 1 142 ? -13.334 -1.588  -4.143  1.00 29.66 ? 142  GLN A C   1 
ATOM   1117 O  O   . GLN A 1 142 ? -14.268 -2.191  -3.615  1.00 29.66 ? 142  GLN A O   1 
ATOM   1118 C  CB  . GLN A 1 142 ? -13.779 0.621   -5.177  1.00 32.83 ? 142  GLN A CB  1 
ATOM   1119 C  CG  . GLN A 1 142 ? -15.267 0.355   -5.391  1.00 36.85 ? 142  GLN A CG  1 
ATOM   1120 C  CD  . GLN A 1 142 ? -16.099 0.153   -4.142  1.00 39.69 ? 142  GLN A CD  1 
ATOM   1121 O  OE1 . GLN A 1 142 ? -16.601 -0.948  -3.870  1.00 41.74 ? 142  GLN A OE1 1 
ATOM   1122 N  NE2 . GLN A 1 142 ? -16.275 1.195   -3.334  1.00 41.18 ? 142  GLN A NE2 1 
ATOM   1123 N  N   . ALA A 1 143 ? -12.400 -2.159  -4.894  1.00 29.28 ? 143  ALA A N   1 
ATOM   1124 C  CA  . ALA A 1 143 ? -12.405 -3.615  -5.098  1.00 29.00 ? 143  ALA A CA  1 
ATOM   1125 C  C   . ALA A 1 143 ? -12.276 -4.331  -3.770  1.00 28.99 ? 143  ALA A C   1 
ATOM   1126 O  O   . ALA A 1 143 ? -13.087 -5.190  -3.430  1.00 30.00 ? 143  ALA A O   1 
ATOM   1127 C  CB  . ALA A 1 143 ? -11.297 -3.960  -6.075  1.00 29.53 ? 143  ALA A CB  1 
ATOM   1128 N  N   . MET A 1 144 ? -11.331 -3.939  -2.904  1.00 28.21 ? 144  MET A N   1 
ATOM   1129 C  CA  . MET A 1 144 ? -11.176 -4.573  -1.603  1.00 28.18 ? 144  MET A CA  1 
ATOM   1130 C  C   . MET A 1 144 ? -12.358 -4.386  -0.670  1.00 31.09 ? 144  MET A C   1 
ATOM   1131 O  O   . MET A 1 144 ? -12.687 -5.301  0.085   1.00 32.00 ? 144  MET A O   1 
ATOM   1132 C  CB  . MET A 1 144 ? -9.908  -4.102  -0.874  1.00 25.50 ? 144  MET A CB  1 
ATOM   1133 C  CG  . MET A 1 144 ? -8.643  -4.338  -1.693  1.00 23.29 ? 144  MET A CG  1 
ATOM   1134 S  SD  . MET A 1 144 ? -7.203  -3.683  -0.807  1.00 22.40 ? 144  MET A SD  1 
ATOM   1135 C  CE  . MET A 1 144 ? -7.263  -4.595  0.701   1.00 21.16 ? 144  MET A CE  1 
ATOM   1136 N  N   . SER A 1 145 ? -13.044 -3.252  -0.733  1.00 33.99 ? 145  SER A N   1 
ATOM   1137 C  CA  . SER A 1 145 ? -14.156 -2.941  0.155   1.00 37.39 ? 145  SER A CA  1 
ATOM   1138 C  C   . SER A 1 145 ? -15.300 -3.940  0.063   1.00 40.20 ? 145  SER A C   1 
ATOM   1139 O  O   . SER A 1 145 ? -16.044 -4.077  1.041   1.00 39.62 ? 145  SER A O   1 
ATOM   1140 C  CB  . SER A 1 145 ? -14.603 -1.502  -0.031  1.00 37.25 ? 145  SER A CB  1 
ATOM   1141 O  OG  . SER A 1 145 ? -15.419 -1.372  -1.169  1.00 37.71 ? 145  SER A OG  1 
ATOM   1142 N  N   . ARG A 1 146 ? -15.447 -4.642  -1.052  1.00 44.38 ? 146  ARG A N   1 
ATOM   1143 C  CA  . ARG A 1 146 ? -16.466 -5.700  -1.107  1.00 48.90 ? 146  ARG A CA  1 
ATOM   1144 C  C   . ARG A 1 146 ? -15.801 -6.787  -0.243  1.00 51.37 ? 146  ARG A C   1 
ATOM   1145 O  O   . ARG A 1 146 ? -14.717 -7.245  -0.629  1.00 51.79 ? 146  ARG A O   1 
ATOM   1146 C  CB  . ARG A 1 146 ? -16.722 -6.171  -2.515  1.00 50.12 ? 146  ARG A CB  1 
ATOM   1147 C  CG  . ARG A 1 146 ? -16.755 -5.140  -3.620  1.00 52.28 ? 146  ARG A CG  1 
ATOM   1148 C  CD  . ARG A 1 146 ? -16.885 -5.767  -5.000  1.00 54.08 ? 146  ARG A CD  1 
ATOM   1149 N  NE  . ARG A 1 146 ? -16.559 -7.183  -5.003  1.00 56.04 ? 146  ARG A NE  1 
ATOM   1150 C  CZ  . ARG A 1 146 ? -16.434 -7.998  -6.037  1.00 56.73 ? 146  ARG A CZ  1 
ATOM   1151 N  NH1 . ARG A 1 146 ? -16.589 -7.583  -7.286  1.00 57.43 ? 146  ARG A NH1 1 
ATOM   1152 N  NH2 . ARG A 1 146 ? -16.119 -9.273  -5.823  1.00 56.79 ? 146  ARG A NH2 1 
ATOM   1153 N  N   . GLY A 1 147 ? -16.292 -7.058  0.957   1.00 54.18 ? 147  GLY A N   1 
ATOM   1154 C  CA  . GLY A 1 147 ? -15.600 -8.021  1.825   1.00 56.05 ? 147  GLY A CA  1 
ATOM   1155 C  C   . GLY A 1 147 ? -15.983 -7.737  3.274   1.00 57.90 ? 147  GLY A C   1 
ATOM   1156 O  O   . GLY A 1 147 ? -15.860 -8.587  4.149   1.00 58.83 ? 147  GLY A O   1 
ATOM   1157 N  N   . TRP A 1 148 ? -16.462 -6.515  3.486   1.00 59.14 ? 148  TRP A N   1 
ATOM   1158 C  CA  . TRP A 1 148 ? -16.934 -6.079  4.794   1.00 59.83 ? 148  TRP A CA  1 
ATOM   1159 C  C   . TRP A 1 148 ? -18.462 -6.240  4.825   1.00 60.28 ? 148  TRP A C   1 
ATOM   1160 O  O   . TRP A 1 148 ? -18.997 -6.702  3.785   1.00 60.88 ? 148  TRP A O   1 
ATOM   1161 C  CB  . TRP A 1 148 ? -16.551 -4.638  5.088   1.00 59.55 ? 148  TRP A CB  1 
ATOM   1162 C  CG  . TRP A 1 148 ? -15.192 -4.410  5.675   1.00 59.13 ? 148  TRP A CG  1 
ATOM   1163 C  CD1 . TRP A 1 148 ? -14.896 -4.137  6.982   1.00 58.87 ? 148  TRP A CD1 1 
ATOM   1164 C  CD2 . TRP A 1 148 ? -13.940 -4.425  4.979   1.00 58.59 ? 148  TRP A CD2 1 
ATOM   1165 N  NE1 . TRP A 1 148 ? -13.540 -3.985  7.137   1.00 58.65 ? 148  TRP A NE1 1 
ATOM   1166 C  CE2 . TRP A 1 148 ? -12.929 -4.156  5.922   1.00 58.49 ? 148  TRP A CE2 1 
ATOM   1167 C  CE3 . TRP A 1 148 ? -13.578 -4.640  3.644   1.00 58.28 ? 148  TRP A CE3 1 
ATOM   1168 C  CZ2 . TRP A 1 148 ? -11.581 -4.097  5.579   1.00 57.85 ? 148  TRP A CZ2 1 
ATOM   1169 C  CZ3 . TRP A 1 148 ? -12.240 -4.580  3.303   1.00 57.84 ? 148  TRP A CZ3 1 
ATOM   1170 C  CH2 . TRP A 1 148 ? -11.259 -4.311  4.269   1.00 58.19 ? 148  TRP A CH2 1 
HETATM 1171 C  CHA . HEM B 2 .   ? -2.350  -8.068  5.106   1.00 30.85 ? 1149 HEM A CHA 1 
HETATM 1172 C  CHB . HEM B 2 .   ? -3.617  -4.120  7.641   1.00 28.52 ? 1149 HEM A CHB 1 
HETATM 1173 C  CHC . HEM B 2 .   ? -4.883  -2.082  3.432   1.00 26.74 ? 1149 HEM A CHC 1 
HETATM 1174 C  CHD . HEM B 2 .   ? -2.177  -5.343  1.115   1.00 27.37 ? 1149 HEM A CHD 1 
HETATM 1175 C  C1A . HEM B 2 .   ? -2.641  -7.214  6.151   1.00 31.24 ? 1149 HEM A C1A 1 
HETATM 1176 C  C2A . HEM B 2 .   ? -2.641  -7.558  7.560   1.00 32.11 ? 1149 HEM A C2A 1 
HETATM 1177 C  C3A . HEM B 2 .   ? -2.994  -6.473  8.252   1.00 31.10 ? 1149 HEM A C3A 1 
HETATM 1178 C  C4A . HEM B 2 .   ? -3.245  -5.406  7.305   1.00 29.88 ? 1149 HEM A C4A 1 
HETATM 1179 C  CMA . HEM B 2 .   ? -3.147  -6.258  9.773   1.00 30.44 ? 1149 HEM A CMA 1 
HETATM 1180 C  CAA . HEM B 2 .   ? -2.263  -8.951  8.132   1.00 34.49 ? 1149 HEM A CAA 1 
HETATM 1181 C  CBA . HEM B 2 .   ? -0.835  -9.049  8.660   1.00 38.35 ? 1149 HEM A CBA 1 
HETATM 1182 C  CGA . HEM B 2 .   ? -0.255  -10.409 8.930   1.00 40.50 ? 1149 HEM A CGA 1 
HETATM 1183 O  O1A . HEM B 2 .   ? -0.941  -11.158 9.666   1.00 42.81 ? 1149 HEM A O1A 1 
HETATM 1184 O  O2A . HEM B 2 .   ? 0.880   -10.665 8.434   1.00 42.09 ? 1149 HEM A O2A 1 
HETATM 1185 C  C1B . HEM B 2 .   ? -4.154  -3.242  6.729   1.00 27.29 ? 1149 HEM A C1B 1 
HETATM 1186 C  C2B . HEM B 2 .   ? -4.863  -2.017  7.009   1.00 28.03 ? 1149 HEM A C2B 1 
HETATM 1187 C  C3B . HEM B 2 .   ? -5.199  -1.463  5.849   1.00 27.46 ? 1149 HEM A C3B 1 
HETATM 1188 C  C4B . HEM B 2 .   ? -4.720  -2.317  4.780   1.00 27.85 ? 1149 HEM A C4B 1 
HETATM 1189 C  CMB . HEM B 2 .   ? -5.135  -1.503  8.440   1.00 27.96 ? 1149 HEM A CMB 1 
HETATM 1190 C  CAB . HEM B 2 .   ? -6.016  -0.177  5.577   1.00 29.32 ? 1149 HEM A CAB 1 
HETATM 1191 C  CBB . HEM B 2 .   ? -7.320  -0.426  5.316   1.00 31.35 ? 1149 HEM A CBB 1 
HETATM 1192 C  C1C . HEM B 2 .   ? -4.181  -2.720  2.427   1.00 26.34 ? 1149 HEM A C1C 1 
HETATM 1193 C  C2C . HEM B 2 .   ? -4.072  -2.301  1.050   1.00 26.95 ? 1149 HEM A C2C 1 
HETATM 1194 C  C3C . HEM B 2 .   ? -3.330  -3.211  0.405   1.00 27.26 ? 1149 HEM A C3C 1 
HETATM 1195 C  C4C . HEM B 2 .   ? -2.959  -4.232  1.358   1.00 26.94 ? 1149 HEM A C4C 1 
HETATM 1196 C  CMC . HEM B 2 .   ? -4.732  -1.024  0.506   1.00 26.26 ? 1149 HEM A CMC 1 
HETATM 1197 C  CAC . HEM B 2 .   ? -2.872  -3.278  -1.067  1.00 27.70 ? 1149 HEM A CAC 1 
HETATM 1198 C  CBC . HEM B 2 .   ? -3.819  -3.433  -2.004  1.00 31.44 ? 1149 HEM A CBC 1 
HETATM 1199 C  C1D . HEM B 2 .   ? -2.071  -6.427  1.959   1.00 28.09 ? 1149 HEM A C1D 1 
HETATM 1200 C  C2D . HEM B 2 .   ? -1.604  -7.753  1.623   1.00 28.53 ? 1149 HEM A C2D 1 
HETATM 1201 C  C3D . HEM B 2 .   ? -1.645  -8.489  2.724   1.00 28.86 ? 1149 HEM A C3D 1 
HETATM 1202 C  C4D . HEM B 2 .   ? -2.145  -7.667  3.799   1.00 28.95 ? 1149 HEM A C4D 1 
HETATM 1203 C  CMD . HEM B 2 .   ? -1.151  -8.151  0.196   1.00 29.26 ? 1149 HEM A CMD 1 
HETATM 1204 C  CAD . HEM B 2 .   ? -1.299  -10.002 2.914   1.00 30.48 ? 1149 HEM A CAD 1 
HETATM 1205 C  CBD . HEM B 2 .   ? -2.584  -10.846 2.859   1.00 35.59 ? 1149 HEM A CBD 1 
HETATM 1206 C  CGD . HEM B 2 .   ? -2.570  -12.328 3.019   1.00 38.15 ? 1149 HEM A CGD 1 
HETATM 1207 O  O1D . HEM B 2 .   ? -2.273  -12.801 4.150   1.00 40.68 ? 1149 HEM A O1D 1 
HETATM 1208 O  O2D . HEM B 2 .   ? -2.900  -13.082 2.056   1.00 40.05 ? 1149 HEM A O2D 1 
HETATM 1209 N  NA  . HEM B 2 .   ? -3.006  -5.889  6.022   1.00 30.16 ? 1149 HEM A NA  1 
HETATM 1210 N  NB  . HEM B 2 .   ? -4.072  -3.386  5.355   1.00 26.27 ? 1149 HEM A NB  1 
HETATM 1211 N  NC  . HEM B 2 .   ? -3.488  -3.901  2.599   1.00 26.53 ? 1149 HEM A NC  1 
HETATM 1212 N  ND  . HEM B 2 .   ? -2.405  -6.403  3.303   1.00 28.28 ? 1149 HEM A ND  1 
HETATM 1213 FE FE  . HEM B 2 .   ? -3.237  -4.879  4.315   1.00 25.87 ? 1149 HEM A FE  1 
HETATM 1214 C  C   . CMO C 3 .   ? -1.604  -4.126  4.536   1.00 28.18 ? 1150 CMO A C   1 
HETATM 1215 O  O   . CMO C 3 .   ? -0.868  -3.577  5.015   1.00 28.03 ? 1150 CMO A O   1 
HETATM 1216 O  O   . HOH D 4 .   ? -9.110  15.919  -11.194 1.00 54.28 ? 2001 HOH A O   1 
HETATM 1217 O  O   . HOH D 4 .   ? 6.199   0.118   -13.795 1.00 25.64 ? 2002 HOH A O   1 
HETATM 1218 O  O   . HOH D 4 .   ? 6.486   10.047  -16.175 1.00 47.64 ? 2003 HOH A O   1 
HETATM 1219 O  O   . HOH D 4 .   ? 6.405   6.755   14.556  1.00 32.17 ? 2004 HOH A O   1 
HETATM 1220 O  O   . HOH D 4 .   ? 9.717   4.013   12.363  1.00 30.81 ? 2005 HOH A O   1 
HETATM 1221 O  O   . HOH D 4 .   ? 5.954   9.337   15.065  1.00 54.75 ? 2006 HOH A O   1 
HETATM 1222 O  O   . HOH D 4 .   ? 4.317   5.676   18.366  1.00 39.89 ? 2007 HOH A O   1 
HETATM 1223 O  O   . HOH D 4 .   ? 13.830  0.504   -17.477 1.00 78.50 ? 2008 HOH A O   1 
HETATM 1224 O  O   . HOH D 4 .   ? 17.830  9.552   -6.320  1.00 63.47 ? 2009 HOH A O   1 
HETATM 1225 O  O   . HOH D 4 .   ? -7.493  13.432  -13.955 1.00 40.20 ? 2010 HOH A O   1 
HETATM 1226 O  O   . HOH D 4 .   ? 11.660  -2.984  -11.248 1.00 43.09 ? 2011 HOH A O   1 
HETATM 1227 O  O   . HOH D 4 .   ? 8.075   -1.480  -12.691 1.00 25.34 ? 2012 HOH A O   1 
HETATM 1228 O  O   . HOH D 4 .   ? 16.841  -3.448  -3.817  1.00 68.06 ? 2013 HOH A O   1 
HETATM 1229 O  O   . HOH D 4 .   ? 15.356  -5.555  -6.777  1.00 31.17 ? 2014 HOH A O   1 
HETATM 1230 O  O   . HOH D 4 .   ? 15.098  2.016   -6.497  1.00 47.73 ? 2015 HOH A O   1 
HETATM 1231 O  O   . HOH D 4 .   ? 11.204  -10.729 15.238  1.00 43.99 ? 2016 HOH A O   1 
HETATM 1232 O  O   . HOH D 4 .   ? 13.754  -4.951  -1.942  1.00 29.29 ? 2017 HOH A O   1 
HETATM 1233 O  O   . HOH D 4 .   ? 13.811  2.954   3.480   1.00 14.92 ? 2018 HOH A O   1 
HETATM 1234 O  O   . HOH D 4 .   ? 14.680  -2.673  -1.171  1.00 32.88 ? 2019 HOH A O   1 
HETATM 1235 O  O   . HOH D 4 .   ? 13.668  -2.392  5.676   1.00 14.86 ? 2020 HOH A O   1 
HETATM 1236 O  O   . HOH D 4 .   ? -3.693  -4.717  -18.712 1.00 44.10 ? 2021 HOH A O   1 
HETATM 1237 O  O   . HOH D 4 .   ? -0.810  -8.568  -17.229 1.00 38.00 ? 2022 HOH A O   1 
HETATM 1238 O  O   . HOH D 4 .   ? -4.131  -9.234  -18.086 1.00 43.60 ? 2023 HOH A O   1 
HETATM 1239 O  O   . HOH D 4 .   ? 7.141   5.375   12.150  1.00 22.53 ? 2024 HOH A O   1 
HETATM 1240 O  O   . HOH D 4 .   ? -11.114 -13.678 -13.016 1.00 48.25 ? 2025 HOH A O   1 
HETATM 1241 O  O   . HOH D 4 .   ? -14.433 -13.040 -1.306  1.00 49.54 ? 2026 HOH A O   1 
HETATM 1242 O  O   . HOH D 4 .   ? 4.198   6.944   15.958  1.00 26.91 ? 2027 HOH A O   1 
HETATM 1243 O  O   . HOH D 4 .   ? 2.348   9.572   16.069  1.00 25.17 ? 2028 HOH A O   1 
HETATM 1244 O  O   . HOH D 4 .   ? -3.610  9.939   14.362  1.00 22.14 ? 2029 HOH A O   1 
HETATM 1245 O  O   . HOH D 4 .   ? 2.865   2.756   17.512  1.00 44.04 ? 2030 HOH A O   1 
HETATM 1246 O  O   . HOH D 4 .   ? -6.301  -0.817  15.685  1.00 44.91 ? 2031 HOH A O   1 
HETATM 1247 O  O   . HOH D 4 .   ? -6.213  2.274   14.185  1.00 41.86 ? 2032 HOH A O   1 
HETATM 1248 O  O   . HOH D 4 .   ? -5.178  -0.563  18.311  1.00 29.26 ? 2033 HOH A O   1 
HETATM 1249 O  O   . HOH D 4 .   ? -15.107 2.820   12.183  1.00 55.81 ? 2034 HOH A O   1 
HETATM 1250 O  O   . HOH D 4 .   ? -18.012 -0.798  10.158  1.00 71.32 ? 2035 HOH A O   1 
HETATM 1251 O  O   . HOH D 4 .   ? 2.195   -5.592  17.147  1.00 17.70 ? 2036 HOH A O   1 
HETATM 1252 O  O   . HOH D 4 .   ? -0.903  -10.047 12.741  1.00 37.85 ? 2037 HOH A O   1 
HETATM 1253 O  O   . HOH D 4 .   ? 16.635  6.896   -6.203  1.00 55.10 ? 2038 HOH A O   1 
HETATM 1254 O  O   . HOH D 4 .   ? 7.461   -10.130 16.996  1.00 33.58 ? 2039 HOH A O   1 
HETATM 1255 O  O   . HOH D 4 .   ? 0.865   14.711  -17.421 1.00 51.81 ? 2040 HOH A O   1 
HETATM 1256 O  O   . HOH D 4 .   ? -4.862  15.089  -13.651 1.00 40.75 ? 2041 HOH A O   1 
HETATM 1257 O  O   . HOH D 4 .   ? -2.939  12.341  -17.216 1.00 41.23 ? 2042 HOH A O   1 
HETATM 1258 O  O   . HOH D 4 .   ? 4.609   -8.697  16.577  1.00 25.36 ? 2043 HOH A O   1 
HETATM 1259 O  O   . HOH D 4 .   ? 12.500  -16.577 22.809  1.00 71.00 ? 2044 HOH A O   1 
HETATM 1260 O  O   . HOH D 4 .   ? 8.496   -4.657  21.075  1.00 30.98 ? 2045 HOH A O   1 
HETATM 1261 O  O   . HOH D 4 .   ? 9.095   5.385   18.021  1.00 32.69 ? 2046 HOH A O   1 
HETATM 1262 O  O   . HOH D 4 .   ? 10.530  4.645   20.539  1.00 22.53 ? 2047 HOH A O   1 
HETATM 1263 O  O   . HOH D 4 .   ? 10.366  4.675   14.889  1.00 27.34 ? 2048 HOH A O   1 
HETATM 1264 O  O   . HOH D 4 .   ? 15.854  -5.888  10.313  1.00 25.42 ? 2049 HOH A O   1 
HETATM 1265 O  O   . HOH D 4 .   ? 11.706  -8.245  16.063  1.00 41.27 ? 2050 HOH A O   1 
HETATM 1266 O  O   . HOH D 4 .   ? 8.800   -10.805 14.561  1.00 33.61 ? 2051 HOH A O   1 
HETATM 1267 O  O   . HOH D 4 .   ? 4.451   -12.093 6.781   1.00 29.72 ? 2052 HOH A O   1 
HETATM 1268 O  O   . HOH D 4 .   ? 7.621   -6.960  -3.469  1.00 25.50 ? 2053 HOH A O   1 
HETATM 1269 O  O   . HOH D 4 .   ? 16.055  -6.005  0.638   1.00 38.30 ? 2054 HOH A O   1 
HETATM 1270 O  O   . HOH D 4 .   ? 10.039  -7.914  -2.600  1.00 24.91 ? 2055 HOH A O   1 
HETATM 1271 O  O   . HOH D 4 .   ? 4.829   -13.715 4.385   1.00 51.90 ? 2056 HOH A O   1 
HETATM 1272 O  O   . HOH D 4 .   ? 7.033   -5.229  -5.415  1.00 32.29 ? 2057 HOH A O   1 
HETATM 1273 O  O   . HOH D 4 .   ? 2.700   -8.782  -8.689  1.00 39.59 ? 2058 HOH A O   1 
HETATM 1274 O  O   . HOH D 4 .   ? 7.279   -6.944  -10.213 1.00 33.43 ? 2059 HOH A O   1 
HETATM 1275 O  O   . HOH D 4 .   ? 7.071   -4.012  -11.969 1.00 27.40 ? 2060 HOH A O   1 
HETATM 1276 O  O   . HOH D 4 .   ? -1.496  -6.209  -18.885 1.00 46.82 ? 2061 HOH A O   1 
HETATM 1277 O  O   . HOH D 4 .   ? -2.250  -2.705  -17.783 1.00 38.00 ? 2062 HOH A O   1 
HETATM 1278 O  O   . HOH D 4 .   ? 2.957   -7.507  -11.309 1.00 44.84 ? 2063 HOH A O   1 
HETATM 1279 O  O   . HOH D 4 .   ? -2.807  -9.419  -15.966 1.00 22.49 ? 2064 HOH A O   1 
HETATM 1280 O  O   . HOH D 4 .   ? -5.341  -6.053  -16.715 1.00 34.32 ? 2065 HOH A O   1 
HETATM 1281 O  O   . HOH D 4 .   ? -1.667  -0.291  -23.587 1.00 42.38 ? 2066 HOH A O   1 
HETATM 1282 O  O   . HOH D 4 .   ? -7.936  1.251   -20.112 1.00 48.75 ? 2067 HOH A O   1 
HETATM 1283 O  O   . HOH D 4 .   ? -7.234  -5.316  -15.290 1.00 34.38 ? 2068 HOH A O   1 
HETATM 1284 O  O   . HOH D 4 .   ? -14.137 -6.323  -17.446 1.00 48.87 ? 2069 HOH A O   1 
HETATM 1285 O  O   . HOH D 4 .   ? -11.247 -8.474  -17.060 1.00 52.53 ? 2070 HOH A O   1 
HETATM 1286 O  O   . HOH D 4 .   ? -8.374  -12.254 -14.505 1.00 35.34 ? 2071 HOH A O   1 
HETATM 1287 O  O   . HOH D 4 .   ? -4.509  -10.983 -14.901 1.00 32.20 ? 2072 HOH A O   1 
HETATM 1288 O  O   . HOH D 4 .   ? -13.392 -13.162 -4.710  1.00 33.26 ? 2073 HOH A O   1 
HETATM 1289 O  O   . HOH D 4 .   ? -8.798  -11.668 -9.803  1.00 29.81 ? 2074 HOH A O   1 
HETATM 1290 O  O   . HOH D 4 .   ? -2.600  -12.428 -0.729  1.00 46.21 ? 2075 HOH A O   1 
HETATM 1291 O  O   . HOH D 4 .   ? -16.188 -15.846 0.714   1.00 48.80 ? 2076 HOH A O   1 
HETATM 1292 O  O   . HOH D 4 .   ? -7.979  -15.215 8.811   1.00 58.85 ? 2077 HOH A O   1 
HETATM 1293 O  O   . HOH D 4 .   ? -12.162 -1.683  15.732  1.00 37.36 ? 2078 HOH A O   1 
HETATM 1294 O  O   . HOH D 4 .   ? -11.551 5.680   1.838   1.00 58.03 ? 2079 HOH A O   1 
HETATM 1295 O  O   . HOH D 4 .   ? -14.384 1.841   9.499   1.00 43.59 ? 2080 HOH A O   1 
HETATM 1296 O  O   . HOH D 4 .   ? -8.139  -0.581  11.176  1.00 31.95 ? 2081 HOH A O   1 
HETATM 1297 O  O   . HOH D 4 .   ? -9.235  5.297   0.623   1.00 36.99 ? 2082 HOH A O   1 
HETATM 1298 O  O   . HOH D 4 .   ? -5.267  8.867   -1.505  1.00 65.66 ? 2083 HOH A O   1 
HETATM 1299 O  O   . HOH D 4 .   ? -8.638  11.075  2.705   1.00 72.86 ? 2084 HOH A O   1 
HETATM 1300 O  O   . HOH D 4 .   ? 2.057   13.000  -0.977  1.00 29.92 ? 2085 HOH A O   1 
HETATM 1301 O  O   . HOH D 4 .   ? 12.876  15.463  3.100   1.00 31.85 ? 2086 HOH A O   1 
HETATM 1302 O  O   . HOH D 4 .   ? 14.194  10.575  -2.869  1.00 35.45 ? 2087 HOH A O   1 
HETATM 1303 O  O   . HOH D 4 .   ? 11.922  14.077  -2.884  1.00 43.81 ? 2088 HOH A O   1 
HETATM 1304 O  O   . HOH D 4 .   ? 8.397   15.800  3.225   1.00 32.90 ? 2089 HOH A O   1 
HETATM 1305 O  O   . HOH D 4 .   ? 12.243  6.832   -1.436  1.00 30.61 ? 2090 HOH A O   1 
HETATM 1306 O  O   . HOH D 4 .   ? 13.420  6.668   -4.554  1.00 43.38 ? 2091 HOH A O   1 
HETATM 1307 O  O   . HOH D 4 .   ? 12.718  11.101  -10.003 1.00 51.41 ? 2092 HOH A O   1 
HETATM 1308 O  O   . HOH D 4 .   ? 3.150   14.682  -15.585 1.00 38.48 ? 2093 HOH A O   1 
HETATM 1309 O  O   . HOH D 4 .   ? -2.766  16.527  -7.879  1.00 40.63 ? 2094 HOH A O   1 
HETATM 1310 O  O   . HOH D 4 .   ? 3.616   20.243  -13.458 1.00 48.92 ? 2095 HOH A O   1 
HETATM 1311 O  O   . HOH D 4 .   ? -3.893  12.573  -13.934 1.00 30.90 ? 2096 HOH A O   1 
HETATM 1312 O  O   . HOH D 4 .   ? 5.025   9.943   -13.790 1.00 40.34 ? 2097 HOH A O   1 
HETATM 1313 O  O   . HOH D 4 .   ? -4.675  16.453  -11.374 1.00 49.43 ? 2098 HOH A O   1 
HETATM 1314 O  O   . HOH D 4 .   ? -8.660  14.847  -8.664  1.00 52.46 ? 2099 HOH A O   1 
HETATM 1315 O  O   . HOH D 4 .   ? -8.038  7.201   -3.385  1.00 68.16 ? 2100 HOH A O   1 
HETATM 1316 O  O   . HOH D 4 .   ? -10.638 5.718   -8.671  1.00 40.63 ? 2101 HOH A O   1 
HETATM 1317 O  O   . HOH D 4 .   ? -12.470 3.996   -3.304  1.00 46.91 ? 2102 HOH A O   1 
HETATM 1318 O  O   . HOH D 4 .   ? -14.245 -2.366  -8.213  1.00 46.56 ? 2103 HOH A O   1 
HETATM 1319 O  O   . HOH D 4 .   ? -18.000 -1.719  -1.220  1.00 49.22 ? 2104 HOH A O   1 
HETATM 1320 O  O   . HOH D 4 .   ? -19.650 -4.173  1.074   1.00 81.12 ? 2105 HOH A O   1 
HETATM 1321 O  O   . HOH D 4 .   ? -5.144  -12.732 -0.115  1.00 60.56 ? 2106 HOH A O   1 
HETATM 1322 O  O   . HOH D 4 .   ? 1.016   -10.439 5.852   1.00 32.39 ? 2107 HOH A O   1 
# 
loop_
_pdbx_poly_seq_scheme.asym_id 
_pdbx_poly_seq_scheme.entity_id 
_pdbx_poly_seq_scheme.seq_id 
_pdbx_poly_seq_scheme.mon_id 
_pdbx_poly_seq_scheme.ndb_seq_num 
_pdbx_poly_seq_scheme.pdb_seq_num 
_pdbx_poly_seq_scheme.auth_seq_num 
_pdbx_poly_seq_scheme.pdb_mon_id 
_pdbx_poly_seq_scheme.auth_mon_id 
_pdbx_poly_seq_scheme.pdb_strand_id 
_pdbx_poly_seq_scheme.pdb_ins_code 
_pdbx_poly_seq_scheme.hetero 
A 1 1   MET 1   1   ?   ?   ?   A . n 
A 1 2   GLU 2   2   ?   ?   ?   A . n 
A 1 3   ARG 3   3   3   ARG ARG A . n 
A 1 4   PRO 4   4   4   PRO PRO A . n 
A 1 5   GLU 5   5   5   GLU GLU A . n 
A 1 6   SER 6   6   6   SER SER A . n 
A 1 7   GLU 7   7   7   GLU GLU A . n 
A 1 8   LEU 8   8   8   LEU LEU A . n 
A 1 9   ILE 9   9   9   ILE ILE A . n 
A 1 10  ARG 10  10  10  ARG ARG A . n 
A 1 11  GLN 11  11  11  GLN GLN A . n 
A 1 12  SER 12  12  12  SER SER A . n 
A 1 13  TRP 13  13  13  TRP TRP A . n 
A 1 14  ARG 14  14  14  ARG ARG A . n 
A 1 15  VAL 15  15  15  VAL VAL A . n 
A 1 16  VAL 16  16  16  VAL VAL A . n 
A 1 17  SER 17  17  17  SER SER A . n 
A 1 18  ARG 18  18  18  ARG ARG A . n 
A 1 19  SER 19  19  19  SER SER A . n 
A 1 20  PRO 20  20  20  PRO PRO A . n 
A 1 21  LEU 21  21  21  LEU LEU A . n 
A 1 22  GLU 22  22  22  GLU GLU A . n 
A 1 23  HIS 23  23  23  HIS HIS A . n 
A 1 24  GLY 24  24  24  GLY GLY A . n 
A 1 25  THR 25  25  25  THR THR A . n 
A 1 26  VAL 26  26  26  VAL VAL A . n 
A 1 27  LEU 27  27  27  LEU LEU A . n 
A 1 28  PHE 28  28  28  PHE PHE A . n 
A 1 29  ALA 29  29  29  ALA ALA A . n 
A 1 30  ARG 30  30  30  ARG ARG A . n 
A 1 31  LEU 31  31  31  LEU LEU A . n 
A 1 32  PHE 32  32  32  PHE PHE A . n 
A 1 33  ALA 33  33  33  ALA ALA A . n 
A 1 34  LEU 34  34  34  LEU LEU A . n 
A 1 35  GLU 35  35  35  GLU GLU A . n 
A 1 36  PRO 36  36  36  PRO PRO A . n 
A 1 37  SER 37  37  37  SER SER A . n 
A 1 38  LEU 38  38  38  LEU LEU A . n 
A 1 39  LEU 39  39  39  LEU LEU A . n 
A 1 40  PRO 40  40  40  PRO PRO A . n 
A 1 41  LEU 41  41  41  LEU LEU A . n 
A 1 42  PHE 42  42  42  PHE PHE A . n 
A 1 43  GLN 43  43  43  GLN GLN A . n 
A 1 44  TYR 44  44  44  TYR TYR A . n 
A 1 45  ASN 45  45  45  ASN ASN A . n 
A 1 46  GLY 46  46  46  GLY GLY A . n 
A 1 47  ARG 47  47  47  ARG ARG A . n 
A 1 48  GLN 48  48  48  GLN GLN A . n 
A 1 49  PHE 49  49  49  PHE PHE A . n 
A 1 50  SER 50  50  50  SER SER A . n 
A 1 51  SER 51  51  51  SER SER A . n 
A 1 52  PRO 52  52  52  PRO PRO A . n 
A 1 53  GLU 53  53  53  GLU GLU A . n 
A 1 54  ASP 54  54  54  ASP ASP A . n 
A 1 55  SER 55  55  55  SER SER A . n 
A 1 56  LEU 56  56  56  LEU LEU A . n 
A 1 57  SER 57  57  57  SER SER A . n 
A 1 58  SER 58  58  58  SER SER A . n 
A 1 59  PRO 59  59  59  PRO PRO A . n 
A 1 60  GLU 60  60  60  GLU GLU A . n 
A 1 61  PHE 61  61  61  PHE PHE A . n 
A 1 62  LEU 62  62  62  LEU LEU A . n 
A 1 63  ASP 63  63  63  ASP ASP A . n 
A 1 64  HIS 64  64  64  HIS HIS A . n 
A 1 65  ILE 65  65  65  ILE ILE A . n 
A 1 66  ARG 66  66  66  ARG ARG A . n 
A 1 67  LYS 67  67  67  LYS LYS A . n 
A 1 68  VAL 68  68  68  VAL VAL A . n 
A 1 69  MET 69  69  69  MET MET A . n 
A 1 70  LEU 70  70  70  LEU LEU A . n 
A 1 71  VAL 71  71  71  VAL VAL A . n 
A 1 72  ILE 72  72  72  ILE ILE A . n 
A 1 73  ASP 73  73  73  ASP ASP A . n 
A 1 74  ALA 74  74  74  ALA ALA A . n 
A 1 75  ALA 75  75  75  ALA ALA A . n 
A 1 76  VAL 76  76  76  VAL VAL A . n 
A 1 77  THR 77  77  77  THR THR A . n 
A 1 78  ASN 78  78  78  ASN ASN A . n 
A 1 79  VAL 79  79  79  VAL VAL A . n 
A 1 80  GLU 80  80  80  GLU GLU A . n 
A 1 81  ASP 81  81  81  ASP ASP A . n 
A 1 82  LEU 82  82  82  LEU LEU A . n 
A 1 83  SER 83  83  83  SER SER A . n 
A 1 84  SER 84  84  84  SER SER A . n 
A 1 85  LEU 85  85  85  LEU LEU A . n 
A 1 86  GLU 86  86  86  GLU GLU A . n 
A 1 87  GLU 87  87  87  GLU GLU A . n 
A 1 88  TYR 88  88  88  TYR TYR A . n 
A 1 89  LEU 89  89  89  LEU LEU A . n 
A 1 90  THR 90  90  90  THR THR A . n 
A 1 91  SER 91  91  91  SER SER A . n 
A 1 92  LEU 92  92  92  LEU LEU A . n 
A 1 93  GLY 93  93  93  GLY GLY A . n 
A 1 94  ARG 94  94  94  ARG ARG A . n 
A 1 95  LYS 95  95  95  LYS LYS A . n 
A 1 96  HIS 96  96  96  HIS HIS A . n 
A 1 97  ARG 97  97  97  ARG ARG A . n 
A 1 98  ALA 98  98  98  ALA ALA A . n 
A 1 99  VAL 99  99  99  VAL VAL A . n 
A 1 100 GLY 100 100 100 GLY GLY A . n 
A 1 101 VAL 101 101 101 VAL VAL A . n 
A 1 102 ARG 102 102 102 ARG ARG A . n 
A 1 103 LEU 103 103 103 LEU LEU A . n 
A 1 104 SER 104 104 104 SER SER A . n 
A 1 105 SER 105 105 105 SER SER A . n 
A 1 106 PHE 106 106 106 PHE PHE A . n 
A 1 107 SER 107 107 107 SER SER A . n 
A 1 108 THR 108 108 108 THR THR A . n 
A 1 109 VAL 109 109 109 VAL VAL A . n 
A 1 110 GLY 110 110 110 GLY GLY A . n 
A 1 111 GLU 111 111 111 GLU GLU A . n 
A 1 112 SER 112 112 112 SER SER A . n 
A 1 113 LEU 113 113 113 LEU LEU A . n 
A 1 114 LEU 114 114 114 LEU LEU A . n 
A 1 115 TYR 115 115 115 TYR TYR A . n 
A 1 116 MET 116 116 116 MET MET A . n 
A 1 117 LEU 117 117 117 LEU LEU A . n 
A 1 118 GLU 118 118 118 GLU GLU A . n 
A 1 119 LYS 119 119 119 LYS LYS A . n 
A 1 120 SER 120 120 120 SER SER A . n 
A 1 121 LEU 121 121 121 LEU LEU A . n 
A 1 122 GLY 122 122 122 GLY GLY A . n 
A 1 123 PRO 123 123 123 PRO PRO A . n 
A 1 124 ASP 124 124 124 ASP ASP A . n 
A 1 125 PHE 125 125 125 PHE PHE A . n 
A 1 126 THR 126 126 126 THR THR A . n 
A 1 127 PRO 127 127 127 PRO PRO A . n 
A 1 128 ALA 128 128 128 ALA ALA A . n 
A 1 129 THR 129 129 129 THR THR A . n 
A 1 130 ARG 130 130 130 ARG ARG A . n 
A 1 131 THR 131 131 131 THR THR A . n 
A 1 132 ALA 132 132 132 ALA ALA A . n 
A 1 133 TRP 133 133 133 TRP TRP A . n 
A 1 134 SER 134 134 134 SER SER A . n 
A 1 135 ARG 135 135 135 ARG ARG A . n 
A 1 136 LEU 136 136 136 LEU LEU A . n 
A 1 137 TYR 137 137 137 TYR TYR A . n 
A 1 138 GLY 138 138 138 GLY GLY A . n 
A 1 139 ALA 139 139 139 ALA ALA A . n 
A 1 140 VAL 140 140 140 VAL VAL A . n 
A 1 141 VAL 141 141 141 VAL VAL A . n 
A 1 142 GLN 142 142 142 GLN GLN A . n 
A 1 143 ALA 143 143 143 ALA ALA A . n 
A 1 144 MET 144 144 144 MET MET A . n 
A 1 145 SER 145 145 145 SER SER A . n 
A 1 146 ARG 146 146 146 ARG ARG A . n 
A 1 147 GLY 147 147 147 GLY GLY A . n 
A 1 148 TRP 148 148 148 TRP TRP A . n 
A 1 149 ASP 149 149 ?   ?   ?   A . n 
A 1 150 GLY 150 150 ?   ?   ?   A . n 
A 1 151 GLU 151 151 ?   ?   ?   A . n 
# 
loop_
_pdbx_nonpoly_scheme.asym_id 
_pdbx_nonpoly_scheme.entity_id 
_pdbx_nonpoly_scheme.mon_id 
_pdbx_nonpoly_scheme.ndb_seq_num 
_pdbx_nonpoly_scheme.pdb_seq_num 
_pdbx_nonpoly_scheme.auth_seq_num 
_pdbx_nonpoly_scheme.pdb_mon_id 
_pdbx_nonpoly_scheme.auth_mon_id 
_pdbx_nonpoly_scheme.pdb_strand_id 
_pdbx_nonpoly_scheme.pdb_ins_code 
B 2 HEM 1   1149 1149 HEM HEM A . 
C 3 CMO 1   1150 1150 CMO CMO A . 
D 4 HOH 1   2001 2001 HOH HOH A . 
D 4 HOH 2   2002 2002 HOH HOH A . 
D 4 HOH 3   2003 2003 HOH HOH A . 
D 4 HOH 4   2004 2004 HOH HOH A . 
D 4 HOH 5   2005 2005 HOH HOH A . 
D 4 HOH 6   2006 2006 HOH HOH A . 
D 4 HOH 7   2007 2007 HOH HOH A . 
D 4 HOH 8   2008 2008 HOH HOH A . 
D 4 HOH 9   2009 2009 HOH HOH A . 
D 4 HOH 10  2010 2010 HOH HOH A . 
D 4 HOH 11  2011 2011 HOH HOH A . 
D 4 HOH 12  2012 2012 HOH HOH A . 
D 4 HOH 13  2013 2013 HOH HOH A . 
D 4 HOH 14  2014 2014 HOH HOH A . 
D 4 HOH 15  2015 2015 HOH HOH A . 
D 4 HOH 16  2016 2016 HOH HOH A . 
D 4 HOH 17  2017 2017 HOH HOH A . 
D 4 HOH 18  2018 2018 HOH HOH A . 
D 4 HOH 19  2019 2019 HOH HOH A . 
D 4 HOH 20  2020 2020 HOH HOH A . 
D 4 HOH 21  2021 2021 HOH HOH A . 
D 4 HOH 22  2022 2022 HOH HOH A . 
D 4 HOH 23  2023 2023 HOH HOH A . 
D 4 HOH 24  2024 2024 HOH HOH A . 
D 4 HOH 25  2025 2025 HOH HOH A . 
D 4 HOH 26  2026 2026 HOH HOH A . 
D 4 HOH 27  2027 2027 HOH HOH A . 
D 4 HOH 28  2028 2028 HOH HOH A . 
D 4 HOH 29  2029 2029 HOH HOH A . 
D 4 HOH 30  2030 2030 HOH HOH A . 
D 4 HOH 31  2031 2031 HOH HOH A . 
D 4 HOH 32  2032 2032 HOH HOH A . 
D 4 HOH 33  2033 2033 HOH HOH A . 
D 4 HOH 34  2034 2034 HOH HOH A . 
D 4 HOH 35  2035 2035 HOH HOH A . 
D 4 HOH 36  2036 2036 HOH HOH A . 
D 4 HOH 37  2037 2037 HOH HOH A . 
D 4 HOH 38  2038 2038 HOH HOH A . 
D 4 HOH 39  2039 2039 HOH HOH A . 
D 4 HOH 40  2040 2040 HOH HOH A . 
D 4 HOH 41  2041 2041 HOH HOH A . 
D 4 HOH 42  2042 2042 HOH HOH A . 
D 4 HOH 43  2043 2043 HOH HOH A . 
D 4 HOH 44  2044 2044 HOH HOH A . 
D 4 HOH 45  2045 2045 HOH HOH A . 
D 4 HOH 46  2046 2046 HOH HOH A . 
D 4 HOH 47  2047 2047 HOH HOH A . 
D 4 HOH 48  2048 2048 HOH HOH A . 
D 4 HOH 49  2049 2049 HOH HOH A . 
D 4 HOH 50  2050 2050 HOH HOH A . 
D 4 HOH 51  2051 2051 HOH HOH A . 
D 4 HOH 52  2052 2052 HOH HOH A . 
D 4 HOH 53  2053 2053 HOH HOH A . 
D 4 HOH 54  2054 2054 HOH HOH A . 
D 4 HOH 55  2055 2055 HOH HOH A . 
D 4 HOH 56  2056 2056 HOH HOH A . 
D 4 HOH 57  2057 2057 HOH HOH A . 
D 4 HOH 58  2058 2058 HOH HOH A . 
D 4 HOH 59  2059 2059 HOH HOH A . 
D 4 HOH 60  2060 2060 HOH HOH A . 
D 4 HOH 61  2061 2061 HOH HOH A . 
D 4 HOH 62  2062 2062 HOH HOH A . 
D 4 HOH 63  2063 2063 HOH HOH A . 
D 4 HOH 64  2064 2064 HOH HOH A . 
D 4 HOH 65  2065 2065 HOH HOH A . 
D 4 HOH 66  2066 2066 HOH HOH A . 
D 4 HOH 67  2067 2067 HOH HOH A . 
D 4 HOH 68  2068 2068 HOH HOH A . 
D 4 HOH 69  2069 2069 HOH HOH A . 
D 4 HOH 70  2070 2070 HOH HOH A . 
D 4 HOH 71  2071 2071 HOH HOH A . 
D 4 HOH 72  2072 2072 HOH HOH A . 
D 4 HOH 73  2073 2073 HOH HOH A . 
D 4 HOH 74  2074 2074 HOH HOH A . 
D 4 HOH 75  2075 2075 HOH HOH A . 
D 4 HOH 76  2076 2076 HOH HOH A . 
D 4 HOH 77  2077 2077 HOH HOH A . 
D 4 HOH 78  2078 2078 HOH HOH A . 
D 4 HOH 79  2079 2079 HOH HOH A . 
D 4 HOH 80  2080 2080 HOH HOH A . 
D 4 HOH 81  2081 2081 HOH HOH A . 
D 4 HOH 82  2082 2082 HOH HOH A . 
D 4 HOH 83  2083 2083 HOH HOH A . 
D 4 HOH 84  2084 2084 HOH HOH A . 
D 4 HOH 85  2085 2085 HOH HOH A . 
D 4 HOH 86  2086 2086 HOH HOH A . 
D 4 HOH 87  2087 2087 HOH HOH A . 
D 4 HOH 88  2088 2088 HOH HOH A . 
D 4 HOH 89  2089 2089 HOH HOH A . 
D 4 HOH 90  2090 2090 HOH HOH A . 
D 4 HOH 91  2091 2091 HOH HOH A . 
D 4 HOH 92  2092 2092 HOH HOH A . 
D 4 HOH 93  2093 2093 HOH HOH A . 
D 4 HOH 94  2094 2094 HOH HOH A . 
D 4 HOH 95  2095 2095 HOH HOH A . 
D 4 HOH 96  2096 2096 HOH HOH A . 
D 4 HOH 97  2097 2097 HOH HOH A . 
D 4 HOH 98  2098 2098 HOH HOH A . 
D 4 HOH 99  2099 2099 HOH HOH A . 
D 4 HOH 100 2100 2100 HOH HOH A . 
D 4 HOH 101 2101 2101 HOH HOH A . 
D 4 HOH 102 2102 2102 HOH HOH A . 
D 4 HOH 103 2103 2103 HOH HOH A . 
D 4 HOH 104 2104 2104 HOH HOH A . 
D 4 HOH 105 2105 2105 HOH HOH A . 
D 4 HOH 106 2106 2106 HOH HOH A . 
D 4 HOH 107 2107 2107 HOH HOH A . 
# 
_pdbx_struct_assembly.id                   1 
_pdbx_struct_assembly.details              author_and_software_defined_assembly 
_pdbx_struct_assembly.method_details       PQS 
_pdbx_struct_assembly.oligomeric_details   hexameric 
_pdbx_struct_assembly.oligomeric_count     6 
# 
_pdbx_struct_assembly_gen.assembly_id       1 
_pdbx_struct_assembly_gen.oper_expression   1,2,3,4,5,6 
_pdbx_struct_assembly_gen.asym_id_list      A,B,C,D 
# 
loop_
_pdbx_struct_oper_list.id 
_pdbx_struct_oper_list.type 
_pdbx_struct_oper_list.name 
_pdbx_struct_oper_list.symmetry_operation 
_pdbx_struct_oper_list.matrix[1][1] 
_pdbx_struct_oper_list.matrix[1][2] 
_pdbx_struct_oper_list.matrix[1][3] 
_pdbx_struct_oper_list.vector[1] 
_pdbx_struct_oper_list.matrix[2][1] 
_pdbx_struct_oper_list.matrix[2][2] 
_pdbx_struct_oper_list.matrix[2][3] 
_pdbx_struct_oper_list.vector[2] 
_pdbx_struct_oper_list.matrix[3][1] 
_pdbx_struct_oper_list.matrix[3][2] 
_pdbx_struct_oper_list.matrix[3][3] 
_pdbx_struct_oper_list.vector[3] 
1 'identity operation'         1_555  x,y,z                  1.0000000000  0.0000000000  0.0000000000  0.0000000000   0.0000000000  1.0000000000  0.0000000000  0.0000000000  0.0000000000  0.0000000000  1.0000000000  0.0000000000  
2 'crystal symmetry operation' 2_665  -y+1,x-y+1,z           0.7369102033  0.6511455947  0.1815840486  -9.6069212093  0.1118270137  -0.3823424692 0.9172289546  -2.7147690856 0.6666768867  -0.6556093736 -0.3545677341 30.4588966765 
3 'crystal symmetry operation' 3_565  -x+y,-x+1,z            0.7369102033  0.1118270137  0.6666768867  -12.9232196258 0.6511455947  -0.3823424692 -0.6556093736 25.1866710772 0.1815840486  0.9172289546  -0.3545677341 15.0342704353 
4 'crystal symmetry operation' 10_455 y-1/3,x+1/3,-z+1/3     -0.9014472207 -0.4228070581 0.0928821830  14.1470825995  -0.4228070581 0.8139093555  -0.3984793002 12.4863810447 0.0928821830  -0.3984793002 -0.9124621348 41.8282129339 
5 'crystal symmetry operation' 11_565 x-y+2/3,-y+4/3,-z+1/3  -0.6496445008 -0.4862107218 -0.5844323370 26.7841273672  -0.4862107218 -0.3252543016 0.8110541124  2.2014393498  -0.5844323370 0.8110541124  -0.0251011976 14.2250905227 
6 'crystal symmetry operation' 12_555 -x+2/3,-x+y+1/3,-z+1/3 -0.9227286852 0.1460451715  -0.3567107812 16.5439965685  0.1460451715  -0.7239701154 -0.6741943933 32.4592311778 -0.3567107812 -0.6741943933 0.6466988005  16.8733065223 
# 
loop_
_pdbx_struct_conn_angle.id 
_pdbx_struct_conn_angle.ptnr1_label_atom_id 
_pdbx_struct_conn_angle.ptnr1_label_alt_id 
_pdbx_struct_conn_angle.ptnr1_label_asym_id 
_pdbx_struct_conn_angle.ptnr1_label_comp_id 
_pdbx_struct_conn_angle.ptnr1_label_seq_id 
_pdbx_struct_conn_angle.ptnr1_auth_atom_id 
_pdbx_struct_conn_angle.ptnr1_auth_asym_id 
_pdbx_struct_conn_angle.ptnr1_auth_comp_id 
_pdbx_struct_conn_angle.ptnr1_auth_seq_id 
_pdbx_struct_conn_angle.ptnr1_PDB_ins_code 
_pdbx_struct_conn_angle.ptnr1_symmetry 
_pdbx_struct_conn_angle.ptnr2_label_atom_id 
_pdbx_struct_conn_angle.ptnr2_label_alt_id 
_pdbx_struct_conn_angle.ptnr2_label_asym_id 
_pdbx_struct_conn_angle.ptnr2_label_comp_id 
_pdbx_struct_conn_angle.ptnr2_label_seq_id 
_pdbx_struct_conn_angle.ptnr2_auth_atom_id 
_pdbx_struct_conn_angle.ptnr2_auth_asym_id 
_pdbx_struct_conn_angle.ptnr2_auth_comp_id 
_pdbx_struct_conn_angle.ptnr2_auth_seq_id 
_pdbx_struct_conn_angle.ptnr2_PDB_ins_code 
_pdbx_struct_conn_angle.ptnr2_symmetry 
_pdbx_struct_conn_angle.ptnr3_label_atom_id 
_pdbx_struct_conn_angle.ptnr3_label_alt_id 
_pdbx_struct_conn_angle.ptnr3_label_asym_id 
_pdbx_struct_conn_angle.ptnr3_label_comp_id 
_pdbx_struct_conn_angle.ptnr3_label_seq_id 
_pdbx_struct_conn_angle.ptnr3_auth_atom_id 
_pdbx_struct_conn_angle.ptnr3_auth_asym_id 
_pdbx_struct_conn_angle.ptnr3_auth_comp_id 
_pdbx_struct_conn_angle.ptnr3_auth_seq_id 
_pdbx_struct_conn_angle.ptnr3_PDB_ins_code 
_pdbx_struct_conn_angle.ptnr3_symmetry 
_pdbx_struct_conn_angle.value 
_pdbx_struct_conn_angle.value_esd 
1  NE2 ? A HIS 96 ? A HIS 96   ? 1_555 FE ? B HEM . ? A HEM 1149 ? 1_555 NA ? B HEM . ? A HEM 1149 ? 1_555 89.4  ? 
2  NE2 ? A HIS 96 ? A HIS 96   ? 1_555 FE ? B HEM . ? A HEM 1149 ? 1_555 NB ? B HEM . ? A HEM 1149 ? 1_555 90.2  ? 
3  NA  ? B HEM .  ? A HEM 1149 ? 1_555 FE ? B HEM . ? A HEM 1149 ? 1_555 NB ? B HEM . ? A HEM 1149 ? 1_555 89.0  ? 
4  NE2 ? A HIS 96 ? A HIS 96   ? 1_555 FE ? B HEM . ? A HEM 1149 ? 1_555 NC ? B HEM . ? A HEM 1149 ? 1_555 89.7  ? 
5  NA  ? B HEM .  ? A HEM 1149 ? 1_555 FE ? B HEM . ? A HEM 1149 ? 1_555 NC ? B HEM . ? A HEM 1149 ? 1_555 178.9 ? 
6  NB  ? B HEM .  ? A HEM 1149 ? 1_555 FE ? B HEM . ? A HEM 1149 ? 1_555 NC ? B HEM . ? A HEM 1149 ? 1_555 91.6  ? 
7  NE2 ? A HIS 96 ? A HIS 96   ? 1_555 FE ? B HEM . ? A HEM 1149 ? 1_555 ND ? B HEM . ? A HEM 1149 ? 1_555 89.4  ? 
8  NA  ? B HEM .  ? A HEM 1149 ? 1_555 FE ? B HEM . ? A HEM 1149 ? 1_555 ND ? B HEM . ? A HEM 1149 ? 1_555 89.9  ? 
9  NB  ? B HEM .  ? A HEM 1149 ? 1_555 FE ? B HEM . ? A HEM 1149 ? 1_555 ND ? B HEM . ? A HEM 1149 ? 1_555 178.8 ? 
10 NC  ? B HEM .  ? A HEM 1149 ? 1_555 FE ? B HEM . ? A HEM 1149 ? 1_555 ND ? B HEM . ? A HEM 1149 ? 1_555 89.5  ? 
11 NE2 ? A HIS 96 ? A HIS 96   ? 1_555 FE ? B HEM . ? A HEM 1149 ? 1_555 O  ? C CMO . ? A CMO 1150 ? 1_555 171.5 ? 
12 NA  ? B HEM .  ? A HEM 1149 ? 1_555 FE ? B HEM . ? A HEM 1149 ? 1_555 O  ? C CMO . ? A CMO 1150 ? 1_555 85.6  ? 
13 NB  ? B HEM .  ? A HEM 1149 ? 1_555 FE ? B HEM . ? A HEM 1149 ? 1_555 O  ? C CMO . ? A CMO 1150 ? 1_555 82.9  ? 
14 NC  ? B HEM .  ? A HEM 1149 ? 1_555 FE ? B HEM . ? A HEM 1149 ? 1_555 O  ? C CMO . ? A CMO 1150 ? 1_555 95.4  ? 
15 ND  ? B HEM .  ? A HEM 1149 ? 1_555 FE ? B HEM . ? A HEM 1149 ? 1_555 O  ? C CMO . ? A CMO 1150 ? 1_555 97.4  ? 
# 
loop_
_pdbx_audit_revision_history.ordinal 
_pdbx_audit_revision_history.data_content_type 
_pdbx_audit_revision_history.major_revision 
_pdbx_audit_revision_history.minor_revision 
_pdbx_audit_revision_history.revision_date 
1 'Structure model' 1 0 2004-11-02 
2 'Structure model' 1 1 2011-12-28 
3 'Structure model' 1 2 2019-05-22 
4 'Structure model' 1 3 2019-11-27 
5 'Structure model' 1 4 2023-12-13 
# 
_pdbx_audit_revision_details.ordinal             1 
_pdbx_audit_revision_details.revision_ordinal    1 
_pdbx_audit_revision_details.data_content_type   'Structure model' 
_pdbx_audit_revision_details.provider            repository 
_pdbx_audit_revision_details.type                'Initial release' 
_pdbx_audit_revision_details.description         ? 
_pdbx_audit_revision_details.details             ? 
# 
loop_
_pdbx_audit_revision_group.ordinal 
_pdbx_audit_revision_group.revision_ordinal 
_pdbx_audit_revision_group.data_content_type 
_pdbx_audit_revision_group.group 
1  2 'Structure model' 'Database references'       
2  2 'Structure model' 'Derived calculations'      
3  2 'Structure model' 'Non-polymer description'   
4  2 'Structure model' Other                       
5  2 'Structure model' 'Version format compliance' 
6  3 'Structure model' 'Data collection'           
7  3 'Structure model' Other                       
8  3 'Structure model' 'Refinement description'    
9  4 'Structure model' Advisory                    
10 4 'Structure model' 'Derived calculations'      
11 4 'Structure model' Other                       
12 5 'Structure model' 'Data collection'           
13 5 'Structure model' 'Database references'       
14 5 'Structure model' 'Derived calculations'      
15 5 'Structure model' 'Refinement description'    
# 
loop_
_pdbx_audit_revision_category.ordinal 
_pdbx_audit_revision_category.revision_ordinal 
_pdbx_audit_revision_category.data_content_type 
_pdbx_audit_revision_category.category 
1  3 'Structure model' pdbx_database_proc            
2  3 'Structure model' pdbx_database_status          
3  3 'Structure model' refine                        
4  4 'Structure model' pdbx_database_status          
5  4 'Structure model' pdbx_struct_conn_angle        
6  4 'Structure model' pdbx_validate_close_contact   
7  4 'Structure model' struct_conn                   
8  5 'Structure model' chem_comp_atom                
9  5 'Structure model' chem_comp_bond                
10 5 'Structure model' database_2                    
11 5 'Structure model' pdbx_initial_refinement_model 
12 5 'Structure model' struct_site                   
# 
loop_
_pdbx_audit_revision_item.ordinal 
_pdbx_audit_revision_item.revision_ordinal 
_pdbx_audit_revision_item.data_content_type 
_pdbx_audit_revision_item.item 
1 3 'Structure model' '_pdbx_database_status.recvd_author_approval' 
2 3 'Structure model' '_refine.pdbx_ls_cross_valid_method'          
3 4 'Structure model' '_pdbx_database_status.status_code_sf'        
4 5 'Structure model' '_database_2.pdbx_DOI'                        
5 5 'Structure model' '_database_2.pdbx_database_accession'         
6 5 'Structure model' '_struct_site.pdbx_auth_asym_id'              
7 5 'Structure model' '_struct_site.pdbx_auth_comp_id'              
8 5 'Structure model' '_struct_site.pdbx_auth_seq_id'               
# 
loop_
_software.name 
_software.classification 
_software.version 
_software.citation_id 
_software.pdbx_ordinal 
REFMAC    refinement       5.0 ? 1 
DENZO     'data reduction' .   ? 2 
SCALEPACK 'data scaling'   .   ? 3 
# 
_pdbx_entry_details.entry_id                 1W92 
_pdbx_entry_details.compound_details         'ENGINEERED RESIDUES CYS 55 SER, CYS 120 SER FOR CHAIN A' 
_pdbx_entry_details.source_details           ? 
_pdbx_entry_details.nonpolymer_details       ? 
_pdbx_entry_details.sequence_details         ? 
_pdbx_entry_details.has_ligand_of_interest   ? 
# 
_pdbx_validate_close_contact.id               1 
_pdbx_validate_close_contact.PDB_model_num    1 
_pdbx_validate_close_contact.auth_atom_id_1   FE 
_pdbx_validate_close_contact.auth_asym_id_1   A 
_pdbx_validate_close_contact.auth_comp_id_1   HEM 
_pdbx_validate_close_contact.auth_seq_id_1    1149 
_pdbx_validate_close_contact.PDB_ins_code_1   ? 
_pdbx_validate_close_contact.label_alt_id_1   ? 
_pdbx_validate_close_contact.auth_atom_id_2   C 
_pdbx_validate_close_contact.auth_asym_id_2   A 
_pdbx_validate_close_contact.auth_comp_id_2   CMO 
_pdbx_validate_close_contact.auth_seq_id_2    1150 
_pdbx_validate_close_contact.PDB_ins_code_2   ? 
_pdbx_validate_close_contact.label_alt_id_2   ? 
_pdbx_validate_close_contact.dist             1.81 
# 
loop_
_pdbx_validate_rmsd_angle.id 
_pdbx_validate_rmsd_angle.PDB_model_num 
_pdbx_validate_rmsd_angle.auth_atom_id_1 
_pdbx_validate_rmsd_angle.auth_asym_id_1 
_pdbx_validate_rmsd_angle.auth_comp_id_1 
_pdbx_validate_rmsd_angle.auth_seq_id_1 
_pdbx_validate_rmsd_angle.PDB_ins_code_1 
_pdbx_validate_rmsd_angle.label_alt_id_1 
_pdbx_validate_rmsd_angle.auth_atom_id_2 
_pdbx_validate_rmsd_angle.auth_asym_id_2 
_pdbx_validate_rmsd_angle.auth_comp_id_2 
_pdbx_validate_rmsd_angle.auth_seq_id_2 
_pdbx_validate_rmsd_angle.PDB_ins_code_2 
_pdbx_validate_rmsd_angle.label_alt_id_2 
_pdbx_validate_rmsd_angle.auth_atom_id_3 
_pdbx_validate_rmsd_angle.auth_asym_id_3 
_pdbx_validate_rmsd_angle.auth_comp_id_3 
_pdbx_validate_rmsd_angle.auth_seq_id_3 
_pdbx_validate_rmsd_angle.PDB_ins_code_3 
_pdbx_validate_rmsd_angle.label_alt_id_3 
_pdbx_validate_rmsd_angle.angle_value 
_pdbx_validate_rmsd_angle.angle_target_value 
_pdbx_validate_rmsd_angle.angle_deviation 
_pdbx_validate_rmsd_angle.angle_standard_deviation 
_pdbx_validate_rmsd_angle.linker_flag 
1 1 NE A ARG 10  ? ? CZ A ARG 10  ? ? NH1 A ARG 10  ? ? 123.45 120.30 3.15  0.50 N 
2 1 NE A ARG 10  ? ? CZ A ARG 10  ? ? NH2 A ARG 10  ? ? 116.40 120.30 -3.90 0.50 N 
3 1 CD A ARG 18  ? ? NE A ARG 18  ? ? CZ  A ARG 18  ? ? 148.23 123.60 24.63 1.40 N 
4 1 NE A ARG 66  ? ? CZ A ARG 66  ? ? NH1 A ARG 66  ? ? 125.54 120.30 5.24  0.50 N 
5 1 CB A ASP 81  ? ? CA A ASP 81  ? ? C   A ASP 81  ? ? 122.56 110.40 12.16 2.00 N 
6 1 CD A ARG 94  ? ? NE A ARG 94  ? ? CZ  A ARG 94  ? ? 132.17 123.60 8.57  1.40 N 
7 1 CD A ARG 135 ? ? NE A ARG 135 ? ? CZ  A ARG 135 ? ? 167.89 123.60 44.29 1.40 N 
8 1 NE A ARG 135 ? ? CZ A ARG 135 ? ? NH2 A ARG 135 ? ? 124.15 120.30 3.85  0.50 N 
# 
loop_
_pdbx_validate_torsion.id 
_pdbx_validate_torsion.PDB_model_num 
_pdbx_validate_torsion.auth_comp_id 
_pdbx_validate_torsion.auth_asym_id 
_pdbx_validate_torsion.auth_seq_id 
_pdbx_validate_torsion.PDB_ins_code 
_pdbx_validate_torsion.label_alt_id 
_pdbx_validate_torsion.phi 
_pdbx_validate_torsion.psi 
1 1 ASP A 81 ? ? -116.96 -85.21 
2 1 LEU A 82 ? ? 106.91  -19.98 
# 
_pdbx_distant_solvent_atoms.id                                1 
_pdbx_distant_solvent_atoms.PDB_model_num                     1 
_pdbx_distant_solvent_atoms.auth_atom_id                      O 
_pdbx_distant_solvent_atoms.label_alt_id                      ? 
_pdbx_distant_solvent_atoms.auth_asym_id                      A 
_pdbx_distant_solvent_atoms.auth_comp_id                      HOH 
_pdbx_distant_solvent_atoms.auth_seq_id                       2035 
_pdbx_distant_solvent_atoms.PDB_ins_code                      ? 
_pdbx_distant_solvent_atoms.neighbor_macromolecule_distance   6.11 
_pdbx_distant_solvent_atoms.neighbor_ligand_distance          . 
# 
loop_
_pdbx_unobs_or_zero_occ_residues.id 
_pdbx_unobs_or_zero_occ_residues.PDB_model_num 
_pdbx_unobs_or_zero_occ_residues.polymer_flag 
_pdbx_unobs_or_zero_occ_residues.occupancy_flag 
_pdbx_unobs_or_zero_occ_residues.auth_asym_id 
_pdbx_unobs_or_zero_occ_residues.auth_comp_id 
_pdbx_unobs_or_zero_occ_residues.auth_seq_id 
_pdbx_unobs_or_zero_occ_residues.PDB_ins_code 
_pdbx_unobs_or_zero_occ_residues.label_asym_id 
_pdbx_unobs_or_zero_occ_residues.label_comp_id 
_pdbx_unobs_or_zero_occ_residues.label_seq_id 
1 1 Y 1 A MET 1   ? A MET 1   
2 1 Y 1 A GLU 2   ? A GLU 2   
3 1 Y 1 A ASP 149 ? A ASP 149 
4 1 Y 1 A GLY 150 ? A GLY 150 
5 1 Y 1 A GLU 151 ? A GLU 151 
# 
loop_
_chem_comp_atom.comp_id 
_chem_comp_atom.atom_id 
_chem_comp_atom.type_symbol 
_chem_comp_atom.pdbx_aromatic_flag 
_chem_comp_atom.pdbx_stereo_config 
_chem_comp_atom.pdbx_ordinal 
ALA N    N  N N 1   
ALA CA   C  N S 2   
ALA C    C  N N 3   
ALA O    O  N N 4   
ALA CB   C  N N 5   
ALA OXT  O  N N 6   
ALA H    H  N N 7   
ALA H2   H  N N 8   
ALA HA   H  N N 9   
ALA HB1  H  N N 10  
ALA HB2  H  N N 11  
ALA HB3  H  N N 12  
ALA HXT  H  N N 13  
ARG N    N  N N 14  
ARG CA   C  N S 15  
ARG C    C  N N 16  
ARG O    O  N N 17  
ARG CB   C  N N 18  
ARG CG   C  N N 19  
ARG CD   C  N N 20  
ARG NE   N  N N 21  
ARG CZ   C  N N 22  
ARG NH1  N  N N 23  
ARG NH2  N  N N 24  
ARG OXT  O  N N 25  
ARG H    H  N N 26  
ARG H2   H  N N 27  
ARG HA   H  N N 28  
ARG HB2  H  N N 29  
ARG HB3  H  N N 30  
ARG HG2  H  N N 31  
ARG HG3  H  N N 32  
ARG HD2  H  N N 33  
ARG HD3  H  N N 34  
ARG HE   H  N N 35  
ARG HH11 H  N N 36  
ARG HH12 H  N N 37  
ARG HH21 H  N N 38  
ARG HH22 H  N N 39  
ARG HXT  H  N N 40  
ASN N    N  N N 41  
ASN CA   C  N S 42  
ASN C    C  N N 43  
ASN O    O  N N 44  
ASN CB   C  N N 45  
ASN CG   C  N N 46  
ASN OD1  O  N N 47  
ASN ND2  N  N N 48  
ASN OXT  O  N N 49  
ASN H    H  N N 50  
ASN H2   H  N N 51  
ASN HA   H  N N 52  
ASN HB2  H  N N 53  
ASN HB3  H  N N 54  
ASN HD21 H  N N 55  
ASN HD22 H  N N 56  
ASN HXT  H  N N 57  
ASP N    N  N N 58  
ASP CA   C  N S 59  
ASP C    C  N N 60  
ASP O    O  N N 61  
ASP CB   C  N N 62  
ASP CG   C  N N 63  
ASP OD1  O  N N 64  
ASP OD2  O  N N 65  
ASP OXT  O  N N 66  
ASP H    H  N N 67  
ASP H2   H  N N 68  
ASP HA   H  N N 69  
ASP HB2  H  N N 70  
ASP HB3  H  N N 71  
ASP HD2  H  N N 72  
ASP HXT  H  N N 73  
CMO C    C  N N 74  
CMO O    O  N N 75  
CYS N    N  N N 76  
CYS CA   C  N R 77  
CYS C    C  N N 78  
CYS O    O  N N 79  
CYS CB   C  N N 80  
CYS SG   S  N N 81  
CYS OXT  O  N N 82  
CYS H    H  N N 83  
CYS H2   H  N N 84  
CYS HA   H  N N 85  
CYS HB2  H  N N 86  
CYS HB3  H  N N 87  
CYS HG   H  N N 88  
CYS HXT  H  N N 89  
GLN N    N  N N 90  
GLN CA   C  N S 91  
GLN C    C  N N 92  
GLN O    O  N N 93  
GLN CB   C  N N 94  
GLN CG   C  N N 95  
GLN CD   C  N N 96  
GLN OE1  O  N N 97  
GLN NE2  N  N N 98  
GLN OXT  O  N N 99  
GLN H    H  N N 100 
GLN H2   H  N N 101 
GLN HA   H  N N 102 
GLN HB2  H  N N 103 
GLN HB3  H  N N 104 
GLN HG2  H  N N 105 
GLN HG3  H  N N 106 
GLN HE21 H  N N 107 
GLN HE22 H  N N 108 
GLN HXT  H  N N 109 
GLU N    N  N N 110 
GLU CA   C  N S 111 
GLU C    C  N N 112 
GLU O    O  N N 113 
GLU CB   C  N N 114 
GLU CG   C  N N 115 
GLU CD   C  N N 116 
GLU OE1  O  N N 117 
GLU OE2  O  N N 118 
GLU OXT  O  N N 119 
GLU H    H  N N 120 
GLU H2   H  N N 121 
GLU HA   H  N N 122 
GLU HB2  H  N N 123 
GLU HB3  H  N N 124 
GLU HG2  H  N N 125 
GLU HG3  H  N N 126 
GLU HE2  H  N N 127 
GLU HXT  H  N N 128 
GLY N    N  N N 129 
GLY CA   C  N N 130 
GLY C    C  N N 131 
GLY O    O  N N 132 
GLY OXT  O  N N 133 
GLY H    H  N N 134 
GLY H2   H  N N 135 
GLY HA2  H  N N 136 
GLY HA3  H  N N 137 
GLY HXT  H  N N 138 
HEM CHA  C  N N 139 
HEM CHB  C  N N 140 
HEM CHC  C  N N 141 
HEM CHD  C  N N 142 
HEM C1A  C  Y N 143 
HEM C2A  C  Y N 144 
HEM C3A  C  Y N 145 
HEM C4A  C  Y N 146 
HEM CMA  C  N N 147 
HEM CAA  C  N N 148 
HEM CBA  C  N N 149 
HEM CGA  C  N N 150 
HEM O1A  O  N N 151 
HEM O2A  O  N N 152 
HEM C1B  C  N N 153 
HEM C2B  C  N N 154 
HEM C3B  C  N N 155 
HEM C4B  C  N N 156 
HEM CMB  C  N N 157 
HEM CAB  C  N N 158 
HEM CBB  C  N N 159 
HEM C1C  C  Y N 160 
HEM C2C  C  Y N 161 
HEM C3C  C  Y N 162 
HEM C4C  C  Y N 163 
HEM CMC  C  N N 164 
HEM CAC  C  N N 165 
HEM CBC  C  N N 166 
HEM C1D  C  N N 167 
HEM C2D  C  N N 168 
HEM C3D  C  N N 169 
HEM C4D  C  N N 170 
HEM CMD  C  N N 171 
HEM CAD  C  N N 172 
HEM CBD  C  N N 173 
HEM CGD  C  N N 174 
HEM O1D  O  N N 175 
HEM O2D  O  N N 176 
HEM NA   N  Y N 177 
HEM NB   N  N N 178 
HEM NC   N  Y N 179 
HEM ND   N  N N 180 
HEM FE   FE N N 181 
HEM HHB  H  N N 182 
HEM HHC  H  N N 183 
HEM HHD  H  N N 184 
HEM HMA  H  N N 185 
HEM HMAA H  N N 186 
HEM HMAB H  N N 187 
HEM HAA  H  N N 188 
HEM HAAA H  N N 189 
HEM HBA  H  N N 190 
HEM HBAA H  N N 191 
HEM HMB  H  N N 192 
HEM HMBA H  N N 193 
HEM HMBB H  N N 194 
HEM HAB  H  N N 195 
HEM HBB  H  N N 196 
HEM HBBA H  N N 197 
HEM HMC  H  N N 198 
HEM HMCA H  N N 199 
HEM HMCB H  N N 200 
HEM HAC  H  N N 201 
HEM HBC  H  N N 202 
HEM HBCA H  N N 203 
HEM HMD  H  N N 204 
HEM HMDA H  N N 205 
HEM HMDB H  N N 206 
HEM HAD  H  N N 207 
HEM HADA H  N N 208 
HEM HBD  H  N N 209 
HEM HBDA H  N N 210 
HEM H2A  H  N N 211 
HEM H2D  H  N N 212 
HEM HHA  H  N N 213 
HIS N    N  N N 214 
HIS CA   C  N S 215 
HIS C    C  N N 216 
HIS O    O  N N 217 
HIS CB   C  N N 218 
HIS CG   C  Y N 219 
HIS ND1  N  Y N 220 
HIS CD2  C  Y N 221 
HIS CE1  C  Y N 222 
HIS NE2  N  Y N 223 
HIS OXT  O  N N 224 
HIS H    H  N N 225 
HIS H2   H  N N 226 
HIS HA   H  N N 227 
HIS HB2  H  N N 228 
HIS HB3  H  N N 229 
HIS HD1  H  N N 230 
HIS HD2  H  N N 231 
HIS HE1  H  N N 232 
HIS HE2  H  N N 233 
HIS HXT  H  N N 234 
HOH O    O  N N 235 
HOH H1   H  N N 236 
HOH H2   H  N N 237 
ILE N    N  N N 238 
ILE CA   C  N S 239 
ILE C    C  N N 240 
ILE O    O  N N 241 
ILE CB   C  N S 242 
ILE CG1  C  N N 243 
ILE CG2  C  N N 244 
ILE CD1  C  N N 245 
ILE OXT  O  N N 246 
ILE H    H  N N 247 
ILE H2   H  N N 248 
ILE HA   H  N N 249 
ILE HB   H  N N 250 
ILE HG12 H  N N 251 
ILE HG13 H  N N 252 
ILE HG21 H  N N 253 
ILE HG22 H  N N 254 
ILE HG23 H  N N 255 
ILE HD11 H  N N 256 
ILE HD12 H  N N 257 
ILE HD13 H  N N 258 
ILE HXT  H  N N 259 
LEU N    N  N N 260 
LEU CA   C  N S 261 
LEU C    C  N N 262 
LEU O    O  N N 263 
LEU CB   C  N N 264 
LEU CG   C  N N 265 
LEU CD1  C  N N 266 
LEU CD2  C  N N 267 
LEU OXT  O  N N 268 
LEU H    H  N N 269 
LEU H2   H  N N 270 
LEU HA   H  N N 271 
LEU HB2  H  N N 272 
LEU HB3  H  N N 273 
LEU HG   H  N N 274 
LEU HD11 H  N N 275 
LEU HD12 H  N N 276 
LEU HD13 H  N N 277 
LEU HD21 H  N N 278 
LEU HD22 H  N N 279 
LEU HD23 H  N N 280 
LEU HXT  H  N N 281 
LYS N    N  N N 282 
LYS CA   C  N S 283 
LYS C    C  N N 284 
LYS O    O  N N 285 
LYS CB   C  N N 286 
LYS CG   C  N N 287 
LYS CD   C  N N 288 
LYS CE   C  N N 289 
LYS NZ   N  N N 290 
LYS OXT  O  N N 291 
LYS H    H  N N 292 
LYS H2   H  N N 293 
LYS HA   H  N N 294 
LYS HB2  H  N N 295 
LYS HB3  H  N N 296 
LYS HG2  H  N N 297 
LYS HG3  H  N N 298 
LYS HD2  H  N N 299 
LYS HD3  H  N N 300 
LYS HE2  H  N N 301 
LYS HE3  H  N N 302 
LYS HZ1  H  N N 303 
LYS HZ2  H  N N 304 
LYS HZ3  H  N N 305 
LYS HXT  H  N N 306 
MET N    N  N N 307 
MET CA   C  N S 308 
MET C    C  N N 309 
MET O    O  N N 310 
MET CB   C  N N 311 
MET CG   C  N N 312 
MET SD   S  N N 313 
MET CE   C  N N 314 
MET OXT  O  N N 315 
MET H    H  N N 316 
MET H2   H  N N 317 
MET HA   H  N N 318 
MET HB2  H  N N 319 
MET HB3  H  N N 320 
MET HG2  H  N N 321 
MET HG3  H  N N 322 
MET HE1  H  N N 323 
MET HE2  H  N N 324 
MET HE3  H  N N 325 
MET HXT  H  N N 326 
PHE N    N  N N 327 
PHE CA   C  N S 328 
PHE C    C  N N 329 
PHE O    O  N N 330 
PHE CB   C  N N 331 
PHE CG   C  Y N 332 
PHE CD1  C  Y N 333 
PHE CD2  C  Y N 334 
PHE CE1  C  Y N 335 
PHE CE2  C  Y N 336 
PHE CZ   C  Y N 337 
PHE OXT  O  N N 338 
PHE H    H  N N 339 
PHE H2   H  N N 340 
PHE HA   H  N N 341 
PHE HB2  H  N N 342 
PHE HB3  H  N N 343 
PHE HD1  H  N N 344 
PHE HD2  H  N N 345 
PHE HE1  H  N N 346 
PHE HE2  H  N N 347 
PHE HZ   H  N N 348 
PHE HXT  H  N N 349 
PRO N    N  N N 350 
PRO CA   C  N S 351 
PRO C    C  N N 352 
PRO O    O  N N 353 
PRO CB   C  N N 354 
PRO CG   C  N N 355 
PRO CD   C  N N 356 
PRO OXT  O  N N 357 
PRO H    H  N N 358 
PRO HA   H  N N 359 
PRO HB2  H  N N 360 
PRO HB3  H  N N 361 
PRO HG2  H  N N 362 
PRO HG3  H  N N 363 
PRO HD2  H  N N 364 
PRO HD3  H  N N 365 
PRO HXT  H  N N 366 
SER N    N  N N 367 
SER CA   C  N S 368 
SER C    C  N N 369 
SER O    O  N N 370 
SER CB   C  N N 371 
SER OG   O  N N 372 
SER OXT  O  N N 373 
SER H    H  N N 374 
SER H2   H  N N 375 
SER HA   H  N N 376 
SER HB2  H  N N 377 
SER HB3  H  N N 378 
SER HG   H  N N 379 
SER HXT  H  N N 380 
THR N    N  N N 381 
THR CA   C  N S 382 
THR C    C  N N 383 
THR O    O  N N 384 
THR CB   C  N R 385 
THR OG1  O  N N 386 
THR CG2  C  N N 387 
THR OXT  O  N N 388 
THR H    H  N N 389 
THR H2   H  N N 390 
THR HA   H  N N 391 
THR HB   H  N N 392 
THR HG1  H  N N 393 
THR HG21 H  N N 394 
THR HG22 H  N N 395 
THR HG23 H  N N 396 
THR HXT  H  N N 397 
TRP N    N  N N 398 
TRP CA   C  N S 399 
TRP C    C  N N 400 
TRP O    O  N N 401 
TRP CB   C  N N 402 
TRP CG   C  Y N 403 
TRP CD1  C  Y N 404 
TRP CD2  C  Y N 405 
TRP NE1  N  Y N 406 
TRP CE2  C  Y N 407 
TRP CE3  C  Y N 408 
TRP CZ2  C  Y N 409 
TRP CZ3  C  Y N 410 
TRP CH2  C  Y N 411 
TRP OXT  O  N N 412 
TRP H    H  N N 413 
TRP H2   H  N N 414 
TRP HA   H  N N 415 
TRP HB2  H  N N 416 
TRP HB3  H  N N 417 
TRP HD1  H  N N 418 
TRP HE1  H  N N 419 
TRP HE3  H  N N 420 
TRP HZ2  H  N N 421 
TRP HZ3  H  N N 422 
TRP HH2  H  N N 423 
TRP HXT  H  N N 424 
TYR N    N  N N 425 
TYR CA   C  N S 426 
TYR C    C  N N 427 
TYR O    O  N N 428 
TYR CB   C  N N 429 
TYR CG   C  Y N 430 
TYR CD1  C  Y N 431 
TYR CD2  C  Y N 432 
TYR CE1  C  Y N 433 
TYR CE2  C  Y N 434 
TYR CZ   C  Y N 435 
TYR OH   O  N N 436 
TYR OXT  O  N N 437 
TYR H    H  N N 438 
TYR H2   H  N N 439 
TYR HA   H  N N 440 
TYR HB2  H  N N 441 
TYR HB3  H  N N 442 
TYR HD1  H  N N 443 
TYR HD2  H  N N 444 
TYR HE1  H  N N 445 
TYR HE2  H  N N 446 
TYR HH   H  N N 447 
TYR HXT  H  N N 448 
VAL N    N  N N 449 
VAL CA   C  N S 450 
VAL C    C  N N 451 
VAL O    O  N N 452 
VAL CB   C  N N 453 
VAL CG1  C  N N 454 
VAL CG2  C  N N 455 
VAL OXT  O  N N 456 
VAL H    H  N N 457 
VAL H2   H  N N 458 
VAL HA   H  N N 459 
VAL HB   H  N N 460 
VAL HG11 H  N N 461 
VAL HG12 H  N N 462 
VAL HG13 H  N N 463 
VAL HG21 H  N N 464 
VAL HG22 H  N N 465 
VAL HG23 H  N N 466 
VAL HXT  H  N N 467 
# 
loop_
_chem_comp_bond.comp_id 
_chem_comp_bond.atom_id_1 
_chem_comp_bond.atom_id_2 
_chem_comp_bond.value_order 
_chem_comp_bond.pdbx_aromatic_flag 
_chem_comp_bond.pdbx_stereo_config 
_chem_comp_bond.pdbx_ordinal 
ALA N   CA   sing N N 1   
ALA N   H    sing N N 2   
ALA N   H2   sing N N 3   
ALA CA  C    sing N N 4   
ALA CA  CB   sing N N 5   
ALA CA  HA   sing N N 6   
ALA C   O    doub N N 7   
ALA C   OXT  sing N N 8   
ALA CB  HB1  sing N N 9   
ALA CB  HB2  sing N N 10  
ALA CB  HB3  sing N N 11  
ALA OXT HXT  sing N N 12  
ARG N   CA   sing N N 13  
ARG N   H    sing N N 14  
ARG N   H2   sing N N 15  
ARG CA  C    sing N N 16  
ARG CA  CB   sing N N 17  
ARG CA  HA   sing N N 18  
ARG C   O    doub N N 19  
ARG C   OXT  sing N N 20  
ARG CB  CG   sing N N 21  
ARG CB  HB2  sing N N 22  
ARG CB  HB3  sing N N 23  
ARG CG  CD   sing N N 24  
ARG CG  HG2  sing N N 25  
ARG CG  HG3  sing N N 26  
ARG CD  NE   sing N N 27  
ARG CD  HD2  sing N N 28  
ARG CD  HD3  sing N N 29  
ARG NE  CZ   sing N N 30  
ARG NE  HE   sing N N 31  
ARG CZ  NH1  sing N N 32  
ARG CZ  NH2  doub N N 33  
ARG NH1 HH11 sing N N 34  
ARG NH1 HH12 sing N N 35  
ARG NH2 HH21 sing N N 36  
ARG NH2 HH22 sing N N 37  
ARG OXT HXT  sing N N 38  
ASN N   CA   sing N N 39  
ASN N   H    sing N N 40  
ASN N   H2   sing N N 41  
ASN CA  C    sing N N 42  
ASN CA  CB   sing N N 43  
ASN CA  HA   sing N N 44  
ASN C   O    doub N N 45  
ASN C   OXT  sing N N 46  
ASN CB  CG   sing N N 47  
ASN CB  HB2  sing N N 48  
ASN CB  HB3  sing N N 49  
ASN CG  OD1  doub N N 50  
ASN CG  ND2  sing N N 51  
ASN ND2 HD21 sing N N 52  
ASN ND2 HD22 sing N N 53  
ASN OXT HXT  sing N N 54  
ASP N   CA   sing N N 55  
ASP N   H    sing N N 56  
ASP N   H2   sing N N 57  
ASP CA  C    sing N N 58  
ASP CA  CB   sing N N 59  
ASP CA  HA   sing N N 60  
ASP C   O    doub N N 61  
ASP C   OXT  sing N N 62  
ASP CB  CG   sing N N 63  
ASP CB  HB2  sing N N 64  
ASP CB  HB3  sing N N 65  
ASP CG  OD1  doub N N 66  
ASP CG  OD2  sing N N 67  
ASP OD2 HD2  sing N N 68  
ASP OXT HXT  sing N N 69  
CMO C   O    trip N N 70  
CYS N   CA   sing N N 71  
CYS N   H    sing N N 72  
CYS N   H2   sing N N 73  
CYS CA  C    sing N N 74  
CYS CA  CB   sing N N 75  
CYS CA  HA   sing N N 76  
CYS C   O    doub N N 77  
CYS C   OXT  sing N N 78  
CYS CB  SG   sing N N 79  
CYS CB  HB2  sing N N 80  
CYS CB  HB3  sing N N 81  
CYS SG  HG   sing N N 82  
CYS OXT HXT  sing N N 83  
GLN N   CA   sing N N 84  
GLN N   H    sing N N 85  
GLN N   H2   sing N N 86  
GLN CA  C    sing N N 87  
GLN CA  CB   sing N N 88  
GLN CA  HA   sing N N 89  
GLN C   O    doub N N 90  
GLN C   OXT  sing N N 91  
GLN CB  CG   sing N N 92  
GLN CB  HB2  sing N N 93  
GLN CB  HB3  sing N N 94  
GLN CG  CD   sing N N 95  
GLN CG  HG2  sing N N 96  
GLN CG  HG3  sing N N 97  
GLN CD  OE1  doub N N 98  
GLN CD  NE2  sing N N 99  
GLN NE2 HE21 sing N N 100 
GLN NE2 HE22 sing N N 101 
GLN OXT HXT  sing N N 102 
GLU N   CA   sing N N 103 
GLU N   H    sing N N 104 
GLU N   H2   sing N N 105 
GLU CA  C    sing N N 106 
GLU CA  CB   sing N N 107 
GLU CA  HA   sing N N 108 
GLU C   O    doub N N 109 
GLU C   OXT  sing N N 110 
GLU CB  CG   sing N N 111 
GLU CB  HB2  sing N N 112 
GLU CB  HB3  sing N N 113 
GLU CG  CD   sing N N 114 
GLU CG  HG2  sing N N 115 
GLU CG  HG3  sing N N 116 
GLU CD  OE1  doub N N 117 
GLU CD  OE2  sing N N 118 
GLU OE2 HE2  sing N N 119 
GLU OXT HXT  sing N N 120 
GLY N   CA   sing N N 121 
GLY N   H    sing N N 122 
GLY N   H2   sing N N 123 
GLY CA  C    sing N N 124 
GLY CA  HA2  sing N N 125 
GLY CA  HA3  sing N N 126 
GLY C   O    doub N N 127 
GLY C   OXT  sing N N 128 
GLY OXT HXT  sing N N 129 
HEM CHA C1A  sing N N 130 
HEM CHA C4D  doub N N 131 
HEM CHA HHA  sing N N 132 
HEM CHB C4A  sing N N 133 
HEM CHB C1B  doub N N 134 
HEM CHB HHB  sing N N 135 
HEM CHC C4B  sing N N 136 
HEM CHC C1C  doub N N 137 
HEM CHC HHC  sing N N 138 
HEM CHD C4C  doub N N 139 
HEM CHD C1D  sing N N 140 
HEM CHD HHD  sing N N 141 
HEM C1A C2A  doub Y N 142 
HEM C1A NA   sing Y N 143 
HEM C2A C3A  sing Y N 144 
HEM C2A CAA  sing N N 145 
HEM C3A C4A  doub Y N 146 
HEM C3A CMA  sing N N 147 
HEM C4A NA   sing Y N 148 
HEM CMA HMA  sing N N 149 
HEM CMA HMAA sing N N 150 
HEM CMA HMAB sing N N 151 
HEM CAA CBA  sing N N 152 
HEM CAA HAA  sing N N 153 
HEM CAA HAAA sing N N 154 
HEM CBA CGA  sing N N 155 
HEM CBA HBA  sing N N 156 
HEM CBA HBAA sing N N 157 
HEM CGA O1A  doub N N 158 
HEM CGA O2A  sing N N 159 
HEM C1B C2B  sing N N 160 
HEM C1B NB   sing N N 161 
HEM C2B C3B  doub N N 162 
HEM C2B CMB  sing N N 163 
HEM C3B C4B  sing N N 164 
HEM C3B CAB  sing N N 165 
HEM C4B NB   doub N N 166 
HEM CMB HMB  sing N N 167 
HEM CMB HMBA sing N N 168 
HEM CMB HMBB sing N N 169 
HEM CAB CBB  doub N N 170 
HEM CAB HAB  sing N N 171 
HEM CBB HBB  sing N N 172 
HEM CBB HBBA sing N N 173 
HEM C1C C2C  sing Y N 174 
HEM C1C NC   sing Y N 175 
HEM C2C C3C  doub Y N 176 
HEM C2C CMC  sing N N 177 
HEM C3C C4C  sing Y N 178 
HEM C3C CAC  sing N N 179 
HEM C4C NC   sing Y N 180 
HEM CMC HMC  sing N N 181 
HEM CMC HMCA sing N N 182 
HEM CMC HMCB sing N N 183 
HEM CAC CBC  doub N N 184 
HEM CAC HAC  sing N N 185 
HEM CBC HBC  sing N N 186 
HEM CBC HBCA sing N N 187 
HEM C1D C2D  sing N N 188 
HEM C1D ND   doub N N 189 
HEM C2D C3D  doub N N 190 
HEM C2D CMD  sing N N 191 
HEM C3D C4D  sing N N 192 
HEM C3D CAD  sing N N 193 
HEM C4D ND   sing N N 194 
HEM CMD HMD  sing N N 195 
HEM CMD HMDA sing N N 196 
HEM CMD HMDB sing N N 197 
HEM CAD CBD  sing N N 198 
HEM CAD HAD  sing N N 199 
HEM CAD HADA sing N N 200 
HEM CBD CGD  sing N N 201 
HEM CBD HBD  sing N N 202 
HEM CBD HBDA sing N N 203 
HEM CGD O1D  doub N N 204 
HEM CGD O2D  sing N N 205 
HEM O2A H2A  sing N N 206 
HEM O2D H2D  sing N N 207 
HEM FE  NA   sing N N 208 
HEM FE  NB   sing N N 209 
HEM FE  NC   sing N N 210 
HEM FE  ND   sing N N 211 
HIS N   CA   sing N N 212 
HIS N   H    sing N N 213 
HIS N   H2   sing N N 214 
HIS CA  C    sing N N 215 
HIS CA  CB   sing N N 216 
HIS CA  HA   sing N N 217 
HIS C   O    doub N N 218 
HIS C   OXT  sing N N 219 
HIS CB  CG   sing N N 220 
HIS CB  HB2  sing N N 221 
HIS CB  HB3  sing N N 222 
HIS CG  ND1  sing Y N 223 
HIS CG  CD2  doub Y N 224 
HIS ND1 CE1  doub Y N 225 
HIS ND1 HD1  sing N N 226 
HIS CD2 NE2  sing Y N 227 
HIS CD2 HD2  sing N N 228 
HIS CE1 NE2  sing Y N 229 
HIS CE1 HE1  sing N N 230 
HIS NE2 HE2  sing N N 231 
HIS OXT HXT  sing N N 232 
HOH O   H1   sing N N 233 
HOH O   H2   sing N N 234 
ILE N   CA   sing N N 235 
ILE N   H    sing N N 236 
ILE N   H2   sing N N 237 
ILE CA  C    sing N N 238 
ILE CA  CB   sing N N 239 
ILE CA  HA   sing N N 240 
ILE C   O    doub N N 241 
ILE C   OXT  sing N N 242 
ILE CB  CG1  sing N N 243 
ILE CB  CG2  sing N N 244 
ILE CB  HB   sing N N 245 
ILE CG1 CD1  sing N N 246 
ILE CG1 HG12 sing N N 247 
ILE CG1 HG13 sing N N 248 
ILE CG2 HG21 sing N N 249 
ILE CG2 HG22 sing N N 250 
ILE CG2 HG23 sing N N 251 
ILE CD1 HD11 sing N N 252 
ILE CD1 HD12 sing N N 253 
ILE CD1 HD13 sing N N 254 
ILE OXT HXT  sing N N 255 
LEU N   CA   sing N N 256 
LEU N   H    sing N N 257 
LEU N   H2   sing N N 258 
LEU CA  C    sing N N 259 
LEU CA  CB   sing N N 260 
LEU CA  HA   sing N N 261 
LEU C   O    doub N N 262 
LEU C   OXT  sing N N 263 
LEU CB  CG   sing N N 264 
LEU CB  HB2  sing N N 265 
LEU CB  HB3  sing N N 266 
LEU CG  CD1  sing N N 267 
LEU CG  CD2  sing N N 268 
LEU CG  HG   sing N N 269 
LEU CD1 HD11 sing N N 270 
LEU CD1 HD12 sing N N 271 
LEU CD1 HD13 sing N N 272 
LEU CD2 HD21 sing N N 273 
LEU CD2 HD22 sing N N 274 
LEU CD2 HD23 sing N N 275 
LEU OXT HXT  sing N N 276 
LYS N   CA   sing N N 277 
LYS N   H    sing N N 278 
LYS N   H2   sing N N 279 
LYS CA  C    sing N N 280 
LYS CA  CB   sing N N 281 
LYS CA  HA   sing N N 282 
LYS C   O    doub N N 283 
LYS C   OXT  sing N N 284 
LYS CB  CG   sing N N 285 
LYS CB  HB2  sing N N 286 
LYS CB  HB3  sing N N 287 
LYS CG  CD   sing N N 288 
LYS CG  HG2  sing N N 289 
LYS CG  HG3  sing N N 290 
LYS CD  CE   sing N N 291 
LYS CD  HD2  sing N N 292 
LYS CD  HD3  sing N N 293 
LYS CE  NZ   sing N N 294 
LYS CE  HE2  sing N N 295 
LYS CE  HE3  sing N N 296 
LYS NZ  HZ1  sing N N 297 
LYS NZ  HZ2  sing N N 298 
LYS NZ  HZ3  sing N N 299 
LYS OXT HXT  sing N N 300 
MET N   CA   sing N N 301 
MET N   H    sing N N 302 
MET N   H2   sing N N 303 
MET CA  C    sing N N 304 
MET CA  CB   sing N N 305 
MET CA  HA   sing N N 306 
MET C   O    doub N N 307 
MET C   OXT  sing N N 308 
MET CB  CG   sing N N 309 
MET CB  HB2  sing N N 310 
MET CB  HB3  sing N N 311 
MET CG  SD   sing N N 312 
MET CG  HG2  sing N N 313 
MET CG  HG3  sing N N 314 
MET SD  CE   sing N N 315 
MET CE  HE1  sing N N 316 
MET CE  HE2  sing N N 317 
MET CE  HE3  sing N N 318 
MET OXT HXT  sing N N 319 
PHE N   CA   sing N N 320 
PHE N   H    sing N N 321 
PHE N   H2   sing N N 322 
PHE CA  C    sing N N 323 
PHE CA  CB   sing N N 324 
PHE CA  HA   sing N N 325 
PHE C   O    doub N N 326 
PHE C   OXT  sing N N 327 
PHE CB  CG   sing N N 328 
PHE CB  HB2  sing N N 329 
PHE CB  HB3  sing N N 330 
PHE CG  CD1  doub Y N 331 
PHE CG  CD2  sing Y N 332 
PHE CD1 CE1  sing Y N 333 
PHE CD1 HD1  sing N N 334 
PHE CD2 CE2  doub Y N 335 
PHE CD2 HD2  sing N N 336 
PHE CE1 CZ   doub Y N 337 
PHE CE1 HE1  sing N N 338 
PHE CE2 CZ   sing Y N 339 
PHE CE2 HE2  sing N N 340 
PHE CZ  HZ   sing N N 341 
PHE OXT HXT  sing N N 342 
PRO N   CA   sing N N 343 
PRO N   CD   sing N N 344 
PRO N   H    sing N N 345 
PRO CA  C    sing N N 346 
PRO CA  CB   sing N N 347 
PRO CA  HA   sing N N 348 
PRO C   O    doub N N 349 
PRO C   OXT  sing N N 350 
PRO CB  CG   sing N N 351 
PRO CB  HB2  sing N N 352 
PRO CB  HB3  sing N N 353 
PRO CG  CD   sing N N 354 
PRO CG  HG2  sing N N 355 
PRO CG  HG3  sing N N 356 
PRO CD  HD2  sing N N 357 
PRO CD  HD3  sing N N 358 
PRO OXT HXT  sing N N 359 
SER N   CA   sing N N 360 
SER N   H    sing N N 361 
SER N   H2   sing N N 362 
SER CA  C    sing N N 363 
SER CA  CB   sing N N 364 
SER CA  HA   sing N N 365 
SER C   O    doub N N 366 
SER C   OXT  sing N N 367 
SER CB  OG   sing N N 368 
SER CB  HB2  sing N N 369 
SER CB  HB3  sing N N 370 
SER OG  HG   sing N N 371 
SER OXT HXT  sing N N 372 
THR N   CA   sing N N 373 
THR N   H    sing N N 374 
THR N   H2   sing N N 375 
THR CA  C    sing N N 376 
THR CA  CB   sing N N 377 
THR CA  HA   sing N N 378 
THR C   O    doub N N 379 
THR C   OXT  sing N N 380 
THR CB  OG1  sing N N 381 
THR CB  CG2  sing N N 382 
THR CB  HB   sing N N 383 
THR OG1 HG1  sing N N 384 
THR CG2 HG21 sing N N 385 
THR CG2 HG22 sing N N 386 
THR CG2 HG23 sing N N 387 
THR OXT HXT  sing N N 388 
TRP N   CA   sing N N 389 
TRP N   H    sing N N 390 
TRP N   H2   sing N N 391 
TRP CA  C    sing N N 392 
TRP CA  CB   sing N N 393 
TRP CA  HA   sing N N 394 
TRP C   O    doub N N 395 
TRP C   OXT  sing N N 396 
TRP CB  CG   sing N N 397 
TRP CB  HB2  sing N N 398 
TRP CB  HB3  sing N N 399 
TRP CG  CD1  doub Y N 400 
TRP CG  CD2  sing Y N 401 
TRP CD1 NE1  sing Y N 402 
TRP CD1 HD1  sing N N 403 
TRP CD2 CE2  doub Y N 404 
TRP CD2 CE3  sing Y N 405 
TRP NE1 CE2  sing Y N 406 
TRP NE1 HE1  sing N N 407 
TRP CE2 CZ2  sing Y N 408 
TRP CE3 CZ3  doub Y N 409 
TRP CE3 HE3  sing N N 410 
TRP CZ2 CH2  doub Y N 411 
TRP CZ2 HZ2  sing N N 412 
TRP CZ3 CH2  sing Y N 413 
TRP CZ3 HZ3  sing N N 414 
TRP CH2 HH2  sing N N 415 
TRP OXT HXT  sing N N 416 
TYR N   CA   sing N N 417 
TYR N   H    sing N N 418 
TYR N   H2   sing N N 419 
TYR CA  C    sing N N 420 
TYR CA  CB   sing N N 421 
TYR CA  HA   sing N N 422 
TYR C   O    doub N N 423 
TYR C   OXT  sing N N 424 
TYR CB  CG   sing N N 425 
TYR CB  HB2  sing N N 426 
TYR CB  HB3  sing N N 427 
TYR CG  CD1  doub Y N 428 
TYR CG  CD2  sing Y N 429 
TYR CD1 CE1  sing Y N 430 
TYR CD1 HD1  sing N N 431 
TYR CD2 CE2  doub Y N 432 
TYR CD2 HD2  sing N N 433 
TYR CE1 CZ   doub Y N 434 
TYR CE1 HE1  sing N N 435 
TYR CE2 CZ   sing Y N 436 
TYR CE2 HE2  sing N N 437 
TYR CZ  OH   sing N N 438 
TYR OH  HH   sing N N 439 
TYR OXT HXT  sing N N 440 
VAL N   CA   sing N N 441 
VAL N   H    sing N N 442 
VAL N   H2   sing N N 443 
VAL CA  C    sing N N 444 
VAL CA  CB   sing N N 445 
VAL CA  HA   sing N N 446 
VAL C   O    doub N N 447 
VAL C   OXT  sing N N 448 
VAL CB  CG1  sing N N 449 
VAL CB  CG2  sing N N 450 
VAL CB  HB   sing N N 451 
VAL CG1 HG11 sing N N 452 
VAL CG1 HG12 sing N N 453 
VAL CG1 HG13 sing N N 454 
VAL CG2 HG21 sing N N 455 
VAL CG2 HG22 sing N N 456 
VAL CG2 HG23 sing N N 457 
VAL OXT HXT  sing N N 458 
# 
loop_
_pdbx_entity_nonpoly.entity_id 
_pdbx_entity_nonpoly.name 
_pdbx_entity_nonpoly.comp_id 
2 'PROTOPORPHYRIN IX CONTAINING FE' HEM 
3 'CARBON MONOXIDE'                 CMO 
4 water                             HOH 
# 
_pdbx_initial_refinement_model.id               1 
_pdbx_initial_refinement_model.entity_id_list   ? 
_pdbx_initial_refinement_model.type             'experimental model' 
_pdbx_initial_refinement_model.source_name      PDB 
_pdbx_initial_refinement_model.accession_code   1Q1F 
_pdbx_initial_refinement_model.details          'PDB ENTRY 1Q1F' 
# 
